data_5OA2
#
_entry.id   5OA2
#
_cell.length_a   71.569
_cell.length_b   139.440
_cell.length_c   161.654
_cell.angle_alpha   90.00
_cell.angle_beta   90.00
_cell.angle_gamma   90.00
#
_symmetry.space_group_name_H-M   'P 21 21 21'
#
loop_
_entity.id
_entity.type
_entity.pdbx_description
1 polymer '1,3-beta-glucanosyltransferase GAS2'
2 branched beta-D-glucopyranose-(1-3)-beta-D-glucopyranose-(1-3)-beta-D-glucopyranose
3 non-polymer 1,2-ETHANEDIOL
4 non-polymer 'SULFATE ION'
5 non-polymer [4-[[1-[(2~{R},3~{R},4~{S},5~{R},6~{R})-6-(hydroxymethyl)-4-[(2~{S},3~{R},4~{S},5~{R},6~{R})-6-(hydroxymethyl)-4-[(2~{S},3~{R},4~{S},5~{S},6~{R})-6-(hydroxymethyl)-3,4,5-tris(oxidanyl)oxan-2-yl]oxy-3,5-bis(oxidanyl)oxan-2-yl]oxy-3,5-bis(oxidanyl)oxan-2-yl]-1,2,3-triazol-4-yl]methoxymethyl]phenyl]-oxidanyl-oxidanylidene-azanium
6 water water
#
_entity_poly.entity_id   1
_entity_poly.type   'polypeptide(L)'
_entity_poly.pdbx_seq_one_letter_code
;MNKKQNFYAAIIVAIFLCLQLSHGSSGVSFEKTPAIKIVGNKFFDSESGEQFFIKGIAYQLQRSEEELSNANGAFETSYI
DALADPKICLRDIPFLKMLGVNTLRVYAIDPTKSHDICMEALSAEGMYVLLDLSEPDISINRENPSWDVHIFERYKSVID
AMSSFPNLLGYFAGNEVTNDHTNTFASPFVKAAIRDAKEYISHSNHRKIPVGYSTNDDAMTRDNLARYFVCGDVKADFYG
INMYEWCGYSTYGTSGYRERTKEFEGYPIPVFFSEFGCNLVRPRPFTEVSALYGNKMSSVWSGGLAYMYFEEENEYGVVK
INDNDGVDILPDFKNLKKEFAKADPKGITEEEYLTAKEPTEVESVECPHIAVGVWEANEKLPETPDRSKCACLDEILPCE
IVPFGAESGKYEEYFSYLCSKVDCSDILANGKTGEYGEFSDCSVEQKLSLQLSKLYCKIGANDRHCPLNDKNVYFNLESL
QPLTSESICKNVFDSIRNITYNHGDYSKSNPSRSKESLNVKYPSSEERENDGTIAFKTSGFVILLISMIAAGILL
;
_entity_poly.pdbx_strand_id   A,B,C
#
# COMPACT_ATOMS: atom_id res chain seq x y z
N SER A 29 3.98 44.21 5.11
CA SER A 29 4.98 44.33 3.98
C SER A 29 5.33 42.95 3.40
N PHE A 30 5.46 42.91 2.08
CA PHE A 30 5.67 41.71 1.31
C PHE A 30 6.94 41.85 0.48
N GLU A 31 7.95 42.56 1.02
CA GLU A 31 9.20 42.88 0.32
CA GLU A 31 9.14 42.88 0.24
C GLU A 31 10.00 41.64 -0.07
N LYS A 32 9.98 40.63 0.81
CA LYS A 32 10.67 39.35 0.55
C LYS A 32 10.00 38.47 -0.52
N THR A 33 8.80 38.82 -0.95
CA THR A 33 8.12 38.14 -2.04
C THR A 33 7.58 39.16 -3.05
N PRO A 34 8.45 39.71 -3.90
CA PRO A 34 7.94 40.52 -5.00
C PRO A 34 7.09 39.66 -5.94
N ALA A 35 6.12 40.28 -6.62
CA ALA A 35 5.26 39.56 -7.56
C ALA A 35 6.10 38.83 -8.60
N ILE A 36 5.73 37.59 -8.89
CA ILE A 36 6.32 36.85 -9.98
C ILE A 36 5.49 37.14 -11.23
N LYS A 37 6.16 37.28 -12.37
CA LYS A 37 5.46 37.50 -13.64
C LYS A 37 5.91 36.50 -14.70
N ILE A 38 5.09 36.37 -15.72
CA ILE A 38 5.35 35.44 -16.80
C ILE A 38 5.83 36.24 -17.99
N VAL A 39 6.93 35.76 -18.57
CA VAL A 39 7.39 36.25 -19.87
C VAL A 39 7.68 35.01 -20.70
N GLY A 40 7.04 34.89 -21.86
CA GLY A 40 7.20 33.71 -22.70
C GLY A 40 6.82 32.45 -21.92
N ASN A 41 7.73 31.51 -21.78
CA ASN A 41 7.43 30.25 -21.09
C ASN A 41 8.22 30.06 -19.80
N LYS A 42 8.45 31.17 -19.10
CA LYS A 42 9.24 31.21 -17.88
C LYS A 42 8.63 32.20 -16.88
N PHE A 43 8.83 31.92 -15.59
CA PHE A 43 8.47 32.83 -14.51
C PHE A 43 9.67 33.73 -14.19
N PHE A 44 9.43 34.98 -13.83
CA PHE A 44 10.50 35.92 -13.44
C PHE A 44 10.10 36.75 -12.24
N ASP A 45 11.01 36.88 -11.27
CA ASP A 45 10.89 37.84 -10.18
C ASP A 45 10.84 39.24 -10.80
N SER A 46 9.74 39.96 -10.59
CA SER A 46 9.50 41.22 -11.27
C SER A 46 10.45 42.36 -10.85
N GLU A 47 11.06 42.23 -9.67
CA GLU A 47 12.02 43.23 -9.16
C GLU A 47 13.50 42.89 -9.38
N SER A 48 13.88 41.63 -9.20
CA SER A 48 15.27 41.19 -9.44
C SER A 48 15.59 40.82 -10.89
N GLY A 49 14.57 40.51 -11.70
CA GLY A 49 14.78 39.99 -13.06
C GLY A 49 15.26 38.54 -13.19
N GLU A 50 15.42 37.85 -12.06
CA GLU A 50 15.93 36.47 -12.06
C GLU A 50 14.78 35.50 -12.36
N GLN A 51 15.05 34.46 -13.14
CA GLN A 51 14.07 33.40 -13.39
C GLN A 51 13.66 32.75 -12.07
N PHE A 52 12.36 32.52 -11.90
CA PHE A 52 11.79 31.91 -10.70
C PHE A 52 11.53 30.44 -10.99
N PHE A 53 12.06 29.56 -10.13
CA PHE A 53 11.81 28.11 -10.17
C PHE A 53 11.03 27.69 -8.93
N ILE A 54 9.95 26.94 -9.13
CA ILE A 54 9.10 26.48 -8.03
C ILE A 54 9.80 25.32 -7.32
N LYS A 55 10.04 25.50 -6.02
CA LYS A 55 10.39 24.41 -5.12
C LYS A 55 9.28 24.36 -4.10
N GLY A 56 8.27 23.52 -4.37
CA GLY A 56 7.04 23.56 -3.63
C GLY A 56 6.62 22.31 -2.91
N ILE A 57 5.53 22.45 -2.18
CA ILE A 57 4.83 21.34 -1.58
C ILE A 57 3.35 21.68 -1.48
N ALA A 58 2.49 20.67 -1.68
CA ALA A 58 1.07 20.82 -1.48
C ALA A 58 0.77 20.94 0.02
N TYR A 59 -0.13 21.86 0.36
CA TYR A 59 -0.45 22.17 1.75
C TYR A 59 -1.97 22.32 1.87
N GLN A 60 -2.61 21.24 2.33
CA GLN A 60 -4.08 21.11 2.41
C GLN A 60 -4.46 20.08 3.46
N LEU A 61 -5.25 20.51 4.42
CA LEU A 61 -5.68 19.70 5.54
C LEU A 61 -7.01 19.14 5.05
N GLN A 62 -7.27 17.85 5.23
CA GLN A 62 -8.50 17.23 4.71
C GLN A 62 -9.56 17.05 5.80
N THR A 77 -18.20 25.15 5.29
CA THR A 77 -16.90 24.75 4.73
C THR A 77 -16.91 23.29 4.19
N SER A 78 -16.54 22.28 5.01
CA SER A 78 -16.22 20.88 4.54
C SER A 78 -14.96 20.71 3.64
N TYR A 79 -14.12 21.74 3.71
CA TYR A 79 -12.68 21.64 3.47
C TYR A 79 -12.17 22.39 4.69
N ILE A 80 -10.89 22.29 4.99
CA ILE A 80 -10.31 23.11 6.06
C ILE A 80 -9.37 24.10 5.39
N ASP A 81 -9.48 25.35 5.81
CA ASP A 81 -8.67 26.45 5.28
C ASP A 81 -7.63 26.82 6.33
N ALA A 82 -6.52 26.09 6.33
CA ALA A 82 -5.41 26.40 7.27
C ALA A 82 -4.84 27.79 7.12
N LEU A 83 -4.86 28.37 5.92
CA LEU A 83 -4.39 29.75 5.71
C LEU A 83 -5.35 30.84 6.24
N ALA A 84 -6.51 30.43 6.74
CA ALA A 84 -7.42 31.28 7.51
C ALA A 84 -7.34 31.04 9.03
N ASP A 85 -6.41 30.19 9.47
CA ASP A 85 -6.30 29.84 10.88
C ASP A 85 -4.84 29.98 11.36
N PRO A 86 -4.49 31.16 11.92
CA PRO A 86 -3.12 31.46 12.36
C PRO A 86 -2.44 30.36 13.18
N LYS A 87 -3.14 29.74 14.12
CA LYS A 87 -2.53 28.68 14.93
C LYS A 87 -2.05 27.48 14.12
N ILE A 88 -2.71 27.20 12.99
CA ILE A 88 -2.30 26.09 12.13
C ILE A 88 -1.14 26.51 11.24
N CYS A 89 -1.29 27.61 10.51
CA CYS A 89 -0.27 28.02 9.56
C CYS A 89 1.05 28.44 10.24
N LEU A 90 0.96 29.12 11.39
CA LEU A 90 2.16 29.55 12.15
C LEU A 90 2.90 28.38 12.82
N ARG A 91 2.19 27.31 13.11
CA ARG A 91 2.82 26.04 13.49
C ARG A 91 3.60 25.48 12.31
N ASP A 92 2.99 25.41 11.14
CA ASP A 92 3.58 24.68 10.01
C ASP A 92 4.68 25.43 9.26
N ILE A 93 4.60 26.76 9.18
CA ILE A 93 5.57 27.55 8.38
C ILE A 93 7.04 27.34 8.77
N PRO A 94 7.35 27.28 10.08
CA PRO A 94 8.73 26.92 10.46
C PRO A 94 9.21 25.55 9.96
N PHE A 95 8.30 24.58 9.89
CA PHE A 95 8.62 23.30 9.27
C PHE A 95 8.76 23.42 7.75
N LEU A 96 7.90 24.22 7.12
CA LEU A 96 8.03 24.50 5.69
C LEU A 96 9.36 25.21 5.36
N LYS A 97 9.79 26.11 6.24
CA LYS A 97 11.06 26.84 6.10
C LYS A 97 12.26 25.91 6.12
N MET A 98 12.31 25.02 7.10
CA MET A 98 13.33 23.97 7.19
C MET A 98 13.39 23.10 5.95
N LEU A 99 12.21 22.74 5.44
CA LEU A 99 12.08 21.94 4.22
C LEU A 99 12.73 22.62 3.01
N GLY A 100 12.68 23.95 2.98
CA GLY A 100 13.35 24.74 1.95
C GLY A 100 12.46 25.03 0.74
N VAL A 101 11.15 25.08 0.95
CA VAL A 101 10.22 25.40 -0.13
C VAL A 101 10.06 26.91 -0.28
N ASN A 102 9.79 27.36 -1.51
CA ASN A 102 9.37 28.75 -1.79
C ASN A 102 7.90 28.88 -2.25
N THR A 103 7.18 27.76 -2.38
CA THR A 103 5.80 27.78 -2.92
C THR A 103 4.95 26.70 -2.25
N LEU A 104 3.71 27.04 -1.95
CA LEU A 104 2.72 26.07 -1.49
C LEU A 104 1.68 25.94 -2.57
N ARG A 105 1.14 24.73 -2.73
CA ARG A 105 -0.12 24.55 -3.45
C ARG A 105 -1.26 24.32 -2.47
N VAL A 106 -2.27 25.17 -2.55
CA VAL A 106 -3.46 25.09 -1.72
C VAL A 106 -4.62 24.80 -2.65
N TYR A 107 -5.46 23.82 -2.29
CA TYR A 107 -6.57 23.36 -3.13
C TYR A 107 -7.90 24.05 -2.82
N ALA A 108 -8.06 24.59 -1.62
CA ALA A 108 -9.31 25.24 -1.24
C ALA A 108 -9.14 26.23 -0.10
N ILE A 109 -9.56 27.49 -0.35
CA ILE A 109 -9.70 28.49 0.72
C ILE A 109 -11.16 28.90 0.88
N ASP A 110 -11.48 29.41 2.06
CA ASP A 110 -12.79 29.92 2.39
C ASP A 110 -12.70 31.43 2.19
N PRO A 111 -13.30 31.94 1.10
CA PRO A 111 -13.20 33.35 0.79
C PRO A 111 -13.91 34.29 1.78
N THR A 112 -14.82 33.78 2.61
CA THR A 112 -15.47 34.61 3.66
C THR A 112 -14.55 34.95 4.84
N LYS A 113 -13.37 34.34 4.89
CA LYS A 113 -12.43 34.55 5.98
C LYS A 113 -11.20 35.33 5.55
N SER A 114 -10.54 35.95 6.53
CA SER A 114 -9.31 36.70 6.34
C SER A 114 -8.11 35.76 6.16
N HIS A 115 -7.16 36.17 5.32
CA HIS A 115 -5.93 35.40 5.08
C HIS A 115 -4.65 36.20 5.23
N ASP A 116 -4.74 37.46 5.66
CA ASP A 116 -3.53 38.31 5.67
C ASP A 116 -2.47 37.86 6.68
N ILE A 117 -2.88 37.32 7.82
CA ILE A 117 -1.90 36.86 8.81
C ILE A 117 -1.03 35.74 8.23
N CYS A 118 -1.67 34.67 7.74
CA CYS A 118 -0.92 33.55 7.16
C CYS A 118 -0.15 33.94 5.89
N MET A 119 -0.77 34.76 5.04
CA MET A 119 -0.13 35.21 3.80
C MET A 119 1.07 36.14 4.08
N GLU A 120 0.98 36.99 5.10
CA GLU A 120 2.15 37.80 5.53
C GLU A 120 3.23 36.91 6.15
N ALA A 121 2.84 35.99 7.01
CA ALA A 121 3.82 35.04 7.59
C ALA A 121 4.55 34.23 6.51
N LEU A 122 3.83 33.81 5.47
CA LEU A 122 4.45 33.14 4.32
C LEU A 122 5.39 34.05 3.55
N SER A 123 4.97 35.30 3.33
CA SER A 123 5.85 36.26 2.65
C SER A 123 7.16 36.48 3.40
N ALA A 124 7.08 36.54 4.74
CA ALA A 124 8.27 36.75 5.58
C ALA A 124 9.35 35.70 5.35
N GLU A 125 8.97 34.49 4.94
CA GLU A 125 9.92 33.42 4.67
C GLU A 125 10.10 33.16 3.16
N GLY A 126 9.82 34.15 2.33
CA GLY A 126 9.97 34.00 0.88
C GLY A 126 9.04 33.01 0.19
N MET A 127 7.85 32.76 0.75
CA MET A 127 6.96 31.72 0.21
C MET A 127 5.78 32.29 -0.55
N TYR A 128 5.44 31.63 -1.66
CA TYR A 128 4.36 32.00 -2.56
C TYR A 128 3.25 30.94 -2.52
N VAL A 129 2.10 31.26 -3.11
CA VAL A 129 0.95 30.35 -3.12
C VAL A 129 0.39 30.19 -4.54
N LEU A 130 0.28 28.93 -4.96
CA LEU A 130 -0.57 28.55 -6.09
C LEU A 130 -1.91 28.09 -5.54
N LEU A 131 -2.99 28.65 -6.05
CA LEU A 131 -4.32 28.45 -5.45
C LEU A 131 -5.38 27.95 -6.43
N ASP A 132 -5.99 26.79 -6.15
CA ASP A 132 -7.17 26.37 -6.92
C ASP A 132 -8.37 27.26 -6.58
N LEU A 133 -9.18 27.61 -7.58
CA LEU A 133 -10.36 28.48 -7.38
C LEU A 133 -11.61 27.74 -6.93
N SER A 134 -11.66 26.44 -7.22
CA SER A 134 -12.80 25.60 -6.83
C SER A 134 -12.72 25.12 -5.38
N GLU A 135 -13.78 24.47 -4.94
CA GLU A 135 -13.79 23.65 -3.71
C GLU A 135 -14.48 22.31 -4.03
N PRO A 136 -14.36 21.29 -3.14
CA PRO A 136 -14.90 19.96 -3.44
C PRO A 136 -16.36 19.93 -3.94
N ASP A 137 -17.23 20.77 -3.36
CA ASP A 137 -18.65 20.84 -3.70
C ASP A 137 -19.04 21.87 -4.77
N ILE A 138 -18.10 22.73 -5.19
CA ILE A 138 -18.33 23.72 -6.24
C ILE A 138 -17.15 23.62 -7.22
N SER A 139 -17.33 22.73 -8.20
CA SER A 139 -16.31 22.40 -9.20
CA SER A 139 -16.31 22.41 -9.20
C SER A 139 -17.00 22.05 -10.51
N ILE A 140 -16.29 22.17 -11.61
CA ILE A 140 -16.77 21.63 -12.88
C ILE A 140 -16.77 20.10 -12.70
N ASN A 141 -17.95 19.50 -12.79
CA ASN A 141 -18.13 18.04 -12.72
C ASN A 141 -17.73 17.39 -14.04
N ARG A 142 -16.70 16.55 -14.02
CA ARG A 142 -16.20 15.94 -15.26
C ARG A 142 -17.21 15.00 -15.94
N GLU A 143 -18.15 14.44 -15.18
CA GLU A 143 -19.14 13.52 -15.74
C GLU A 143 -20.37 14.22 -16.30
N ASN A 144 -20.68 15.41 -15.78
CA ASN A 144 -21.79 16.23 -16.26
C ASN A 144 -21.34 17.70 -16.29
N PRO A 145 -20.46 18.06 -17.23
CA PRO A 145 -19.82 19.37 -17.11
C PRO A 145 -20.76 20.55 -17.38
N SER A 146 -20.51 21.61 -16.63
CA SER A 146 -21.27 22.84 -16.71
CA SER A 146 -21.24 22.86 -16.79
C SER A 146 -20.34 24.00 -16.37
N TRP A 147 -20.62 25.16 -16.93
CA TRP A 147 -19.94 26.37 -16.54
C TRP A 147 -21.06 27.38 -16.31
N ASP A 148 -21.33 27.63 -15.02
CA ASP A 148 -22.58 28.25 -14.62
C ASP A 148 -22.37 29.31 -13.55
N VAL A 149 -23.45 30.01 -13.22
CA VAL A 149 -23.40 31.14 -12.27
C VAL A 149 -22.85 30.76 -10.90
N HIS A 150 -23.22 29.58 -10.42
CA HIS A 150 -22.81 29.09 -9.09
C HIS A 150 -21.30 28.89 -9.01
N ILE A 151 -20.72 28.23 -10.01
CA ILE A 151 -19.27 27.97 -10.03
C ILE A 151 -18.51 29.28 -10.28
N PHE A 152 -18.99 30.10 -11.22
CA PHE A 152 -18.36 31.37 -11.54
C PHE A 152 -18.34 32.29 -10.32
N GLU A 153 -19.43 32.32 -9.56
CA GLU A 153 -19.46 33.11 -8.32
C GLU A 153 -18.44 32.63 -7.27
N ARG A 154 -18.24 31.32 -7.15
CA ARG A 154 -17.19 30.77 -6.28
C ARG A 154 -15.80 31.28 -6.72
N TYR A 155 -15.53 31.20 -8.01
CA TYR A 155 -14.25 31.63 -8.57
C TYR A 155 -13.99 33.11 -8.28
N LYS A 156 -15.00 33.95 -8.53
CA LYS A 156 -14.91 35.39 -8.27
C LYS A 156 -14.63 35.70 -6.81
N SER A 157 -15.33 35.01 -5.91
CA SER A 157 -15.16 35.23 -4.47
CA SER A 157 -15.16 35.25 -4.48
C SER A 157 -13.73 34.91 -4.04
N VAL A 158 -13.19 33.82 -4.58
CA VAL A 158 -11.80 33.44 -4.27
C VAL A 158 -10.83 34.49 -4.81
N ILE A 159 -11.06 34.93 -6.04
CA ILE A 159 -10.26 36.00 -6.65
C ILE A 159 -10.34 37.29 -5.82
N ASP A 160 -11.53 37.62 -5.34
CA ASP A 160 -11.70 38.81 -4.48
C ASP A 160 -11.00 38.69 -3.13
N ALA A 161 -11.00 37.49 -2.56
CA ALA A 161 -10.37 37.24 -1.26
C ALA A 161 -8.84 37.29 -1.30
N MET A 162 -8.23 36.93 -2.44
CA MET A 162 -6.79 36.61 -2.47
C MET A 162 -5.90 37.44 -3.41
N SER A 163 -6.49 38.30 -4.24
CA SER A 163 -5.72 38.96 -5.29
C SER A 163 -4.81 40.11 -4.85
N SER A 164 -5.04 40.64 -3.64
CA SER A 164 -4.20 41.75 -3.14
C SER A 164 -2.83 41.29 -2.60
N PHE A 165 -2.63 39.97 -2.45
CA PHE A 165 -1.38 39.43 -1.94
C PHE A 165 -0.36 39.27 -3.08
N PRO A 166 0.76 40.03 -3.02
CA PRO A 166 1.82 39.90 -4.03
C PRO A 166 2.46 38.50 -4.12
N ASN A 167 2.41 37.72 -3.03
CA ASN A 167 2.90 36.33 -3.05
C ASN A 167 1.87 35.27 -3.53
N LEU A 168 0.73 35.70 -4.07
CA LEU A 168 -0.19 34.81 -4.80
C LEU A 168 0.41 34.62 -6.20
N LEU A 169 1.04 33.47 -6.42
CA LEU A 169 1.73 33.18 -7.68
C LEU A 169 0.77 33.02 -8.86
N GLY A 170 -0.30 32.27 -8.65
CA GLY A 170 -1.21 31.95 -9.74
C GLY A 170 -2.42 31.18 -9.26
N TYR A 171 -3.46 31.22 -10.08
CA TYR A 171 -4.71 30.52 -9.81
C TYR A 171 -4.86 29.34 -10.77
N PHE A 172 -5.33 28.21 -10.27
CA PHE A 172 -5.76 27.10 -11.12
C PHE A 172 -7.25 27.20 -11.34
N ALA A 173 -7.67 27.31 -12.61
CA ALA A 173 -9.09 27.29 -12.96
C ALA A 173 -9.68 25.87 -13.03
N GLY A 174 -8.80 24.87 -12.90
CA GLY A 174 -9.22 23.48 -13.00
C GLY A 174 -8.12 22.55 -12.56
N ASN A 175 -8.52 21.39 -12.02
CA ASN A 175 -7.59 20.34 -11.59
C ASN A 175 -8.12 19.00 -12.05
N GLU A 176 -7.48 18.40 -13.07
CA GLU A 176 -7.82 17.06 -13.55
C GLU A 176 -9.31 16.91 -13.82
N VAL A 177 -9.88 17.85 -14.57
CA VAL A 177 -11.30 17.77 -14.90
C VAL A 177 -11.43 16.65 -15.94
N THR A 178 -11.04 16.88 -17.19
CA THR A 178 -10.81 15.78 -18.10
C THR A 178 -9.65 14.93 -17.51
N ASN A 179 -9.89 13.63 -17.31
CA ASN A 179 -8.83 12.71 -16.85
C ASN A 179 -8.58 11.45 -17.72
N ASP A 180 -9.42 11.22 -18.73
CA ASP A 180 -9.21 10.14 -19.69
C ASP A 180 -9.99 10.42 -20.98
N HIS A 181 -9.99 9.46 -21.90
CA HIS A 181 -10.61 9.64 -23.22
C HIS A 181 -12.15 9.70 -23.23
N THR A 182 -12.81 9.33 -22.13
CA THR A 182 -14.28 9.38 -22.07
C THR A 182 -14.86 10.72 -21.55
N ASN A 183 -14.03 11.70 -21.20
CA ASN A 183 -14.55 12.96 -20.65
C ASN A 183 -13.77 14.20 -21.08
N THR A 184 -13.26 14.15 -22.31
CA THR A 184 -12.50 15.25 -22.88
C THR A 184 -13.40 16.46 -23.21
N PHE A 185 -14.70 16.18 -23.41
CA PHE A 185 -15.75 17.21 -23.57
C PHE A 185 -15.98 18.11 -22.35
N ALA A 186 -15.36 17.78 -21.22
CA ALA A 186 -15.34 18.66 -20.06
C ALA A 186 -14.41 19.86 -20.24
N SER A 187 -13.39 19.73 -21.10
CA SER A 187 -12.32 20.71 -21.18
C SER A 187 -12.71 22.09 -21.77
N PRO A 188 -13.71 22.14 -22.68
CA PRO A 188 -14.23 23.46 -23.09
C PRO A 188 -14.83 24.26 -21.94
N PHE A 189 -15.39 23.57 -20.95
CA PHE A 189 -15.95 24.24 -19.77
C PHE A 189 -14.83 24.86 -18.93
N VAL A 190 -13.68 24.17 -18.88
CA VAL A 190 -12.51 24.69 -18.17
C VAL A 190 -11.89 25.87 -18.91
N LYS A 191 -11.84 25.79 -20.24
CA LYS A 191 -11.30 26.91 -21.03
C LYS A 191 -12.14 28.16 -20.83
N ALA A 192 -13.46 27.98 -20.78
CA ALA A 192 -14.38 29.08 -20.52
C ALA A 192 -14.13 29.68 -19.15
N ALA A 193 -13.82 28.83 -18.17
CA ALA A 193 -13.51 29.28 -16.82
C ALA A 193 -12.22 30.08 -16.77
N ILE A 194 -11.20 29.63 -17.50
CA ILE A 194 -9.94 30.39 -17.61
C ILE A 194 -10.18 31.78 -18.19
N ARG A 195 -10.89 31.80 -19.33
CA ARG A 195 -11.27 33.05 -20.01
C ARG A 195 -11.99 34.00 -19.06
N ASP A 196 -13.06 33.52 -18.43
CA ASP A 196 -13.89 34.36 -17.56
C ASP A 196 -13.17 34.79 -16.29
N ALA A 197 -12.34 33.91 -15.73
CA ALA A 197 -11.50 34.25 -14.58
C ALA A 197 -10.49 35.35 -14.94
N LYS A 198 -9.83 35.19 -16.09
CA LYS A 198 -8.89 36.21 -16.60
C LYS A 198 -9.58 37.55 -16.90
N GLU A 199 -10.76 37.48 -17.51
CA GLU A 199 -11.63 38.65 -17.78
C GLU A 199 -11.91 39.41 -16.49
N TYR A 200 -12.43 38.69 -15.51
CA TYR A 200 -12.78 39.28 -14.21
C TYR A 200 -11.56 39.88 -13.49
N ILE A 201 -10.43 39.19 -13.54
CA ILE A 201 -9.18 39.76 -13.01
C ILE A 201 -8.77 41.00 -13.82
N SER A 202 -8.91 40.93 -15.15
CA SER A 202 -8.53 42.02 -16.06
C SER A 202 -9.34 43.27 -15.77
N HIS A 203 -10.66 43.15 -15.85
CA HIS A 203 -11.57 44.27 -15.58
C HIS A 203 -11.78 44.43 -14.07
N SER A 204 -10.68 44.62 -13.34
CA SER A 204 -10.70 44.86 -11.91
C SER A 204 -9.45 45.63 -11.47
N ASN A 205 -9.39 45.98 -10.19
CA ASN A 205 -8.30 46.81 -9.64
C ASN A 205 -7.04 46.01 -9.33
N HIS A 206 -7.09 44.69 -9.48
CA HIS A 206 -6.02 43.83 -9.03
C HIS A 206 -4.88 43.74 -10.03
N ARG A 207 -3.70 43.42 -9.50
CA ARG A 207 -2.59 42.87 -10.26
C ARG A 207 -3.09 41.71 -11.12
N LYS A 208 -2.58 41.60 -12.36
CA LYS A 208 -3.07 40.60 -13.31
C LYS A 208 -2.44 39.24 -13.01
N ILE A 209 -2.98 38.59 -11.99
CA ILE A 209 -2.49 37.31 -11.52
C ILE A 209 -2.77 36.27 -12.60
N PRO A 210 -1.74 35.48 -12.97
CA PRO A 210 -1.97 34.50 -14.02
C PRO A 210 -2.96 33.39 -13.61
N VAL A 211 -3.66 32.85 -14.59
CA VAL A 211 -4.66 31.79 -14.39
C VAL A 211 -4.29 30.61 -15.29
N GLY A 212 -4.08 29.44 -14.67
CA GLY A 212 -3.65 28.26 -15.41
C GLY A 212 -4.49 27.02 -15.13
N TYR A 213 -3.91 25.87 -15.45
CA TYR A 213 -4.61 24.60 -15.35
C TYR A 213 -3.65 23.54 -14.81
N SER A 214 -4.21 22.59 -14.08
CA SER A 214 -3.48 21.46 -13.54
C SER A 214 -4.09 20.18 -14.13
N THR A 215 -3.25 19.30 -14.69
CA THR A 215 -3.72 18.11 -15.41
C THR A 215 -3.11 16.82 -14.84
N ASN A 216 -3.72 15.69 -15.19
CA ASN A 216 -3.20 14.37 -14.82
C ASN A 216 -2.19 13.86 -15.86
N ASP A 217 -1.94 12.56 -15.90
CA ASP A 217 -0.90 12.02 -16.78
C ASP A 217 -1.37 10.75 -17.52
N ASP A 218 -2.54 10.85 -18.14
CA ASP A 218 -3.10 9.75 -18.93
C ASP A 218 -2.52 9.86 -20.36
N ALA A 219 -1.80 8.83 -20.82
CA ALA A 219 -1.07 8.91 -22.09
C ALA A 219 -1.92 9.18 -23.33
N MET A 220 -3.13 8.65 -23.38
CA MET A 220 -3.99 8.89 -24.54
C MET A 220 -4.50 10.33 -24.66
N THR A 221 -4.64 11.05 -23.53
CA THR A 221 -5.15 12.43 -23.56
C THR A 221 -4.12 13.54 -23.35
N ARG A 222 -2.91 13.22 -22.90
CA ARG A 222 -2.01 14.27 -22.40
C ARG A 222 -1.49 15.26 -23.46
N ASP A 223 -1.18 14.78 -24.66
CA ASP A 223 -0.77 15.68 -25.75
C ASP A 223 -1.88 16.61 -26.21
N ASN A 224 -3.05 16.02 -26.45
CA ASN A 224 -4.23 16.78 -26.81
C ASN A 224 -4.63 17.83 -25.77
N LEU A 225 -4.58 17.46 -24.49
CA LEU A 225 -4.83 18.43 -23.40
C LEU A 225 -3.84 19.57 -23.40
N ALA A 226 -2.56 19.25 -23.51
CA ALA A 226 -1.52 20.28 -23.57
C ALA A 226 -1.75 21.26 -24.72
N ARG A 227 -2.09 20.71 -25.90
CA ARG A 227 -2.32 21.54 -27.08
C ARG A 227 -3.61 22.35 -26.94
N TYR A 228 -4.68 21.70 -26.47
CA TYR A 228 -5.98 22.36 -26.32
C TYR A 228 -5.94 23.60 -25.44
N PHE A 229 -5.14 23.57 -24.37
CA PHE A 229 -5.06 24.68 -23.43
C PHE A 229 -4.18 25.84 -23.85
N VAL A 230 -3.49 25.71 -24.98
CA VAL A 230 -2.80 26.84 -25.64
C VAL A 230 -3.35 27.16 -27.05
N CYS A 231 -4.45 26.53 -27.45
CA CYS A 231 -5.02 26.68 -28.81
C CYS A 231 -6.11 27.75 -28.86
N GLY A 232 -6.38 28.24 -30.07
CA GLY A 232 -7.43 29.22 -30.31
C GLY A 232 -7.19 30.55 -29.65
N ASP A 233 -8.28 31.23 -29.31
CA ASP A 233 -8.21 32.57 -28.72
C ASP A 233 -8.05 32.56 -27.19
N VAL A 234 -8.43 31.46 -26.53
CA VAL A 234 -8.29 31.36 -25.06
C VAL A 234 -7.16 30.40 -24.69
N LYS A 235 -6.25 30.88 -23.85
CA LYS A 235 -5.08 30.14 -23.45
C LYS A 235 -4.93 30.19 -21.93
N ALA A 236 -4.59 29.04 -21.34
CA ALA A 236 -4.06 29.01 -19.98
C ALA A 236 -2.79 29.87 -19.94
N ASP A 237 -2.50 30.49 -18.79
CA ASP A 237 -1.27 31.27 -18.61
C ASP A 237 -0.08 30.40 -18.19
N PHE A 238 -0.37 29.28 -17.51
CA PHE A 238 0.65 28.29 -17.16
C PHE A 238 0.01 26.90 -17.07
N TYR A 239 0.83 25.87 -16.91
CA TYR A 239 0.35 24.49 -17.04
C TYR A 239 1.13 23.56 -16.11
N GLY A 240 0.44 23.03 -15.10
CA GLY A 240 1.03 22.06 -14.16
C GLY A 240 0.61 20.65 -14.50
N ILE A 241 1.51 19.68 -14.36
CA ILE A 241 1.17 18.25 -14.51
C ILE A 241 1.36 17.58 -13.16
N ASN A 242 0.39 16.78 -12.77
CA ASN A 242 0.48 15.93 -11.59
C ASN A 242 1.27 14.69 -12.00
N MET A 243 2.55 14.69 -11.67
CA MET A 243 3.53 13.85 -12.35
C MET A 243 4.05 12.84 -11.35
N TYR A 244 3.63 11.59 -11.50
CA TYR A 244 4.05 10.50 -10.60
C TYR A 244 4.81 9.36 -11.33
N GLU A 245 5.39 9.67 -12.49
CA GLU A 245 6.09 8.68 -13.32
C GLU A 245 7.39 8.13 -12.73
N TRP A 246 8.07 8.93 -11.92
CA TRP A 246 9.32 8.54 -11.27
C TRP A 246 9.03 7.92 -9.92
N CYS A 247 9.22 6.60 -9.81
CA CYS A 247 8.91 5.87 -8.58
C CYS A 247 10.18 5.24 -8.03
N GLY A 248 10.47 5.49 -6.76
CA GLY A 248 11.65 4.95 -6.11
C GLY A 248 12.95 5.41 -6.74
N TYR A 249 13.89 4.49 -6.85
CA TYR A 249 15.23 4.80 -7.37
C TYR A 249 15.21 4.65 -8.90
N SER A 250 14.50 5.58 -9.58
CA SER A 250 14.38 5.53 -11.05
C SER A 250 15.50 6.36 -11.68
N THR A 251 15.42 6.56 -13.00
CA THR A 251 16.32 7.46 -13.69
C THR A 251 15.57 8.34 -14.68
N TYR A 252 16.25 9.39 -15.12
CA TYR A 252 15.79 10.31 -16.14
C TYR A 252 15.36 9.58 -17.42
N GLY A 253 16.16 8.58 -17.81
CA GLY A 253 15.97 7.85 -19.05
C GLY A 253 14.98 6.70 -18.98
N THR A 254 14.75 6.15 -17.78
CA THR A 254 13.80 5.06 -17.61
C THR A 254 12.46 5.49 -17.03
N SER A 255 12.40 6.66 -16.39
CA SER A 255 11.17 7.10 -15.72
C SER A 255 10.07 7.55 -16.67
N GLY A 256 10.46 8.02 -17.85
CA GLY A 256 9.58 8.78 -18.72
C GLY A 256 9.89 10.27 -18.72
N TYR A 257 10.66 10.75 -17.73
CA TYR A 257 10.97 12.19 -17.62
C TYR A 257 11.65 12.77 -18.86
N ARG A 258 12.56 12.01 -19.49
CA ARG A 258 13.21 12.49 -20.69
C ARG A 258 12.23 12.71 -21.82
N GLU A 259 11.40 11.71 -22.08
CA GLU A 259 10.33 11.82 -23.08
C GLU A 259 9.38 13.00 -22.78
N ARG A 260 8.92 13.14 -21.53
CA ARG A 260 8.08 14.31 -21.15
C ARG A 260 8.76 15.62 -21.45
N THR A 261 10.05 15.70 -21.12
CA THR A 261 10.85 16.92 -21.29
C THR A 261 10.97 17.28 -22.76
N LYS A 262 11.21 16.26 -23.59
CA LYS A 262 11.30 16.47 -25.04
C LYS A 262 9.96 16.89 -25.62
N GLU A 263 8.85 16.33 -25.16
CA GLU A 263 7.55 16.74 -25.71
C GLU A 263 7.02 18.12 -25.24
N PHE A 264 7.51 18.62 -24.10
CA PHE A 264 7.14 19.97 -23.64
C PHE A 264 8.17 21.07 -24.01
N GLU A 265 9.29 20.67 -24.62
CA GLU A 265 10.28 21.64 -25.07
C GLU A 265 9.68 22.59 -26.14
N GLY A 266 9.84 23.89 -25.92
CA GLY A 266 9.20 24.90 -26.78
C GLY A 266 7.72 25.17 -26.52
N TYR A 267 7.11 24.51 -25.55
CA TYR A 267 5.71 24.77 -25.21
C TYR A 267 5.62 26.24 -24.80
N PRO A 268 4.57 26.96 -25.27
CA PRO A 268 4.61 28.44 -25.17
C PRO A 268 4.38 29.09 -23.80
N ILE A 269 3.99 28.32 -22.78
CA ILE A 269 3.70 28.88 -21.47
C ILE A 269 4.50 28.12 -20.41
N PRO A 270 4.73 28.74 -19.24
CA PRO A 270 5.46 28.00 -18.21
C PRO A 270 4.80 26.66 -17.88
N VAL A 271 5.61 25.64 -17.68
CA VAL A 271 5.13 24.30 -17.40
C VAL A 271 5.94 23.76 -16.22
N PHE A 272 5.27 23.03 -15.33
CA PHE A 272 5.90 22.51 -14.13
C PHE A 272 5.12 21.32 -13.59
N PHE A 273 5.69 20.69 -12.56
CA PHE A 273 5.04 19.58 -11.89
C PHE A 273 4.19 20.12 -10.77
N SER A 274 2.88 20.21 -11.00
CA SER A 274 1.94 20.66 -9.97
C SER A 274 1.85 19.68 -8.78
N GLU A 275 2.21 18.41 -9.00
CA GLU A 275 2.42 17.42 -7.94
C GLU A 275 3.52 16.47 -8.38
N PHE A 276 4.25 15.90 -7.40
CA PHE A 276 5.15 14.77 -7.63
C PHE A 276 5.45 14.08 -6.29
N GLY A 277 5.95 12.86 -6.36
CA GLY A 277 6.34 12.08 -5.17
C GLY A 277 5.61 10.76 -5.10
N CYS A 278 5.86 9.91 -6.10
CA CYS A 278 5.34 8.53 -6.11
C CYS A 278 5.78 7.82 -4.83
N ASN A 279 4.88 7.05 -4.21
CA ASN A 279 5.24 6.30 -3.00
C ASN A 279 5.25 4.79 -3.20
N LEU A 280 6.05 4.36 -4.18
CA LEU A 280 6.36 2.94 -4.37
C LEU A 280 7.21 2.44 -3.22
N VAL A 281 8.40 3.02 -3.08
CA VAL A 281 9.37 2.71 -2.02
C VAL A 281 9.22 3.75 -0.90
N ARG A 282 9.35 3.33 0.35
CA ARG A 282 9.29 4.28 1.47
C ARG A 282 10.36 3.98 2.53
N PRO A 283 11.05 5.00 3.07
CA PRO A 283 10.86 6.42 2.76
C PRO A 283 11.08 6.78 1.28
N ARG A 284 10.30 7.74 0.79
CA ARG A 284 10.45 8.17 -0.61
C ARG A 284 11.82 8.80 -0.80
N PRO A 285 12.60 8.30 -1.78
CA PRO A 285 13.93 8.89 -1.95
C PRO A 285 13.93 10.32 -2.50
N PHE A 286 12.92 10.68 -3.29
CA PHE A 286 12.85 11.99 -3.96
C PHE A 286 14.04 12.28 -4.91
N THR A 287 14.66 11.24 -5.46
CA THR A 287 15.75 11.41 -6.43
C THR A 287 15.31 12.11 -7.72
N GLU A 288 14.02 12.07 -8.03
CA GLU A 288 13.45 12.88 -9.14
C GLU A 288 13.78 14.38 -9.02
N VAL A 289 14.00 14.87 -7.81
CA VAL A 289 14.33 16.28 -7.59
C VAL A 289 15.65 16.67 -8.27
N SER A 290 16.66 15.80 -8.21
CA SER A 290 17.93 16.05 -8.89
C SER A 290 17.77 16.16 -10.40
N ALA A 291 16.93 15.31 -10.98
CA ALA A 291 16.62 15.41 -12.41
C ALA A 291 15.89 16.72 -12.71
N LEU A 292 14.80 17.00 -11.98
CA LEU A 292 13.93 18.15 -12.25
C LEU A 292 14.66 19.48 -12.33
N TYR A 293 15.60 19.71 -11.41
CA TYR A 293 16.38 20.96 -11.36
C TYR A 293 17.79 20.87 -12.00
N GLY A 294 18.09 19.76 -12.67
CA GLY A 294 19.31 19.65 -13.49
C GLY A 294 19.23 20.51 -14.75
N ASN A 295 20.37 20.67 -15.44
CA ASN A 295 20.46 21.53 -16.63
C ASN A 295 19.53 21.13 -17.77
N LYS A 296 19.34 19.83 -17.97
CA LYS A 296 18.45 19.34 -19.04
C LYS A 296 17.00 19.70 -18.78
N MET A 297 16.50 19.43 -17.56
CA MET A 297 15.09 19.68 -17.24
C MET A 297 14.80 21.14 -16.89
N SER A 298 15.74 21.84 -16.24
CA SER A 298 15.54 23.24 -15.85
C SER A 298 15.35 24.23 -17.03
N SER A 299 15.83 23.87 -18.22
CA SER A 299 15.56 24.64 -19.45
C SER A 299 14.12 24.50 -19.98
N VAL A 300 13.42 23.43 -19.58
CA VAL A 300 12.01 23.22 -19.96
C VAL A 300 11.04 23.48 -18.80
N TRP A 301 11.28 22.82 -17.66
CA TRP A 301 10.37 22.86 -16.52
C TRP A 301 10.72 23.97 -15.54
N SER A 302 9.69 24.63 -15.00
CA SER A 302 9.87 25.68 -13.97
C SER A 302 9.78 25.12 -12.55
N GLY A 303 10.25 23.89 -12.35
CA GLY A 303 10.24 23.23 -11.05
C GLY A 303 8.98 22.43 -10.78
N GLY A 304 8.62 22.32 -9.52
CA GLY A 304 7.52 21.49 -9.12
C GLY A 304 7.19 21.54 -7.65
N LEU A 305 6.04 20.96 -7.31
CA LEU A 305 5.58 20.86 -5.93
C LEU A 305 5.42 19.39 -5.53
N ALA A 306 6.05 19.00 -4.43
CA ALA A 306 5.88 17.67 -3.88
C ALA A 306 4.49 17.50 -3.28
N TYR A 307 3.95 16.29 -3.34
CA TYR A 307 2.66 15.95 -2.75
C TYR A 307 2.91 14.94 -1.62
N MET A 308 2.69 15.28 -0.34
CA MET A 308 2.27 16.60 0.18
C MET A 308 2.76 16.81 1.62
N TYR A 309 2.45 17.94 2.22
CA TYR A 309 2.87 18.23 3.61
C TYR A 309 2.28 17.28 4.66
N PHE A 310 0.96 17.30 4.83
CA PHE A 310 0.26 16.45 5.80
C PHE A 310 0.14 14.99 5.37
N GLU A 311 0.44 14.09 6.31
CA GLU A 311 0.16 12.66 6.20
C GLU A 311 -1.32 12.43 6.47
N GLU A 312 -2.00 11.73 5.58
CA GLU A 312 -3.46 11.62 5.64
C GLU A 312 -3.97 10.25 5.14
N GLU A 313 -3.52 9.17 5.77
CA GLU A 313 -3.95 7.80 5.45
C GLU A 313 -3.56 7.26 4.06
N ASN A 314 -2.99 8.12 3.22
CA ASN A 314 -2.57 7.78 1.86
C ASN A 314 -1.05 7.64 1.74
N GLU A 315 -0.33 7.88 2.85
CA GLU A 315 1.13 7.80 2.94
C GLU A 315 1.90 8.80 2.04
N TYR A 316 1.34 10.00 1.86
CA TYR A 316 2.01 11.06 1.09
C TYR A 316 2.59 12.20 1.90
N GLY A 317 2.45 12.16 3.23
CA GLY A 317 2.95 13.24 4.09
C GLY A 317 4.46 13.30 4.24
N VAL A 318 4.96 14.48 4.55
CA VAL A 318 6.31 14.59 5.13
C VAL A 318 6.25 14.85 6.65
N VAL A 319 5.10 15.30 7.16
CA VAL A 319 4.84 15.35 8.60
C VAL A 319 3.53 14.66 8.96
N LYS A 320 3.39 14.31 10.23
CA LYS A 320 2.18 13.74 10.79
C LYS A 320 1.77 14.65 11.94
N ILE A 321 0.50 15.01 12.00
CA ILE A 321 0.02 15.82 13.11
C ILE A 321 -0.39 14.86 14.24
N ASN A 322 0.26 14.99 15.40
CA ASN A 322 -0.07 14.14 16.57
C ASN A 322 -1.38 14.56 17.25
N ASP A 323 -1.80 13.81 18.28
CA ASP A 323 -3.05 14.11 19.00
C ASP A 323 -2.99 15.38 19.87
N ASN A 324 -1.78 15.82 20.22
CA ASN A 324 -1.55 17.17 20.74
C ASN A 324 -1.66 18.28 19.69
N ASP A 325 -1.89 17.93 18.42
CA ASP A 325 -1.84 18.85 17.28
C ASP A 325 -0.45 19.46 17.03
N GLY A 326 0.60 18.77 17.46
CA GLY A 326 1.98 19.10 17.12
C GLY A 326 2.45 18.34 15.88
N VAL A 327 3.58 18.77 15.34
CA VAL A 327 4.14 18.25 14.11
C VAL A 327 5.17 17.16 14.39
N ASP A 328 4.93 15.94 13.91
CA ASP A 328 5.95 14.89 13.88
C ASP A 328 6.57 14.73 12.49
N ILE A 329 7.85 15.06 12.38
CA ILE A 329 8.61 14.91 11.15
C ILE A 329 8.70 13.43 10.78
N LEU A 330 8.39 13.11 9.53
CA LEU A 330 8.50 11.73 9.04
C LEU A 330 9.81 11.58 8.26
N PRO A 331 10.27 10.31 8.04
CA PRO A 331 11.51 10.08 7.26
C PRO A 331 11.54 10.72 5.85
N ASP A 332 10.40 10.80 5.16
CA ASP A 332 10.29 11.51 3.86
C ASP A 332 10.82 12.95 3.89
N PHE A 333 10.57 13.65 5.00
CA PHE A 333 10.91 15.07 5.17
C PHE A 333 12.40 15.31 4.94
N LYS A 334 13.22 14.49 5.58
CA LYS A 334 14.68 14.64 5.49
C LYS A 334 15.18 14.39 4.07
N ASN A 335 14.63 13.39 3.37
CA ASN A 335 15.02 13.13 1.97
C ASN A 335 14.64 14.30 1.07
N LEU A 336 13.43 14.83 1.22
CA LEU A 336 12.99 15.97 0.41
C LEU A 336 13.82 17.22 0.72
N LYS A 337 14.00 17.48 2.02
CA LYS A 337 14.88 18.57 2.50
C LYS A 337 16.27 18.54 1.87
N LYS A 338 16.89 17.36 1.87
CA LYS A 338 18.25 17.21 1.37
C LYS A 338 18.31 17.40 -0.16
N GLU A 339 17.30 16.92 -0.87
CA GLU A 339 17.24 17.05 -2.32
C GLU A 339 16.99 18.49 -2.78
N PHE A 340 16.03 19.16 -2.15
CA PHE A 340 15.77 20.58 -2.44
C PHE A 340 16.99 21.48 -2.15
N ALA A 341 17.73 21.16 -1.08
CA ALA A 341 18.95 21.93 -0.73
C ALA A 341 20.07 21.79 -1.76
N LYS A 342 20.26 20.58 -2.30
CA LYS A 342 21.22 20.35 -3.39
C LYS A 342 20.78 20.99 -4.71
N ALA A 343 19.48 21.10 -4.92
CA ALA A 343 18.93 21.55 -6.21
C ALA A 343 19.26 23.02 -6.44
N ASP A 344 20.00 23.31 -7.52
CA ASP A 344 20.38 24.68 -7.85
C ASP A 344 20.14 24.92 -9.36
N PRO A 345 18.87 25.16 -9.75
CA PRO A 345 18.55 25.29 -11.17
C PRO A 345 19.29 26.46 -11.84
N LYS A 346 19.86 26.20 -13.01
CA LYS A 346 20.54 27.21 -13.80
C LYS A 346 19.48 27.87 -14.67
N GLY A 347 19.12 29.10 -14.32
CA GLY A 347 18.14 29.87 -15.06
C GLY A 347 18.77 30.92 -15.94
N ILE A 348 17.95 31.86 -16.37
CA ILE A 348 18.37 33.01 -17.17
C ILE A 348 17.68 34.25 -16.62
N THR A 349 18.33 35.39 -16.82
CA THR A 349 17.74 36.66 -16.42
C THR A 349 16.67 37.02 -17.45
N GLU A 350 15.68 37.80 -17.01
CA GLU A 350 14.66 38.34 -17.89
C GLU A 350 15.30 39.17 -19.01
N GLU A 351 16.25 40.02 -18.64
CA GLU A 351 16.94 40.89 -19.60
C GLU A 351 17.57 40.06 -20.74
N GLU A 352 18.21 38.95 -20.38
CA GLU A 352 18.78 38.03 -21.38
C GLU A 352 17.72 37.30 -22.22
N TYR A 353 16.71 36.73 -21.55
CA TYR A 353 15.63 35.98 -22.24
C TYR A 353 14.91 36.79 -23.32
N LEU A 354 14.75 38.09 -23.09
CA LEU A 354 14.12 38.98 -24.08
C LEU A 354 14.89 39.10 -25.42
N THR A 355 16.20 38.82 -25.42
CA THR A 355 16.98 38.72 -26.67
C THR A 355 17.27 37.26 -27.02
N SER A 364 -1.87 32.12 -33.22
CA SER A 364 -2.36 31.12 -32.27
C SER A 364 -2.28 29.71 -32.87
N VAL A 365 -2.22 28.69 -32.00
CA VAL A 365 -1.97 27.31 -32.45
C VAL A 365 -3.29 26.59 -32.72
N GLU A 366 -3.23 25.58 -33.60
CA GLU A 366 -4.41 24.84 -34.02
C GLU A 366 -4.88 23.91 -32.90
N CYS A 367 -6.19 23.85 -32.69
CA CYS A 367 -6.76 22.96 -31.70
C CYS A 367 -6.75 21.54 -32.24
N PRO A 368 -6.61 20.52 -31.36
CA PRO A 368 -6.69 19.14 -31.83
C PRO A 368 -7.99 18.86 -32.58
N HIS A 369 -7.91 18.02 -33.62
CA HIS A 369 -9.10 17.66 -34.41
C HIS A 369 -10.00 16.78 -33.56
N ILE A 370 -11.30 16.87 -33.80
CA ILE A 370 -12.25 15.99 -33.11
C ILE A 370 -12.05 14.57 -33.67
N ALA A 371 -12.04 13.60 -32.77
CA ALA A 371 -11.94 12.19 -33.13
C ALA A 371 -12.71 11.42 -32.08
N VAL A 372 -13.80 10.78 -32.50
CA VAL A 372 -14.74 10.14 -31.58
C VAL A 372 -14.01 9.06 -30.80
N GLY A 373 -14.33 8.95 -29.51
CA GLY A 373 -13.65 8.05 -28.60
C GLY A 373 -12.29 8.48 -28.07
N VAL A 374 -11.66 9.48 -28.70
CA VAL A 374 -10.27 9.87 -28.39
C VAL A 374 -10.20 11.32 -27.89
N TRP A 375 -10.65 12.27 -28.71
CA TRP A 375 -10.68 13.68 -28.35
C TRP A 375 -11.99 14.31 -28.84
N GLU A 376 -12.75 14.87 -27.90
CA GLU A 376 -14.09 15.41 -28.19
CA GLU A 376 -14.10 15.39 -28.16
C GLU A 376 -14.32 16.77 -27.51
N ALA A 377 -13.30 17.61 -27.55
CA ALA A 377 -13.36 18.95 -26.96
C ALA A 377 -13.55 19.95 -28.09
N ASN A 378 -14.74 20.54 -28.15
CA ASN A 378 -15.04 21.53 -29.18
C ASN A 378 -14.29 22.83 -28.92
N GLU A 379 -13.86 23.48 -29.99
CA GLU A 379 -13.19 24.78 -29.87
C GLU A 379 -14.19 25.89 -29.45
N LYS A 380 -15.47 25.72 -29.78
CA LYS A 380 -16.50 26.66 -29.35
C LYS A 380 -16.87 26.44 -27.87
N LEU A 381 -16.65 27.47 -27.07
CA LEU A 381 -16.78 27.40 -25.63
C LEU A 381 -18.14 27.89 -25.17
N PRO A 382 -18.61 27.43 -24.00
CA PRO A 382 -19.81 28.07 -23.42
C PRO A 382 -19.54 29.54 -23.11
N GLU A 383 -20.62 30.31 -23.05
CA GLU A 383 -20.54 31.76 -22.88
C GLU A 383 -20.37 32.09 -21.41
N THR A 384 -19.98 33.32 -21.14
CA THR A 384 -19.82 33.79 -19.77
C THR A 384 -21.17 33.69 -19.06
N PRO A 385 -21.23 32.98 -17.91
CA PRO A 385 -22.51 32.89 -17.20
C PRO A 385 -23.09 34.26 -16.84
N ASP A 386 -24.42 34.37 -16.96
CA ASP A 386 -25.15 35.63 -16.78
C ASP A 386 -26.04 35.57 -15.51
N ARG A 387 -25.48 36.09 -14.42
CA ARG A 387 -26.13 36.10 -13.10
C ARG A 387 -27.51 36.79 -13.13
N SER A 388 -27.58 37.94 -13.80
CA SER A 388 -28.83 38.72 -13.86
C SER A 388 -29.91 38.01 -14.67
N LYS A 389 -29.51 37.42 -15.78
CA LYS A 389 -30.45 36.64 -16.59
C LYS A 389 -31.01 35.45 -15.81
N CYS A 390 -30.14 34.72 -15.11
CA CYS A 390 -30.56 33.53 -14.35
C CYS A 390 -31.35 33.92 -13.09
N ALA A 391 -30.95 35.03 -12.45
CA ALA A 391 -31.72 35.65 -11.36
C ALA A 391 -33.19 35.92 -11.70
N CYS A 392 -33.46 36.26 -12.97
CA CYS A 392 -34.84 36.48 -13.43
C CYS A 392 -35.72 35.25 -13.35
N LEU A 393 -35.15 34.05 -13.49
CA LEU A 393 -35.91 32.81 -13.30
C LEU A 393 -36.46 32.67 -11.88
N ASP A 394 -35.71 33.17 -10.89
CA ASP A 394 -36.17 33.16 -9.48
C ASP A 394 -37.41 34.02 -9.25
N GLU A 395 -37.55 35.09 -10.04
CA GLU A 395 -38.69 36.01 -9.92
C GLU A 395 -39.91 35.61 -10.72
N ILE A 396 -39.71 35.03 -11.90
CA ILE A 396 -40.82 34.77 -12.83
C ILE A 396 -41.35 33.34 -12.81
N LEU A 397 -40.53 32.35 -12.49
CA LEU A 397 -40.96 30.95 -12.63
C LEU A 397 -42.06 30.60 -11.62
N PRO A 398 -43.15 29.98 -12.10
CA PRO A 398 -44.22 29.58 -11.17
C PRO A 398 -43.83 28.51 -10.16
N CYS A 399 -42.97 27.56 -10.57
CA CYS A 399 -42.64 26.38 -9.77
C CYS A 399 -41.14 26.34 -9.53
N GLU A 400 -40.75 26.39 -8.25
CA GLU A 400 -39.36 26.42 -7.85
C GLU A 400 -39.03 25.18 -7.05
N ILE A 401 -37.74 24.90 -6.94
CA ILE A 401 -37.27 23.78 -6.14
C ILE A 401 -36.04 24.22 -5.35
N VAL A 402 -36.05 23.97 -4.04
CA VAL A 402 -34.92 24.35 -3.19
C VAL A 402 -33.80 23.31 -3.39
N PRO A 403 -32.52 23.73 -3.32
CA PRO A 403 -31.40 22.81 -3.59
C PRO A 403 -31.44 21.51 -2.78
N PHE A 404 -31.15 20.38 -3.45
CA PHE A 404 -30.78 19.13 -2.77
C PHE A 404 -29.30 19.21 -2.40
N GLY A 409 -28.57 12.66 -6.21
CA GLY A 409 -29.38 11.55 -6.68
C GLY A 409 -30.69 11.99 -7.31
N LYS A 410 -31.38 12.90 -6.63
CA LYS A 410 -32.68 13.40 -7.08
C LYS A 410 -32.62 14.26 -8.34
N TYR A 411 -31.50 14.95 -8.56
CA TYR A 411 -31.31 15.73 -9.80
C TYR A 411 -31.36 14.83 -11.01
N GLU A 412 -30.50 13.81 -11.04
CA GLU A 412 -30.49 12.85 -12.15
C GLU A 412 -31.87 12.21 -12.33
N GLU A 413 -32.51 11.81 -11.22
CA GLU A 413 -33.87 11.24 -11.28
C GLU A 413 -34.90 12.25 -11.80
N TYR A 414 -34.89 13.46 -11.24
CA TYR A 414 -35.89 14.48 -11.59
C TYR A 414 -35.64 15.09 -12.98
N PHE A 415 -34.37 15.22 -13.40
CA PHE A 415 -34.06 15.59 -14.80
C PHE A 415 -34.54 14.54 -15.80
N SER A 416 -34.27 13.26 -15.53
CA SER A 416 -34.75 12.16 -16.41
C SER A 416 -36.26 12.19 -16.55
N TYR A 417 -36.95 12.35 -15.42
CA TYR A 417 -38.39 12.45 -15.44
C TYR A 417 -38.88 13.64 -16.28
N LEU A 418 -38.50 14.86 -15.89
CA LEU A 418 -39.02 16.06 -16.53
C LEU A 418 -38.61 16.18 -18.00
N CYS A 419 -37.40 15.75 -18.33
CA CYS A 419 -36.92 15.83 -19.71
C CYS A 419 -37.57 14.82 -20.66
N SER A 420 -38.25 13.80 -20.10
CA SER A 420 -39.13 12.94 -20.91
C SER A 420 -40.46 13.64 -21.25
N LYS A 421 -40.93 14.55 -20.38
CA LYS A 421 -42.21 15.26 -20.57
C LYS A 421 -42.08 16.61 -21.28
N VAL A 422 -40.92 17.27 -21.13
CA VAL A 422 -40.66 18.56 -21.79
C VAL A 422 -39.28 18.56 -22.48
N ASP A 423 -39.11 19.49 -23.41
CA ASP A 423 -37.85 19.64 -24.15
C ASP A 423 -36.83 20.37 -23.26
N CYS A 424 -35.75 19.67 -22.92
CA CYS A 424 -34.69 20.21 -22.04
C CYS A 424 -33.50 20.85 -22.78
N SER A 425 -33.62 21.04 -24.09
CA SER A 425 -32.53 21.61 -24.90
C SER A 425 -32.01 22.94 -24.36
N ASP A 426 -32.93 23.74 -23.82
CA ASP A 426 -32.58 25.05 -23.30
C ASP A 426 -31.65 25.05 -22.07
N ILE A 427 -31.51 23.91 -21.39
CA ILE A 427 -30.56 23.80 -20.27
C ILE A 427 -29.35 22.88 -20.52
N LEU A 428 -29.32 22.18 -21.65
CA LEU A 428 -28.22 21.27 -21.96
C LEU A 428 -26.98 22.03 -22.43
N ALA A 429 -25.82 21.50 -22.06
CA ALA A 429 -24.54 22.03 -22.48
C ALA A 429 -23.75 20.86 -23.06
N ASN A 430 -23.33 20.99 -24.32
CA ASN A 430 -22.64 19.92 -25.02
C ASN A 430 -21.26 20.38 -25.48
N GLY A 431 -20.25 19.98 -24.72
CA GLY A 431 -18.85 20.29 -25.05
C GLY A 431 -18.29 19.59 -26.27
N LYS A 432 -18.95 18.53 -26.76
CA LYS A 432 -18.52 17.86 -28.00
C LYS A 432 -18.88 18.65 -29.23
N THR A 433 -20.13 19.07 -29.30
CA THR A 433 -20.66 19.78 -30.47
C THR A 433 -20.56 21.30 -30.34
N GLY A 434 -20.30 21.80 -29.13
CA GLY A 434 -20.33 23.23 -28.88
C GLY A 434 -21.71 23.86 -28.96
N GLU A 435 -22.75 23.08 -28.62
CA GLU A 435 -24.13 23.58 -28.50
C GLU A 435 -24.41 23.80 -27.01
N TYR A 436 -24.77 25.03 -26.65
CA TYR A 436 -25.06 25.38 -25.26
C TYR A 436 -26.44 26.03 -25.22
N GLY A 437 -27.36 25.42 -24.49
CA GLY A 437 -28.72 25.95 -24.37
C GLY A 437 -28.75 27.33 -23.75
N GLU A 438 -29.85 28.05 -24.00
CA GLU A 438 -30.01 29.43 -23.55
C GLU A 438 -29.87 29.60 -22.05
N PHE A 439 -30.37 28.65 -21.28
CA PHE A 439 -30.31 28.68 -19.81
C PHE A 439 -29.36 27.63 -19.23
N SER A 440 -28.38 27.19 -20.04
CA SER A 440 -27.38 26.19 -19.63
C SER A 440 -26.34 26.73 -18.63
N ASP A 441 -26.24 28.06 -18.54
CA ASP A 441 -25.37 28.73 -17.57
C ASP A 441 -26.00 28.98 -16.21
N CYS A 442 -27.28 28.66 -16.05
CA CYS A 442 -27.96 28.88 -14.78
C CYS A 442 -27.62 27.77 -13.76
N SER A 443 -28.03 27.95 -12.51
CA SER A 443 -27.72 27.00 -11.44
C SER A 443 -28.51 25.72 -11.68
N VAL A 444 -28.12 24.68 -10.94
CA VAL A 444 -28.42 23.34 -11.09
CA VAL A 444 -28.87 23.35 -11.21
C VAL A 444 -30.16 23.51 -10.74
N GLU A 445 -30.45 24.29 -9.69
CA GLU A 445 -31.83 24.42 -9.15
C GLU A 445 -32.74 25.22 -10.10
N GLN A 446 -32.19 26.30 -10.64
CA GLN A 446 -32.88 27.13 -11.65
C GLN A 446 -33.22 26.33 -12.92
N LYS A 447 -32.27 25.50 -13.36
CA LYS A 447 -32.46 24.63 -14.54
C LYS A 447 -33.62 23.65 -14.32
N LEU A 448 -33.64 23.03 -13.14
CA LEU A 448 -34.69 22.09 -12.77
C LEU A 448 -36.04 22.81 -12.63
N SER A 449 -36.01 23.97 -11.96
CA SER A 449 -37.19 24.81 -11.79
C SER A 449 -37.82 25.19 -13.12
N LEU A 450 -36.98 25.53 -14.09
CA LEU A 450 -37.43 25.87 -15.43
C LEU A 450 -38.23 24.74 -16.07
N GLN A 451 -37.71 23.52 -16.01
CA GLN A 451 -38.37 22.36 -16.64
C GLN A 451 -39.69 22.01 -15.93
N LEU A 452 -39.69 22.10 -14.60
CA LEU A 452 -40.90 21.86 -13.81
C LEU A 452 -41.97 22.91 -14.09
N SER A 453 -41.55 24.17 -14.12
CA SER A 453 -42.44 25.26 -14.53
C SER A 453 -42.98 25.09 -15.95
N LYS A 454 -42.16 24.60 -16.86
CA LYS A 454 -42.62 24.29 -18.21
C LYS A 454 -43.70 23.20 -18.24
N LEU A 455 -43.55 22.16 -17.42
CA LEU A 455 -44.57 21.09 -17.35
C LEU A 455 -45.89 21.59 -16.75
N TYR A 456 -45.78 22.41 -15.69
CA TYR A 456 -46.93 23.08 -15.08
C TYR A 456 -47.77 23.87 -16.10
N CYS A 457 -47.11 24.72 -16.89
CA CYS A 457 -47.78 25.52 -17.93
C CYS A 457 -48.35 24.65 -19.06
N LYS A 458 -47.59 23.63 -19.47
CA LYS A 458 -48.04 22.67 -20.49
C LYS A 458 -49.29 21.91 -20.06
N ILE A 459 -49.31 21.46 -18.80
CA ILE A 459 -50.50 20.83 -18.21
C ILE A 459 -51.70 21.80 -18.23
N GLY A 460 -51.46 23.06 -17.90
CA GLY A 460 -52.47 24.12 -18.04
C GLY A 460 -53.46 24.32 -16.90
N ALA A 461 -53.51 23.39 -15.95
CA ALA A 461 -54.45 23.42 -14.81
C ALA A 461 -54.58 24.80 -14.15
N ASN A 462 -53.44 25.45 -13.92
CA ASN A 462 -53.38 26.81 -13.38
C ASN A 462 -53.97 26.90 -11.96
N ASP A 463 -53.61 25.91 -11.13
CA ASP A 463 -54.19 25.71 -9.79
C ASP A 463 -53.16 25.85 -8.67
N ARG A 464 -51.95 26.31 -9.00
CA ARG A 464 -50.79 26.34 -8.08
C ARG A 464 -50.33 24.98 -7.52
N HIS A 465 -50.65 23.88 -8.21
CA HIS A 465 -50.11 22.56 -7.87
C HIS A 465 -48.98 22.24 -8.84
N CYS A 466 -47.74 22.30 -8.35
CA CYS A 466 -46.56 22.04 -9.18
C CYS A 466 -46.43 20.53 -9.43
N PRO A 467 -46.32 20.11 -10.72
CA PRO A 467 -46.45 18.69 -11.06
C PRO A 467 -45.22 17.82 -10.76
N LEU A 468 -44.83 17.78 -9.50
CA LEU A 468 -43.78 16.89 -9.02
C LEU A 468 -43.90 16.78 -7.51
N ASN A 469 -44.04 15.55 -7.03
CA ASN A 469 -44.31 15.28 -5.62
C ASN A 469 -42.99 15.18 -4.88
N ASP A 470 -42.62 16.26 -4.21
CA ASP A 470 -41.36 16.34 -3.47
C ASP A 470 -41.43 17.56 -2.56
N LYS A 471 -41.01 17.42 -1.30
CA LYS A 471 -41.03 18.53 -0.33
C LYS A 471 -40.23 19.80 -0.72
N ASN A 472 -39.21 19.65 -1.57
CA ASN A 472 -38.44 20.80 -2.04
C ASN A 472 -39.12 21.63 -3.13
N VAL A 473 -40.17 21.07 -3.73
CA VAL A 473 -40.96 21.74 -4.74
C VAL A 473 -41.94 22.67 -4.05
N TYR A 474 -42.06 23.90 -4.54
CA TYR A 474 -43.02 24.86 -4.01
C TYR A 474 -43.47 25.84 -5.09
N PHE A 475 -44.69 26.34 -4.92
CA PHE A 475 -45.21 27.38 -5.79
C PHE A 475 -44.59 28.73 -5.41
N ASN A 476 -44.02 29.39 -6.42
CA ASN A 476 -43.35 30.67 -6.24
C ASN A 476 -44.37 31.80 -6.36
N LEU A 477 -44.70 32.41 -5.22
CA LEU A 477 -45.69 33.51 -5.19
C LEU A 477 -45.19 34.78 -5.87
N GLU A 478 -43.88 34.97 -5.95
CA GLU A 478 -43.25 36.07 -6.70
C GLU A 478 -43.62 36.06 -8.18
N SER A 479 -43.89 34.89 -8.74
CA SER A 479 -44.31 34.79 -10.15
C SER A 479 -45.66 35.44 -10.47
N LEU A 480 -46.41 35.83 -9.45
CA LEU A 480 -47.68 36.57 -9.62
C LEU A 480 -47.48 38.09 -9.76
N GLN A 481 -46.32 38.59 -9.35
CA GLN A 481 -45.96 40.03 -9.46
C GLN A 481 -45.69 40.45 -10.93
N PRO A 482 -45.50 41.76 -11.21
CA PRO A 482 -45.69 42.23 -12.59
C PRO A 482 -44.56 41.81 -13.55
N CYS A 489 -36.97 42.73 -12.87
CA CYS A 489 -35.68 42.57 -13.52
C CYS A 489 -35.78 42.82 -15.04
N LYS A 490 -36.31 41.85 -15.77
CA LYS A 490 -36.32 41.87 -17.23
C LYS A 490 -37.44 41.02 -17.83
N ASN A 491 -38.39 41.73 -18.44
CA ASN A 491 -39.30 41.18 -19.46
C ASN A 491 -38.62 40.43 -20.63
N VAL A 492 -37.31 40.60 -20.81
CA VAL A 492 -36.51 39.77 -21.75
C VAL A 492 -36.81 38.28 -21.55
N PHE A 493 -36.93 37.85 -20.28
CA PHE A 493 -37.60 36.60 -19.84
C PHE A 493 -37.23 35.36 -20.66
N ASP A 494 -38.07 34.34 -20.68
CA ASP A 494 -38.10 33.35 -21.77
C ASP A 494 -38.22 34.06 -23.14
N SER B 29 -11.43 -42.73 -23.78
CA SER B 29 -12.73 -42.18 -23.29
C SER B 29 -12.56 -41.43 -21.96
N PHE B 30 -13.29 -40.33 -21.84
CA PHE B 30 -13.21 -39.45 -20.67
C PHE B 30 -14.61 -39.29 -20.09
N GLU B 31 -15.43 -40.34 -20.15
CA GLU B 31 -16.87 -40.24 -19.88
CA GLU B 31 -16.86 -40.17 -19.89
C GLU B 31 -17.20 -39.98 -18.41
N LYS B 32 -16.30 -40.36 -17.51
CA LYS B 32 -16.48 -40.05 -16.08
C LYS B 32 -16.18 -38.59 -15.72
N THR B 33 -15.66 -37.81 -16.66
CA THR B 33 -15.46 -36.38 -16.47
C THR B 33 -16.01 -35.60 -17.65
N PRO B 34 -17.35 -35.41 -17.69
CA PRO B 34 -17.94 -34.52 -18.71
C PRO B 34 -17.38 -33.12 -18.54
N ALA B 35 -17.18 -32.42 -19.66
CA ALA B 35 -16.63 -31.06 -19.59
C ALA B 35 -17.53 -30.19 -18.71
N ILE B 36 -16.91 -29.36 -17.90
CA ILE B 36 -17.63 -28.42 -17.07
C ILE B 36 -17.76 -27.13 -17.87
N LYS B 37 -18.92 -26.50 -17.78
CA LYS B 37 -19.13 -25.19 -18.44
C LYS B 37 -19.63 -24.16 -17.43
N ILE B 38 -19.59 -22.91 -17.85
CA ILE B 38 -19.96 -21.78 -17.00
C ILE B 38 -21.27 -21.25 -17.51
N VAL B 39 -22.23 -21.06 -16.60
CA VAL B 39 -23.45 -20.31 -16.89
C VAL B 39 -23.60 -19.30 -15.74
N GLY B 40 -23.72 -18.02 -16.10
CA GLY B 40 -23.75 -16.96 -15.09
C GLY B 40 -22.57 -17.07 -14.15
N ASN B 41 -22.83 -17.24 -12.86
CA ASN B 41 -21.76 -17.27 -11.87
C ASN B 41 -21.61 -18.64 -11.21
N LYS B 42 -21.88 -19.70 -11.98
CA LYS B 42 -21.83 -21.07 -11.50
C LYS B 42 -21.21 -22.01 -12.55
N PHE B 43 -20.61 -23.10 -12.08
CA PHE B 43 -20.10 -24.17 -12.94
C PHE B 43 -21.19 -25.23 -13.05
N PHE B 44 -21.35 -25.83 -14.23
CA PHE B 44 -22.28 -26.95 -14.41
C PHE B 44 -21.64 -28.08 -15.19
N ASP B 45 -21.93 -29.30 -14.76
CA ASP B 45 -21.60 -30.51 -15.51
C ASP B 45 -22.41 -30.44 -16.81
N SER B 46 -21.73 -30.42 -17.95
CA SER B 46 -22.40 -30.22 -19.25
C SER B 46 -23.30 -31.40 -19.71
N GLU B 47 -23.13 -32.59 -19.14
CA GLU B 47 -24.00 -33.73 -19.45
C GLU B 47 -25.19 -33.85 -18.50
N SER B 48 -24.95 -33.73 -17.20
CA SER B 48 -26.00 -33.90 -16.18
C SER B 48 -26.78 -32.63 -15.82
N GLY B 49 -26.19 -31.46 -16.08
CA GLY B 49 -26.76 -30.18 -15.63
C GLY B 49 -26.74 -29.93 -14.12
N GLU B 50 -26.02 -30.78 -13.37
CA GLU B 50 -25.86 -30.57 -11.94
C GLU B 50 -24.80 -29.47 -11.75
N GLN B 51 -24.98 -28.60 -10.75
CA GLN B 51 -23.95 -27.59 -10.43
C GLN B 51 -22.70 -28.32 -9.96
N PHE B 52 -21.56 -27.88 -10.45
CA PHE B 52 -20.27 -28.46 -10.13
C PHE B 52 -19.63 -27.62 -9.04
N PHE B 53 -19.25 -28.27 -7.94
CA PHE B 53 -18.49 -27.66 -6.85
C PHE B 53 -17.08 -28.26 -6.76
N ILE B 54 -16.09 -27.38 -6.63
CA ILE B 54 -14.69 -27.79 -6.55
C ILE B 54 -14.41 -28.28 -5.13
N LYS B 55 -13.97 -29.53 -5.01
CA LYS B 55 -13.35 -30.05 -3.79
C LYS B 55 -11.97 -30.48 -4.25
N GLY B 56 -10.98 -29.63 -3.99
CA GLY B 56 -9.70 -29.76 -4.65
C GLY B 56 -8.49 -29.78 -3.77
N ILE B 57 -7.35 -30.01 -4.41
CA ILE B 57 -6.07 -29.87 -3.76
C ILE B 57 -5.02 -29.47 -4.80
N ALA B 58 -4.10 -28.61 -4.37
CA ALA B 58 -2.95 -28.23 -5.18
C ALA B 58 -2.00 -29.41 -5.27
N TYR B 59 -1.42 -29.59 -6.44
CA TYR B 59 -0.60 -30.77 -6.74
C TYR B 59 0.52 -30.33 -7.64
N GLN B 60 1.68 -30.05 -7.04
CA GLN B 60 2.84 -29.48 -7.71
C GLN B 60 4.10 -29.86 -6.95
N LEU B 61 5.00 -30.55 -7.63
CA LEU B 61 6.24 -31.00 -7.05
C LEU B 61 7.26 -29.88 -7.25
N GLN B 62 8.11 -29.64 -6.26
CA GLN B 62 9.19 -28.63 -6.37
C GLN B 62 10.58 -29.28 -6.47
N ARG B 63 11.57 -28.47 -6.83
CA ARG B 63 12.98 -28.86 -6.85
C ARG B 63 13.62 -28.62 -5.49
N SER B 64 14.25 -29.65 -4.91
CA SER B 64 15.10 -29.48 -3.71
C SER B 64 16.08 -30.64 -3.54
N THR B 77 14.64 -26.54 -17.02
CA THR B 77 13.34 -26.14 -16.45
C THR B 77 13.45 -25.91 -14.94
N SER B 78 12.71 -24.93 -14.42
CA SER B 78 12.70 -24.56 -12.99
C SER B 78 11.43 -25.06 -12.26
N TYR B 79 10.97 -26.25 -12.63
CA TYR B 79 9.76 -26.85 -12.07
C TYR B 79 9.74 -28.32 -12.49
N ILE B 80 8.97 -29.15 -11.79
CA ILE B 80 8.78 -30.55 -12.17
C ILE B 80 7.32 -30.74 -12.57
N ASP B 81 7.11 -31.48 -13.65
CA ASP B 81 5.78 -31.72 -14.20
C ASP B 81 5.38 -33.16 -13.87
N ALA B 82 4.74 -33.33 -12.73
CA ALA B 82 4.26 -34.64 -12.27
C ALA B 82 3.24 -35.27 -13.22
N LEU B 83 2.44 -34.44 -13.90
CA LEU B 83 1.44 -34.94 -14.86
C LEU B 83 2.03 -35.39 -16.19
N ALA B 84 3.33 -35.17 -16.42
CA ALA B 84 4.04 -35.76 -17.58
C ALA B 84 4.85 -37.01 -17.21
N ASP B 85 4.77 -37.47 -15.95
CA ASP B 85 5.53 -38.62 -15.47
C ASP B 85 4.58 -39.66 -14.81
N PRO B 86 4.13 -40.66 -15.59
CA PRO B 86 3.18 -41.66 -15.10
C PRO B 86 3.51 -42.30 -13.75
N LYS B 87 4.78 -42.60 -13.49
CA LYS B 87 5.17 -43.24 -12.24
C LYS B 87 4.86 -42.37 -11.01
N ILE B 88 4.92 -41.05 -11.19
CA ILE B 88 4.57 -40.12 -10.12
C ILE B 88 3.06 -39.98 -10.00
N CYS B 89 2.40 -39.63 -11.09
CA CYS B 89 0.96 -39.37 -11.03
C CYS B 89 0.16 -40.62 -10.67
N LEU B 90 0.54 -41.79 -11.21
CA LEU B 90 -0.15 -43.04 -10.86
C LEU B 90 0.12 -43.53 -9.43
N ARG B 91 1.23 -43.11 -8.82
CA ARG B 91 1.43 -43.32 -7.38
C ARG B 91 0.43 -42.49 -6.59
N ASP B 92 0.26 -41.23 -6.99
CA ASP B 92 -0.50 -40.27 -6.18
C ASP B 92 -2.04 -40.31 -6.36
N ILE B 93 -2.53 -40.75 -7.52
CA ILE B 93 -3.98 -40.74 -7.79
C ILE B 93 -4.81 -41.60 -6.81
N PRO B 94 -4.32 -42.80 -6.46
CA PRO B 94 -5.01 -43.55 -5.40
C PRO B 94 -5.13 -42.81 -4.05
N PHE B 95 -4.07 -42.09 -3.67
CA PHE B 95 -4.15 -41.25 -2.46
C PHE B 95 -5.11 -40.06 -2.64
N LEU B 96 -5.10 -39.47 -3.83
CA LEU B 96 -6.03 -38.35 -4.13
C LEU B 96 -7.47 -38.84 -4.13
N LYS B 97 -7.69 -40.04 -4.66
CA LYS B 97 -9.00 -40.71 -4.62
C LYS B 97 -9.48 -40.91 -3.18
N MET B 98 -8.61 -41.46 -2.34
CA MET B 98 -8.87 -41.56 -0.88
C MET B 98 -9.24 -40.22 -0.24
N LEU B 99 -8.54 -39.17 -0.65
CA LEU B 99 -8.79 -37.81 -0.13
C LEU B 99 -10.20 -37.34 -0.46
N GLY B 100 -10.71 -37.74 -1.62
CA GLY B 100 -12.07 -37.41 -2.06
C GLY B 100 -12.15 -36.17 -2.93
N VAL B 101 -11.03 -35.78 -3.53
CA VAL B 101 -10.99 -34.58 -4.38
C VAL B 101 -11.56 -34.89 -5.77
N ASN B 102 -12.20 -33.89 -6.37
CA ASN B 102 -12.60 -33.94 -7.78
C ASN B 102 -11.76 -33.02 -8.68
N THR B 103 -10.79 -32.30 -8.11
CA THR B 103 -10.03 -31.27 -8.85
C THR B 103 -8.63 -31.09 -8.28
N LEU B 104 -7.66 -30.89 -9.18
CA LEU B 104 -6.30 -30.56 -8.81
C LEU B 104 -6.00 -29.17 -9.35
N ARG B 105 -5.20 -28.41 -8.61
CA ARG B 105 -4.56 -27.23 -9.17
C ARG B 105 -3.09 -27.53 -9.47
N VAL B 106 -2.72 -27.33 -10.72
CA VAL B 106 -1.34 -27.45 -11.21
C VAL B 106 -0.82 -26.06 -11.58
N TYR B 107 0.39 -25.74 -11.11
CA TYR B 107 1.00 -24.43 -11.33
C TYR B 107 1.88 -24.39 -12.57
N ALA B 108 2.44 -25.53 -12.99
CA ALA B 108 3.31 -25.54 -14.17
C ALA B 108 3.42 -26.91 -14.81
N ILE B 109 3.12 -26.98 -16.10
CA ILE B 109 3.41 -28.15 -16.92
C ILE B 109 4.47 -27.79 -17.96
N ASP B 110 5.15 -28.82 -18.45
CA ASP B 110 6.10 -28.69 -19.55
C ASP B 110 5.35 -29.05 -20.84
N PRO B 111 5.05 -28.05 -21.69
CA PRO B 111 4.24 -28.34 -22.87
C PRO B 111 4.91 -29.22 -23.93
N THR B 112 6.23 -29.39 -23.89
CA THR B 112 6.93 -30.30 -24.81
C THR B 112 6.69 -31.79 -24.51
N LYS B 113 6.11 -32.11 -23.35
CA LYS B 113 5.85 -33.49 -22.95
C LYS B 113 4.40 -33.90 -23.10
N SER B 114 4.19 -35.21 -23.20
CA SER B 114 2.86 -35.81 -23.25
C SER B 114 2.19 -35.79 -21.87
N HIS B 115 0.88 -35.60 -21.84
CA HIS B 115 0.10 -35.64 -20.59
C HIS B 115 -1.11 -36.57 -20.60
N ASP B 116 -1.33 -37.31 -21.68
CA ASP B 116 -2.59 -38.05 -21.80
C ASP B 116 -2.71 -39.22 -20.84
N ILE B 117 -1.61 -39.91 -20.53
CA ILE B 117 -1.65 -40.99 -19.53
C ILE B 117 -2.20 -40.49 -18.18
N CYS B 118 -1.59 -39.42 -17.64
CA CYS B 118 -2.01 -38.88 -16.34
C CYS B 118 -3.38 -38.20 -16.38
N MET B 119 -3.68 -37.49 -17.48
CA MET B 119 -5.00 -36.84 -17.63
C MET B 119 -6.12 -37.88 -17.75
N GLU B 120 -5.87 -38.97 -18.47
CA GLU B 120 -6.82 -40.07 -18.55
C GLU B 120 -7.01 -40.77 -17.20
N ALA B 121 -5.91 -41.03 -16.50
CA ALA B 121 -5.99 -41.69 -15.19
C ALA B 121 -6.74 -40.80 -14.18
N LEU B 122 -6.53 -39.49 -14.28
CA LEU B 122 -7.32 -38.54 -13.51
C LEU B 122 -8.80 -38.62 -13.88
N SER B 123 -9.11 -38.64 -15.18
CA SER B 123 -10.50 -38.75 -15.64
C SER B 123 -11.20 -39.99 -15.12
N ALA B 124 -10.50 -41.13 -15.07
CA ALA B 124 -11.07 -42.38 -14.57
C ALA B 124 -11.50 -42.31 -13.10
N GLU B 125 -10.90 -41.40 -12.31
CA GLU B 125 -11.35 -41.15 -10.93
C GLU B 125 -12.24 -39.90 -10.79
N GLY B 126 -12.76 -39.40 -11.90
CA GLY B 126 -13.61 -38.19 -11.86
C GLY B 126 -12.89 -36.89 -11.50
N MET B 127 -11.59 -36.81 -11.77
CA MET B 127 -10.83 -35.62 -11.38
C MET B 127 -10.57 -34.68 -12.55
N TYR B 128 -10.70 -33.38 -12.28
CA TYR B 128 -10.42 -32.30 -13.21
C TYR B 128 -9.13 -31.57 -12.80
N VAL B 129 -8.68 -30.67 -13.68
CA VAL B 129 -7.44 -29.90 -13.47
C VAL B 129 -7.67 -28.42 -13.78
N LEU B 130 -7.28 -27.57 -12.82
CA LEU B 130 -7.10 -26.13 -13.02
C LEU B 130 -5.62 -25.88 -13.21
N LEU B 131 -5.25 -25.21 -14.29
CA LEU B 131 -3.86 -25.11 -14.71
C LEU B 131 -3.43 -23.66 -14.95
N ASP B 132 -2.34 -23.25 -14.31
CA ASP B 132 -1.73 -21.95 -14.62
C ASP B 132 -1.04 -22.04 -16.00
N LEU B 133 -1.11 -20.96 -16.77
CA LEU B 133 -0.49 -20.90 -18.10
C LEU B 133 1.01 -20.53 -18.03
N SER B 134 1.40 -19.86 -16.95
CA SER B 134 2.79 -19.43 -16.76
C SER B 134 3.66 -20.53 -16.14
N GLU B 135 4.95 -20.24 -16.01
CA GLU B 135 5.88 -20.99 -15.17
C GLU B 135 6.78 -19.97 -14.44
N PRO B 136 7.54 -20.38 -13.41
CA PRO B 136 8.28 -19.38 -12.60
C PRO B 136 9.19 -18.42 -13.38
N ASP B 137 9.88 -18.94 -14.40
CA ASP B 137 10.77 -18.13 -15.24
C ASP B 137 10.10 -17.42 -16.42
N ILE B 138 8.83 -17.73 -16.68
CA ILE B 138 8.07 -17.08 -17.73
C ILE B 138 6.70 -16.71 -17.18
N SER B 139 6.62 -15.53 -16.57
CA SER B 139 5.40 -14.97 -16.00
CA SER B 139 5.38 -14.98 -16.07
C SER B 139 5.43 -13.47 -16.15
N ILE B 140 4.29 -12.82 -15.95
CA ILE B 140 4.25 -11.37 -15.89
C ILE B 140 4.97 -10.97 -14.58
N ASN B 141 6.02 -10.19 -14.71
CA ASN B 141 6.79 -9.70 -13.57
C ASN B 141 6.07 -8.53 -12.93
N ARG B 142 5.59 -8.69 -11.70
CA ARG B 142 4.84 -7.64 -11.04
C ARG B 142 5.67 -6.37 -10.77
N GLU B 143 6.98 -6.49 -10.69
CA GLU B 143 7.89 -5.35 -10.41
C GLU B 143 8.11 -4.55 -11.68
N ASN B 144 8.24 -5.26 -12.80
CA ASN B 144 8.51 -4.65 -14.09
C ASN B 144 7.63 -5.31 -15.16
N PRO B 145 6.32 -4.99 -15.17
CA PRO B 145 5.45 -5.80 -16.00
C PRO B 145 5.58 -5.56 -17.51
N SER B 146 5.46 -6.65 -18.24
CA SER B 146 5.47 -6.66 -19.70
CA SER B 146 5.41 -6.62 -19.70
C SER B 146 4.49 -7.73 -20.19
N TRP B 147 3.83 -7.48 -21.31
CA TRP B 147 3.06 -8.51 -21.99
C TRP B 147 3.68 -8.63 -23.38
N ASP B 148 4.47 -9.69 -23.57
CA ASP B 148 5.38 -9.79 -24.70
C ASP B 148 5.31 -11.14 -25.39
N VAL B 149 6.00 -11.22 -26.52
CA VAL B 149 6.01 -12.44 -27.36
C VAL B 149 6.48 -13.69 -26.63
N HIS B 150 7.45 -13.56 -25.72
CA HIS B 150 8.00 -14.70 -24.97
C HIS B 150 6.94 -15.30 -24.06
N ILE B 151 6.21 -14.47 -23.33
CA ILE B 151 5.22 -14.97 -22.36
C ILE B 151 3.99 -15.49 -23.11
N PHE B 152 3.57 -14.79 -24.16
CA PHE B 152 2.42 -15.20 -24.96
C PHE B 152 2.64 -16.56 -25.67
N GLU B 153 3.85 -16.81 -26.16
CA GLU B 153 4.18 -18.11 -26.76
C GLU B 153 4.14 -19.24 -25.72
N ARG B 154 4.60 -18.95 -24.49
CA ARG B 154 4.42 -19.88 -23.36
C ARG B 154 2.94 -20.23 -23.17
N TYR B 155 2.08 -19.22 -23.12
CA TYR B 155 0.65 -19.41 -22.86
C TYR B 155 0.03 -20.27 -23.95
N LYS B 156 0.37 -19.94 -25.20
CA LYS B 156 -0.10 -20.71 -26.37
C LYS B 156 0.35 -22.16 -26.35
N SER B 157 1.60 -22.41 -25.99
CA SER B 157 2.14 -23.77 -25.95
CA SER B 157 2.13 -23.77 -25.96
C SER B 157 1.43 -24.62 -24.90
N VAL B 158 1.13 -24.02 -23.75
CA VAL B 158 0.36 -24.73 -22.71
C VAL B 158 -1.06 -25.02 -23.22
N ILE B 159 -1.70 -24.03 -23.82
CA ILE B 159 -3.02 -24.20 -24.43
C ILE B 159 -3.03 -25.31 -25.50
N ASP B 160 -2.00 -25.34 -26.35
CA ASP B 160 -1.89 -26.37 -27.38
C ASP B 160 -1.66 -27.75 -26.79
N ALA B 161 -0.89 -27.80 -25.70
CA ALA B 161 -0.58 -29.05 -25.03
C ALA B 161 -1.76 -29.70 -24.30
N MET B 162 -2.67 -28.91 -23.73
CA MET B 162 -3.65 -29.41 -22.75
C MET B 162 -5.13 -29.26 -23.10
N SER B 163 -5.46 -28.53 -24.16
CA SER B 163 -6.86 -28.16 -24.43
C SER B 163 -7.74 -29.29 -24.94
N SER B 164 -7.15 -30.41 -25.38
CA SER B 164 -7.92 -31.54 -25.89
C SER B 164 -8.52 -32.42 -24.78
N PHE B 165 -8.13 -32.16 -23.53
CA PHE B 165 -8.58 -32.94 -22.40
C PHE B 165 -9.88 -32.38 -21.83
N PRO B 166 -10.99 -33.15 -21.89
CA PRO B 166 -12.26 -32.65 -21.35
C PRO B 166 -12.26 -32.35 -19.87
N ASN B 167 -11.41 -33.02 -19.08
CA ASN B 167 -11.28 -32.71 -17.66
C ASN B 167 -10.33 -31.52 -17.34
N LEU B 168 -9.91 -30.76 -18.36
CA LEU B 168 -9.26 -29.47 -18.15
C LEU B 168 -10.36 -28.49 -17.82
N LEU B 169 -10.52 -28.21 -16.53
CA LEU B 169 -11.57 -27.33 -16.00
C LEU B 169 -11.41 -25.87 -16.40
N GLY B 170 -10.18 -25.37 -16.34
CA GLY B 170 -9.93 -23.95 -16.61
C GLY B 170 -8.45 -23.59 -16.61
N TYR B 171 -8.15 -22.43 -17.18
CA TYR B 171 -6.80 -21.90 -17.24
C TYR B 171 -6.71 -20.63 -16.41
N PHE B 172 -5.66 -20.51 -15.60
CA PHE B 172 -5.28 -19.27 -14.94
C PHE B 172 -4.26 -18.51 -15.80
N ALA B 173 -4.64 -17.29 -16.21
CA ALA B 173 -3.78 -16.40 -16.98
C ALA B 173 -2.83 -15.61 -16.10
N GLY B 174 -3.05 -15.63 -14.79
CA GLY B 174 -2.08 -15.08 -13.85
C GLY B 174 -2.37 -15.55 -12.44
N ASN B 175 -1.37 -15.44 -11.58
CA ASN B 175 -1.47 -15.80 -10.18
C ASN B 175 -0.79 -14.73 -9.33
N GLU B 176 -1.58 -13.92 -8.63
CA GLU B 176 -1.06 -12.92 -7.68
C GLU B 176 -0.03 -11.96 -8.31
N VAL B 177 -0.35 -11.41 -9.48
CA VAL B 177 0.57 -10.49 -10.15
C VAL B 177 0.56 -9.18 -9.36
N THR B 178 -0.50 -8.39 -9.45
CA THR B 178 -0.72 -7.35 -8.46
C THR B 178 -0.95 -8.04 -7.11
N ASN B 179 -0.14 -7.71 -6.12
CA ASN B 179 -0.32 -8.23 -4.75
C ASN B 179 -0.46 -7.18 -3.64
N ASP B 180 -0.29 -5.90 -3.97
CA ASP B 180 -0.53 -4.80 -3.01
C ASP B 180 -0.75 -3.47 -3.75
N HIS B 181 -0.97 -2.40 -2.99
CA HIS B 181 -1.32 -1.09 -3.53
C HIS B 181 -0.21 -0.41 -4.38
N THR B 182 1.01 -0.93 -4.36
CA THR B 182 2.13 -0.36 -5.12
C THR B 182 2.42 -1.05 -6.46
N ASN B 183 1.64 -2.07 -6.84
CA ASN B 183 1.82 -2.71 -8.15
C ASN B 183 0.52 -3.04 -8.87
N THR B 184 -0.49 -2.16 -8.69
CA THR B 184 -1.77 -2.33 -9.35
C THR B 184 -1.68 -2.08 -10.86
N PHE B 185 -0.65 -1.33 -11.27
CA PHE B 185 -0.32 -1.13 -12.69
C PHE B 185 0.10 -2.38 -13.45
N ALA B 186 0.38 -3.48 -12.74
CA ALA B 186 0.56 -4.78 -13.37
C ALA B 186 -0.75 -5.38 -13.92
N SER B 187 -1.91 -4.95 -13.40
CA SER B 187 -3.17 -5.63 -13.73
C SER B 187 -3.65 -5.47 -15.19
N PRO B 188 -3.40 -4.31 -15.86
CA PRO B 188 -3.71 -4.26 -17.30
C PRO B 188 -2.97 -5.30 -18.16
N PHE B 189 -1.78 -5.71 -17.73
CA PHE B 189 -1.00 -6.70 -18.45
C PHE B 189 -1.63 -8.07 -18.32
N VAL B 190 -2.26 -8.33 -17.18
CA VAL B 190 -2.96 -9.59 -16.95
C VAL B 190 -4.24 -9.66 -17.76
N LYS B 191 -4.96 -8.53 -17.82
CA LYS B 191 -6.13 -8.45 -18.69
C LYS B 191 -5.79 -8.68 -20.14
N ALA B 192 -4.69 -8.08 -20.62
CA ALA B 192 -4.20 -8.35 -21.98
C ALA B 192 -3.96 -9.84 -22.20
N ALA B 193 -3.35 -10.50 -21.22
CA ALA B 193 -3.11 -11.94 -21.29
C ALA B 193 -4.40 -12.77 -21.31
N ILE B 194 -5.39 -12.39 -20.50
CA ILE B 194 -6.73 -13.02 -20.53
C ILE B 194 -7.38 -12.89 -21.92
N ARG B 195 -7.44 -11.65 -22.42
CA ARG B 195 -7.96 -11.36 -23.75
C ARG B 195 -7.28 -12.24 -24.81
N ASP B 196 -5.96 -12.23 -24.80
CA ASP B 196 -5.20 -12.92 -25.86
C ASP B 196 -5.26 -14.45 -25.75
N ALA B 197 -5.28 -14.95 -24.52
CA ALA B 197 -5.45 -16.39 -24.29
C ALA B 197 -6.83 -16.82 -24.79
N LYS B 198 -7.86 -16.03 -24.45
CA LYS B 198 -9.22 -16.31 -24.89
C LYS B 198 -9.38 -16.29 -26.41
N GLU B 199 -8.87 -15.24 -27.06
CA GLU B 199 -8.93 -15.15 -28.53
C GLU B 199 -8.18 -16.31 -29.22
N TYR B 200 -7.02 -16.70 -28.67
CA TYR B 200 -6.28 -17.86 -29.19
C TYR B 200 -7.06 -19.17 -29.03
N ILE B 201 -7.72 -19.35 -27.89
CA ILE B 201 -8.63 -20.48 -27.70
C ILE B 201 -9.84 -20.39 -28.65
N SER B 202 -10.43 -19.21 -28.75
CA SER B 202 -11.58 -18.96 -29.64
C SER B 202 -11.28 -19.28 -31.11
N HIS B 203 -10.14 -18.80 -31.59
CA HIS B 203 -9.68 -19.05 -32.97
C HIS B 203 -9.18 -20.49 -33.20
N SER B 204 -8.83 -21.22 -32.14
CA SER B 204 -8.44 -22.62 -32.28
C SER B 204 -9.65 -23.51 -32.60
N ASN B 205 -9.36 -24.79 -32.85
CA ASN B 205 -10.41 -25.81 -32.98
C ASN B 205 -10.66 -26.56 -31.66
N HIS B 206 -10.31 -25.94 -30.53
CA HIS B 206 -10.49 -26.55 -29.21
C HIS B 206 -11.86 -26.17 -28.65
N ARG B 207 -12.33 -26.98 -27.71
CA ARG B 207 -13.38 -26.59 -26.76
C ARG B 207 -12.97 -25.25 -26.13
N LYS B 208 -13.92 -24.34 -25.92
CA LYS B 208 -13.62 -23.02 -25.36
C LYS B 208 -13.44 -23.08 -23.83
N ILE B 209 -12.26 -23.53 -23.43
CA ILE B 209 -11.92 -23.70 -22.02
C ILE B 209 -11.85 -22.31 -21.36
N PRO B 210 -12.54 -22.11 -20.22
CA PRO B 210 -12.55 -20.78 -19.62
C PRO B 210 -11.16 -20.35 -19.15
N VAL B 211 -10.94 -19.03 -19.17
CA VAL B 211 -9.68 -18.43 -18.75
C VAL B 211 -9.97 -17.46 -17.61
N GLY B 212 -9.32 -17.70 -16.47
CA GLY B 212 -9.56 -16.91 -15.27
C GLY B 212 -8.32 -16.32 -14.64
N TYR B 213 -8.47 -15.91 -13.39
CA TYR B 213 -7.39 -15.28 -12.63
C TYR B 213 -7.40 -15.75 -11.17
N SER B 214 -6.19 -15.95 -10.61
CA SER B 214 -6.02 -16.26 -9.20
C SER B 214 -5.38 -15.08 -8.46
N THR B 215 -6.01 -14.63 -7.38
CA THR B 215 -5.59 -13.43 -6.64
C THR B 215 -5.21 -13.75 -5.18
N ASN B 216 -4.39 -12.88 -4.59
CA ASN B 216 -4.02 -12.96 -3.17
C ASN B 216 -5.13 -12.32 -2.32
N ASP B 217 -4.83 -11.97 -1.07
CA ASP B 217 -5.84 -11.49 -0.15
C ASP B 217 -5.35 -10.28 0.63
N ASP B 218 -4.99 -9.24 -0.10
CA ASP B 218 -4.52 -7.99 0.50
C ASP B 218 -5.71 -7.04 0.62
N ALA B 219 -5.97 -6.59 1.85
CA ALA B 219 -7.22 -5.85 2.15
C ALA B 219 -7.35 -4.49 1.44
N MET B 220 -6.23 -3.82 1.15
CA MET B 220 -6.28 -2.57 0.39
C MET B 220 -6.65 -2.76 -1.10
N THR B 221 -6.30 -3.90 -1.68
CA THR B 221 -6.47 -4.10 -3.13
C THR B 221 -7.55 -5.08 -3.55
N ARG B 222 -8.11 -5.86 -2.62
CA ARG B 222 -8.93 -7.00 -3.03
C ARG B 222 -10.29 -6.63 -3.64
N ASP B 223 -10.95 -5.58 -3.12
CA ASP B 223 -12.22 -5.13 -3.70
C ASP B 223 -12.00 -4.57 -5.12
N ASN B 224 -11.00 -3.71 -5.28
CA ASN B 224 -10.62 -3.19 -6.59
C ASN B 224 -10.19 -4.27 -7.59
N LEU B 225 -9.41 -5.25 -7.14
CA LEU B 225 -9.00 -6.35 -8.03
C LEU B 225 -10.20 -7.14 -8.54
N ALA B 226 -11.10 -7.52 -7.62
CA ALA B 226 -12.30 -8.28 -7.98
C ALA B 226 -13.21 -7.50 -8.95
N ARG B 227 -13.36 -6.21 -8.69
CA ARG B 227 -14.15 -5.31 -9.53
C ARG B 227 -13.54 -5.22 -10.92
N TYR B 228 -12.23 -4.99 -10.97
CA TYR B 228 -11.49 -4.80 -12.20
C TYR B 228 -11.58 -5.96 -13.17
N PHE B 229 -11.51 -7.19 -12.66
CA PHE B 229 -11.48 -8.37 -13.55
C PHE B 229 -12.85 -8.76 -14.13
N VAL B 230 -13.92 -8.11 -13.67
CA VAL B 230 -15.24 -8.27 -14.31
C VAL B 230 -15.77 -6.97 -14.93
N CYS B 231 -14.93 -5.94 -15.03
CA CYS B 231 -15.35 -4.65 -15.59
C CYS B 231 -14.82 -4.49 -17.02
N GLY B 232 -15.37 -3.51 -17.74
CA GLY B 232 -14.92 -3.17 -19.08
C GLY B 232 -15.17 -4.27 -20.10
N ASP B 233 -14.37 -4.25 -21.16
CA ASP B 233 -14.54 -5.13 -22.32
C ASP B 233 -13.85 -6.49 -22.17
N VAL B 234 -12.79 -6.57 -21.37
CA VAL B 234 -12.08 -7.83 -21.15
C VAL B 234 -12.35 -8.25 -19.72
N LYS B 235 -12.85 -9.49 -19.58
CA LYS B 235 -13.20 -10.04 -18.27
C LYS B 235 -12.63 -11.45 -18.07
N ALA B 236 -12.28 -11.74 -16.82
CA ALA B 236 -11.97 -13.11 -16.41
C ALA B 236 -13.24 -13.95 -16.53
N ASP B 237 -13.08 -15.24 -16.82
CA ASP B 237 -14.23 -16.19 -16.83
C ASP B 237 -14.57 -16.75 -15.45
N PHE B 238 -13.56 -16.88 -14.60
CA PHE B 238 -13.74 -17.28 -13.22
C PHE B 238 -12.64 -16.63 -12.38
N TYR B 239 -12.84 -16.67 -11.06
CA TYR B 239 -12.00 -15.92 -10.13
C TYR B 239 -11.70 -16.76 -8.90
N GLY B 240 -10.42 -17.06 -8.68
CA GLY B 240 -9.95 -17.75 -7.48
C GLY B 240 -9.24 -16.82 -6.51
N ILE B 241 -9.50 -16.99 -5.21
CA ILE B 241 -8.81 -16.25 -4.15
C ILE B 241 -7.99 -17.24 -3.33
N ASN B 242 -6.73 -16.88 -3.11
CA ASN B 242 -5.84 -17.68 -2.27
C ASN B 242 -6.15 -17.25 -0.85
N MET B 243 -6.94 -18.06 -0.16
CA MET B 243 -7.72 -17.64 1.00
C MET B 243 -7.20 -18.35 2.23
N TYR B 244 -6.50 -17.61 3.10
CA TYR B 244 -5.86 -18.17 4.29
C TYR B 244 -6.38 -17.58 5.60
N GLU B 245 -7.54 -16.92 5.57
CA GLU B 245 -8.07 -16.23 6.73
C GLU B 245 -8.47 -17.12 7.93
N TRP B 246 -8.83 -18.37 7.67
CA TRP B 246 -9.29 -19.30 8.70
C TRP B 246 -8.13 -20.15 9.22
N CYS B 247 -7.66 -19.84 10.43
CA CYS B 247 -6.58 -20.61 11.07
C CYS B 247 -7.10 -21.36 12.29
N GLY B 248 -6.68 -22.62 12.42
CA GLY B 248 -7.08 -23.49 13.51
C GLY B 248 -8.58 -23.65 13.61
N TYR B 249 -9.07 -23.69 14.85
CA TYR B 249 -10.49 -23.84 15.15
C TYR B 249 -11.18 -22.48 15.17
N SER B 250 -11.28 -21.86 13.99
CA SER B 250 -11.94 -20.57 13.83
C SER B 250 -13.42 -20.80 13.54
N THR B 251 -14.12 -19.72 13.20
CA THR B 251 -15.52 -19.79 12.83
C THR B 251 -15.80 -18.91 11.61
N TYR B 252 -16.98 -19.11 11.07
CA TYR B 252 -17.50 -18.34 9.96
C TYR B 252 -17.47 -16.85 10.27
N GLY B 253 -17.95 -16.49 11.47
CA GLY B 253 -18.05 -15.10 11.92
C GLY B 253 -16.78 -14.47 12.46
N THR B 254 -15.77 -15.25 12.86
CA THR B 254 -14.52 -14.71 13.40
C THR B 254 -13.32 -14.73 12.43
N SER B 255 -13.38 -15.62 11.42
CA SER B 255 -12.31 -15.76 10.43
C SER B 255 -12.23 -14.62 9.43
N GLY B 256 -13.37 -14.01 9.12
CA GLY B 256 -13.50 -13.13 7.95
C GLY B 256 -14.29 -13.76 6.82
N TYR B 257 -14.51 -15.09 6.85
CA TYR B 257 -15.27 -15.79 5.80
C TYR B 257 -16.64 -15.16 5.54
N ARG B 258 -17.34 -14.78 6.60
CA ARG B 258 -18.64 -14.15 6.48
C ARG B 258 -18.57 -12.86 5.66
N GLU B 259 -17.63 -11.98 6.01
CA GLU B 259 -17.55 -10.70 5.29
C GLU B 259 -17.06 -10.86 3.83
N ARG B 260 -16.15 -11.80 3.57
CA ARG B 260 -15.76 -12.14 2.17
C ARG B 260 -16.97 -12.64 1.36
N THR B 261 -17.78 -13.49 2.00
CA THR B 261 -18.98 -14.07 1.39
C THR B 261 -20.01 -13.00 1.03
N LYS B 262 -20.25 -12.07 1.96
CA LYS B 262 -21.13 -10.93 1.69
C LYS B 262 -20.64 -10.07 0.53
N GLU B 263 -19.36 -9.74 0.53
CA GLU B 263 -18.84 -8.87 -0.53
C GLU B 263 -18.77 -9.54 -1.91
N PHE B 264 -18.67 -10.87 -1.96
CA PHE B 264 -18.72 -11.61 -3.24
C PHE B 264 -20.11 -12.04 -3.69
N GLU B 265 -21.14 -11.79 -2.88
CA GLU B 265 -22.51 -12.16 -3.22
C GLU B 265 -22.97 -11.41 -4.48
N GLY B 266 -23.52 -12.15 -5.44
CA GLY B 266 -23.92 -11.58 -6.73
C GLY B 266 -22.80 -11.21 -7.67
N TYR B 267 -21.56 -11.63 -7.40
CA TYR B 267 -20.44 -11.42 -8.29
C TYR B 267 -20.75 -12.20 -9.57
N PRO B 268 -20.49 -11.61 -10.77
CA PRO B 268 -21.09 -12.18 -12.00
C PRO B 268 -20.38 -13.38 -12.66
N ILE B 269 -19.26 -13.84 -12.08
CA ILE B 269 -18.58 -15.04 -12.58
C ILE B 269 -18.35 -16.00 -11.42
N PRO B 270 -18.12 -17.30 -11.70
CA PRO B 270 -17.79 -18.23 -10.61
C PRO B 270 -16.58 -17.79 -9.77
N VAL B 271 -16.67 -17.97 -8.46
CA VAL B 271 -15.61 -17.57 -7.57
C VAL B 271 -15.42 -18.67 -6.52
N PHE B 272 -14.15 -18.96 -6.22
CA PHE B 272 -13.82 -20.07 -5.34
C PHE B 272 -12.50 -19.77 -4.65
N PHE B 273 -12.14 -20.63 -3.70
CA PHE B 273 -10.83 -20.53 -3.06
C PHE B 273 -9.84 -21.32 -3.90
N SER B 274 -9.01 -20.61 -4.64
CA SER B 274 -7.94 -21.26 -5.42
C SER B 274 -6.86 -21.89 -4.54
N GLU B 275 -6.79 -21.47 -3.28
CA GLU B 275 -5.99 -22.11 -2.24
C GLU B 275 -6.70 -21.88 -0.90
N PHE B 276 -6.56 -22.84 0.01
CA PHE B 276 -6.89 -22.65 1.44
C PHE B 276 -6.14 -23.64 2.31
N GLY B 277 -6.10 -23.34 3.61
CA GLY B 277 -5.59 -24.26 4.62
C GLY B 277 -4.43 -23.72 5.42
N CYS B 278 -4.68 -22.62 6.14
CA CYS B 278 -3.71 -22.04 7.10
C CYS B 278 -3.16 -23.12 8.04
N ASN B 279 -1.83 -23.21 8.16
CA ASN B 279 -1.18 -24.23 8.99
C ASN B 279 -0.68 -23.78 10.37
N LEU B 280 -1.27 -22.71 10.92
CA LEU B 280 -0.91 -22.17 12.25
C LEU B 280 -0.93 -23.26 13.30
N VAL B 281 -2.05 -23.98 13.37
CA VAL B 281 -2.22 -25.17 14.21
C VAL B 281 -1.97 -26.42 13.35
N ARG B 282 -1.01 -27.25 13.77
CA ARG B 282 -0.73 -28.54 13.13
C ARG B 282 -0.98 -29.64 14.19
N PRO B 283 -1.74 -30.70 13.90
CA PRO B 283 -2.37 -30.95 12.60
C PRO B 283 -3.51 -29.97 12.28
N ARG B 284 -3.64 -29.61 11.01
CA ARG B 284 -4.72 -28.72 10.56
C ARG B 284 -6.03 -29.48 10.64
N PRO B 285 -7.02 -28.96 11.40
CA PRO B 285 -8.31 -29.65 11.45
C PRO B 285 -9.17 -29.45 10.21
N PHE B 286 -8.90 -28.42 9.41
CA PHE B 286 -9.67 -28.11 8.19
C PHE B 286 -11.15 -27.89 8.44
N THR B 287 -11.50 -27.32 9.60
CA THR B 287 -12.90 -27.01 9.90
C THR B 287 -13.51 -25.95 8.96
N GLU B 288 -12.66 -25.16 8.29
CA GLU B 288 -13.14 -24.24 7.23
C GLU B 288 -13.95 -24.94 6.13
N VAL B 289 -13.62 -26.22 5.87
CA VAL B 289 -14.32 -27.02 4.88
C VAL B 289 -15.83 -27.14 5.17
N SER B 290 -16.21 -27.29 6.45
CA SER B 290 -17.63 -27.33 6.83
C SER B 290 -18.34 -26.03 6.49
N ALA B 291 -17.67 -24.90 6.73
CA ALA B 291 -18.23 -23.60 6.41
C ALA B 291 -18.35 -23.42 4.89
N LEU B 292 -17.27 -23.70 4.16
CA LEU B 292 -17.22 -23.49 2.70
C LEU B 292 -18.37 -24.17 1.93
N TYR B 293 -18.69 -25.40 2.31
CA TYR B 293 -19.74 -26.19 1.63
C TYR B 293 -21.11 -26.17 2.31
N GLY B 294 -21.24 -25.41 3.41
CA GLY B 294 -22.55 -25.12 4.04
C GLY B 294 -23.42 -24.25 3.16
N ASN B 295 -24.70 -24.14 3.53
CA ASN B 295 -25.70 -23.45 2.68
C ASN B 295 -25.41 -21.98 2.45
N LYS B 296 -24.91 -21.28 3.47
CA LYS B 296 -24.57 -19.86 3.33
C LYS B 296 -23.50 -19.66 2.25
N MET B 297 -22.36 -20.32 2.43
CA MET B 297 -21.21 -20.14 1.52
C MET B 297 -21.38 -20.80 0.16
N SER B 298 -22.02 -21.97 0.11
CA SER B 298 -22.20 -22.67 -1.17
C SER B 298 -23.15 -21.97 -2.16
N SER B 299 -23.92 -20.99 -1.68
CA SER B 299 -24.70 -20.13 -2.57
C SER B 299 -23.88 -19.02 -3.24
N VAL B 300 -22.67 -18.76 -2.72
CA VAL B 300 -21.74 -17.78 -3.27
C VAL B 300 -20.52 -18.46 -3.91
N TRP B 301 -19.86 -19.33 -3.16
CA TRP B 301 -18.59 -19.90 -3.58
C TRP B 301 -18.78 -21.24 -4.30
N SER B 302 -17.99 -21.48 -5.34
CA SER B 302 -18.00 -22.75 -6.06
C SER B 302 -16.98 -23.75 -5.52
N GLY B 303 -16.71 -23.70 -4.22
CA GLY B 303 -15.83 -24.65 -3.55
C GLY B 303 -14.46 -24.06 -3.38
N GLY B 304 -13.46 -24.93 -3.37
CA GLY B 304 -12.08 -24.53 -3.11
C GLY B 304 -11.07 -25.67 -3.22
N LEU B 305 -9.79 -25.30 -3.29
CA LEU B 305 -8.71 -26.26 -3.32
C LEU B 305 -7.77 -26.05 -2.12
N ALA B 306 -7.54 -27.12 -1.35
CA ALA B 306 -6.62 -27.07 -0.23
C ALA B 306 -5.18 -26.94 -0.77
N TYR B 307 -4.34 -26.24 -0.03
CA TYR B 307 -2.92 -26.13 -0.35
C TYR B 307 -2.15 -26.86 0.76
N MET B 308 -1.38 -27.94 0.48
CA MET B 308 -1.29 -28.64 -0.80
C MET B 308 -1.01 -30.13 -0.53
N TYR B 309 -0.89 -30.92 -1.60
CA TYR B 309 -0.63 -32.35 -1.48
C TYR B 309 0.75 -32.70 -0.89
N PHE B 310 1.82 -32.31 -1.57
CA PHE B 310 3.20 -32.56 -1.12
C PHE B 310 3.66 -31.72 0.07
N GLU B 311 4.33 -32.37 1.02
CA GLU B 311 5.05 -31.67 2.11
C GLU B 311 6.40 -31.17 1.60
N GLU B 312 6.64 -29.86 1.72
CA GLU B 312 7.82 -29.23 1.13
C GLU B 312 8.56 -28.27 2.07
N GLU B 313 8.38 -28.43 3.38
CA GLU B 313 9.15 -27.69 4.39
C GLU B 313 8.80 -26.20 4.55
N ASN B 314 7.94 -25.65 3.70
CA ASN B 314 7.00 -24.62 4.15
C ASN B 314 5.84 -25.28 4.90
N GLU B 315 5.75 -26.61 4.81
CA GLU B 315 4.96 -27.46 5.71
C GLU B 315 3.46 -27.29 5.54
N TYR B 316 3.03 -27.33 4.28
CA TYR B 316 1.62 -27.24 3.92
C TYR B 316 1.10 -28.55 3.30
N GLY B 317 1.88 -29.64 3.42
CA GLY B 317 1.52 -30.93 2.83
C GLY B 317 0.49 -31.75 3.59
N VAL B 318 -0.21 -32.62 2.87
CA VAL B 318 -1.02 -33.68 3.48
C VAL B 318 -0.35 -35.06 3.37
N VAL B 319 0.64 -35.20 2.49
CA VAL B 319 1.52 -36.36 2.48
C VAL B 319 2.97 -35.94 2.36
N LYS B 320 3.85 -36.88 2.71
CA LYS B 320 5.29 -36.70 2.67
C LYS B 320 5.87 -37.81 1.81
N ILE B 321 6.75 -37.46 0.88
CA ILE B 321 7.42 -38.45 0.05
C ILE B 321 8.74 -38.80 0.73
N ASN B 322 8.89 -40.07 1.10
CA ASN B 322 10.13 -40.55 1.75
C ASN B 322 11.27 -40.73 0.73
N ASP B 323 12.45 -41.11 1.23
CA ASP B 323 13.64 -41.38 0.39
C ASP B 323 13.49 -42.60 -0.52
N ASN B 324 12.56 -43.49 -0.17
CA ASN B 324 12.21 -44.65 -1.00
C ASN B 324 11.12 -44.34 -2.06
N ASP B 325 10.72 -43.06 -2.17
CA ASP B 325 9.69 -42.56 -3.10
C ASP B 325 8.26 -43.08 -2.84
N GLY B 326 8.00 -43.52 -1.62
CA GLY B 326 6.64 -43.91 -1.20
C GLY B 326 5.93 -42.76 -0.53
N VAL B 327 4.60 -42.84 -0.52
CA VAL B 327 3.75 -41.84 0.12
C VAL B 327 3.54 -42.19 1.60
N ASP B 328 3.91 -41.26 2.49
CA ASP B 328 3.55 -41.32 3.91
C ASP B 328 2.46 -40.29 4.23
N ILE B 329 1.30 -40.80 4.62
CA ILE B 329 0.14 -40.00 4.96
C ILE B 329 0.41 -39.24 6.27
N LEU B 330 0.14 -37.93 6.27
CA LEU B 330 0.31 -37.12 7.47
C LEU B 330 -1.02 -36.99 8.20
N PRO B 331 -0.99 -36.57 9.48
CA PRO B 331 -2.23 -36.31 10.23
C PRO B 331 -3.22 -35.38 9.51
N ASP B 332 -2.70 -34.34 8.85
CA ASP B 332 -3.50 -33.42 8.02
C ASP B 332 -4.41 -34.11 6.99
N PHE B 333 -3.90 -35.18 6.38
CA PHE B 333 -4.63 -35.92 5.33
C PHE B 333 -6.00 -36.39 5.80
N LYS B 334 -6.03 -37.12 6.92
CA LYS B 334 -7.28 -37.73 7.32
C LYS B 334 -8.27 -36.73 7.92
N ASN B 335 -7.79 -35.59 8.41
CA ASN B 335 -8.69 -34.47 8.74
C ASN B 335 -9.36 -33.91 7.48
N LEU B 336 -8.57 -33.70 6.43
CA LEU B 336 -9.11 -33.16 5.18
C LEU B 336 -10.07 -34.16 4.53
N LYS B 337 -9.67 -35.43 4.51
CA LYS B 337 -10.52 -36.56 4.08
C LYS B 337 -11.88 -36.58 4.79
N LYS B 338 -11.85 -36.47 6.12
CA LYS B 338 -13.06 -36.49 6.93
C LYS B 338 -13.96 -35.30 6.60
N GLU B 339 -13.36 -34.12 6.48
CA GLU B 339 -14.12 -32.91 6.17
C GLU B 339 -14.71 -32.92 4.75
N PHE B 340 -13.94 -33.39 3.75
CA PHE B 340 -14.46 -33.49 2.37
C PHE B 340 -15.59 -34.51 2.25
N ALA B 341 -15.47 -35.63 2.98
CA ALA B 341 -16.52 -36.67 3.00
C ALA B 341 -17.85 -36.18 3.60
N LYS B 342 -17.75 -35.35 4.63
CA LYS B 342 -18.94 -34.77 5.28
C LYS B 342 -19.56 -33.67 4.43
N ALA B 343 -18.73 -32.94 3.66
CA ALA B 343 -19.19 -31.78 2.89
C ALA B 343 -20.09 -32.22 1.75
N ASP B 344 -21.27 -31.61 1.67
CA ASP B 344 -22.29 -31.99 0.69
C ASP B 344 -23.00 -30.71 0.21
N PRO B 345 -22.35 -29.96 -0.71
CA PRO B 345 -22.92 -28.68 -1.11
C PRO B 345 -24.25 -28.80 -1.84
N LYS B 346 -25.25 -28.07 -1.35
CA LYS B 346 -26.57 -28.02 -1.99
C LYS B 346 -26.49 -26.95 -3.06
N GLY B 347 -26.51 -27.37 -4.32
CA GLY B 347 -26.46 -26.47 -5.44
C GLY B 347 -27.84 -26.30 -6.06
N ILE B 348 -27.83 -25.93 -7.33
CA ILE B 348 -29.03 -25.84 -8.15
C ILE B 348 -28.73 -26.40 -9.52
N THR B 349 -29.78 -26.81 -10.22
CA THR B 349 -29.64 -27.39 -11.55
C THR B 349 -29.52 -26.28 -12.58
N GLU B 350 -28.82 -26.57 -13.67
CA GLU B 350 -28.69 -25.63 -14.80
C GLU B 350 -30.03 -25.09 -15.26
N GLU B 351 -31.01 -25.98 -15.44
CA GLU B 351 -32.31 -25.59 -16.03
C GLU B 351 -33.13 -24.68 -15.12
N GLU B 352 -33.09 -24.90 -13.81
CA GLU B 352 -33.77 -23.98 -12.89
C GLU B 352 -33.03 -22.65 -12.71
N TYR B 353 -31.70 -22.68 -12.76
CA TYR B 353 -30.89 -21.43 -12.76
C TYR B 353 -31.20 -20.54 -13.96
N LEU B 354 -31.41 -21.15 -15.14
CA LEU B 354 -31.74 -20.40 -16.36
C LEU B 354 -33.07 -19.63 -16.32
N THR B 355 -34.01 -20.03 -15.45
CA THR B 355 -35.25 -19.26 -15.24
C THR B 355 -35.13 -18.31 -14.04
N VAL B 365 -19.21 -4.41 -15.30
CA VAL B 365 -19.56 -3.38 -14.33
C VAL B 365 -18.68 -2.14 -14.53
N GLU B 366 -18.85 -1.15 -13.65
CA GLU B 366 -17.98 0.03 -13.67
C GLU B 366 -16.60 -0.31 -13.12
N CYS B 367 -15.56 0.00 -13.90
CA CYS B 367 -14.19 -0.19 -13.47
C CYS B 367 -13.84 0.73 -12.30
N PRO B 368 -12.85 0.34 -11.46
CA PRO B 368 -12.52 1.22 -10.35
C PRO B 368 -11.92 2.53 -10.82
N HIS B 369 -12.15 3.60 -10.06
CA HIS B 369 -11.60 4.91 -10.37
C HIS B 369 -10.08 4.90 -10.17
N ILE B 370 -9.37 5.63 -11.01
CA ILE B 370 -7.93 5.77 -10.88
C ILE B 370 -7.64 6.72 -9.70
N ALA B 371 -6.74 6.31 -8.83
CA ALA B 371 -6.38 7.07 -7.64
C ALA B 371 -4.94 6.76 -7.29
N VAL B 372 -4.11 7.79 -7.34
CA VAL B 372 -2.66 7.65 -7.25
C VAL B 372 -2.30 7.01 -5.90
N GLY B 373 -1.41 6.03 -5.93
CA GLY B 373 -1.03 5.25 -4.74
C GLY B 373 -2.01 4.18 -4.25
N VAL B 374 -3.23 4.14 -4.82
CA VAL B 374 -4.29 3.25 -4.36
C VAL B 374 -4.73 2.29 -5.47
N TRP B 375 -5.19 2.83 -6.61
CA TRP B 375 -5.52 2.04 -7.80
C TRP B 375 -5.04 2.72 -9.09
N GLU B 376 -4.10 2.05 -9.78
CA GLU B 376 -3.35 2.61 -10.91
C GLU B 376 -3.39 1.70 -12.16
N ALA B 377 -4.48 0.96 -12.35
CA ALA B 377 -4.65 0.14 -13.55
C ALA B 377 -5.36 0.95 -14.63
N ASN B 378 -4.59 1.48 -15.58
CA ASN B 378 -5.17 2.19 -16.73
C ASN B 378 -6.08 1.23 -17.51
N GLU B 379 -7.16 1.76 -18.08
CA GLU B 379 -8.08 0.91 -18.85
C GLU B 379 -7.52 0.59 -20.24
N LYS B 380 -6.62 1.44 -20.73
CA LYS B 380 -5.85 1.17 -21.94
C LYS B 380 -4.92 -0.05 -21.72
N LEU B 381 -5.23 -1.18 -22.35
CA LEU B 381 -4.44 -2.40 -22.22
C LEU B 381 -3.30 -2.44 -23.23
N PRO B 382 -2.22 -3.17 -22.92
CA PRO B 382 -1.21 -3.41 -23.96
C PRO B 382 -1.75 -4.30 -25.09
N GLU B 383 -1.17 -4.13 -26.27
CA GLU B 383 -1.69 -4.79 -27.47
C GLU B 383 -1.22 -6.23 -27.49
N THR B 384 -1.85 -6.99 -28.37
CA THR B 384 -1.47 -8.36 -28.60
C THR B 384 -0.04 -8.40 -29.12
N PRO B 385 0.84 -9.20 -28.47
CA PRO B 385 2.22 -9.21 -28.95
C PRO B 385 2.34 -9.68 -30.41
N ASP B 386 3.26 -9.06 -31.14
CA ASP B 386 3.37 -9.20 -32.60
C ASP B 386 4.73 -9.87 -32.91
N ARG B 387 4.70 -11.20 -32.91
CA ARG B 387 5.86 -12.06 -33.14
C ARG B 387 6.65 -11.70 -34.40
N SER B 388 5.95 -11.50 -35.50
CA SER B 388 6.59 -11.18 -36.78
C SER B 388 7.30 -9.84 -36.75
N LYS B 389 6.64 -8.84 -36.16
CA LYS B 389 7.27 -7.54 -36.01
C LYS B 389 8.58 -7.67 -35.20
N CYS B 390 8.50 -8.29 -34.03
CA CYS B 390 9.69 -8.45 -33.18
C CYS B 390 10.77 -9.32 -33.82
N ALA B 391 10.36 -10.40 -34.49
CA ALA B 391 11.29 -11.25 -35.25
C ALA B 391 12.11 -10.46 -36.25
N CYS B 392 11.54 -9.40 -36.84
CA CYS B 392 12.28 -8.50 -37.73
C CYS B 392 13.48 -7.82 -37.09
N LEU B 393 13.41 -7.51 -35.80
CA LEU B 393 14.55 -6.94 -35.07
C LEU B 393 15.74 -7.87 -35.10
N ASP B 394 15.49 -9.18 -34.97
CA ASP B 394 16.55 -10.21 -35.01
C ASP B 394 17.29 -10.24 -36.35
N GLU B 395 16.59 -9.87 -37.42
CA GLU B 395 17.17 -9.79 -38.74
C GLU B 395 17.93 -8.49 -38.99
N ILE B 396 17.35 -7.35 -38.61
CA ILE B 396 17.89 -6.05 -39.00
C ILE B 396 18.86 -5.38 -38.03
N LEU B 397 18.82 -5.73 -36.75
CA LEU B 397 19.63 -4.99 -35.77
C LEU B 397 21.14 -5.31 -35.87
N PRO B 398 22.01 -4.27 -35.88
CA PRO B 398 23.45 -4.54 -35.94
C PRO B 398 24.03 -5.19 -34.68
N CYS B 399 23.46 -4.86 -33.52
CA CYS B 399 23.97 -5.35 -32.25
C CYS B 399 22.90 -6.16 -31.54
N GLU B 400 23.27 -7.38 -31.17
CA GLU B 400 22.38 -8.33 -30.54
C GLU B 400 23.01 -8.84 -29.28
N ILE B 401 22.20 -9.38 -28.38
CA ILE B 401 22.72 -9.95 -27.15
C ILE B 401 21.99 -11.28 -26.91
N VAL B 402 22.77 -12.32 -26.59
CA VAL B 402 22.18 -13.62 -26.25
C VAL B 402 21.63 -13.49 -24.83
N PRO B 403 20.51 -14.17 -24.51
CA PRO B 403 19.86 -13.97 -23.19
C PRO B 403 20.80 -14.10 -21.99
N PHE B 404 20.62 -13.22 -21.00
CA PHE B 404 21.39 -13.14 -19.72
C PHE B 404 22.77 -12.47 -19.91
N GLY B 409 20.15 -10.03 -13.21
CA GLY B 409 20.71 -8.76 -12.74
C GLY B 409 21.29 -7.86 -13.81
N LYS B 410 21.73 -8.45 -14.92
CA LYS B 410 22.42 -7.71 -15.98
C LYS B 410 21.45 -6.82 -16.79
N TYR B 411 20.18 -7.24 -16.89
CA TYR B 411 19.20 -6.47 -17.67
C TYR B 411 18.96 -5.09 -17.06
N GLU B 412 18.68 -5.06 -15.77
CA GLU B 412 18.42 -3.80 -15.06
C GLU B 412 19.59 -2.85 -15.16
N GLU B 413 20.80 -3.38 -14.96
CA GLU B 413 22.04 -2.60 -15.14
C GLU B 413 22.18 -2.07 -16.55
N TYR B 414 22.03 -2.95 -17.54
CA TYR B 414 22.21 -2.53 -18.94
C TYR B 414 21.12 -1.61 -19.45
N PHE B 415 19.87 -1.82 -19.06
CA PHE B 415 18.79 -0.85 -19.38
C PHE B 415 19.04 0.52 -18.77
N SER B 416 19.34 0.58 -17.47
CA SER B 416 19.71 1.85 -16.82
C SER B 416 20.82 2.55 -17.55
N TYR B 417 21.87 1.80 -17.86
CA TYR B 417 23.00 2.32 -18.60
C TYR B 417 22.64 2.82 -20.01
N LEU B 418 22.06 1.94 -20.82
CA LEU B 418 21.78 2.28 -22.22
C LEU B 418 20.70 3.36 -22.35
N CYS B 419 19.67 3.30 -21.51
CA CYS B 419 18.63 4.32 -21.53
C CYS B 419 19.09 5.72 -21.08
N SER B 420 20.27 5.83 -20.47
CA SER B 420 20.90 7.15 -20.22
C SER B 420 21.58 7.71 -21.46
N LYS B 421 21.89 6.87 -22.46
CA LYS B 421 22.55 7.28 -23.71
C LYS B 421 21.62 7.41 -24.90
N VAL B 422 20.53 6.63 -24.93
CA VAL B 422 19.54 6.72 -26.02
C VAL B 422 18.11 6.69 -25.47
N ASP B 423 17.16 7.06 -26.31
CA ASP B 423 15.75 7.15 -25.92
C ASP B 423 15.09 5.77 -25.90
N CYS B 424 14.74 5.30 -24.70
CA CYS B 424 14.11 3.98 -24.50
C CYS B 424 12.59 3.95 -24.54
N SER B 425 11.93 5.06 -24.87
CA SER B 425 10.47 5.13 -24.93
C SER B 425 9.83 4.03 -25.78
N ASP B 426 10.50 3.64 -26.86
CA ASP B 426 9.97 2.61 -27.76
C ASP B 426 9.86 1.19 -27.15
N ILE B 427 10.53 0.93 -26.02
CA ILE B 427 10.37 -0.33 -25.30
C ILE B 427 9.71 -0.24 -23.92
N LEU B 428 9.48 0.98 -23.42
CA LEU B 428 8.86 1.16 -22.12
C LEU B 428 7.35 0.82 -22.19
N ALA B 429 6.83 0.28 -21.10
CA ALA B 429 5.41 -0.04 -20.95
C ALA B 429 4.99 0.46 -19.57
N ASN B 430 3.95 1.30 -19.54
CA ASN B 430 3.47 1.87 -18.31
C ASN B 430 1.97 1.59 -18.15
N GLY B 431 1.67 0.66 -17.25
CA GLY B 431 0.28 0.31 -16.94
C GLY B 431 -0.52 1.37 -16.22
N LYS B 432 0.15 2.40 -15.68
CA LYS B 432 -0.50 3.49 -14.94
C LYS B 432 -1.02 4.54 -15.91
N THR B 433 -0.15 4.96 -16.81
CA THR B 433 -0.46 5.97 -17.80
C THR B 433 -1.07 5.39 -19.07
N GLY B 434 -0.93 4.09 -19.28
CA GLY B 434 -1.35 3.46 -20.53
C GLY B 434 -0.48 3.81 -21.73
N GLU B 435 0.78 4.19 -21.49
CA GLU B 435 1.75 4.37 -22.57
C GLU B 435 2.52 3.07 -22.81
N TYR B 436 2.44 2.56 -24.04
CA TYR B 436 3.13 1.34 -24.42
C TYR B 436 3.94 1.64 -25.67
N GLY B 437 5.26 1.54 -25.57
CA GLY B 437 6.16 1.80 -26.70
C GLY B 437 5.95 0.80 -27.82
N GLU B 438 6.37 1.20 -29.02
CA GLU B 438 6.12 0.44 -30.24
C GLU B 438 6.76 -0.97 -30.24
N PHE B 439 7.86 -1.14 -29.54
CA PHE B 439 8.49 -2.46 -29.39
C PHE B 439 8.43 -2.99 -27.96
N SER B 440 7.47 -2.49 -27.18
CA SER B 440 7.29 -2.91 -25.78
C SER B 440 6.79 -4.34 -25.64
N ASP B 441 6.23 -4.88 -26.72
CA ASP B 441 5.78 -6.27 -26.78
C ASP B 441 6.87 -7.28 -27.17
N CYS B 442 8.07 -6.80 -27.47
CA CYS B 442 9.17 -7.69 -27.86
C CYS B 442 9.81 -8.33 -26.63
N SER B 443 10.66 -9.33 -26.85
CA SER B 443 11.34 -10.00 -25.76
C SER B 443 12.34 -9.04 -25.14
N VAL B 444 12.76 -9.35 -23.92
CA VAL B 444 13.69 -8.52 -23.17
CA VAL B 444 13.67 -8.49 -23.20
C VAL B 444 15.01 -8.35 -23.95
N GLU B 445 15.52 -9.44 -24.52
CA GLU B 445 16.79 -9.42 -25.29
C GLU B 445 16.66 -8.59 -26.56
N GLN B 446 15.54 -8.73 -27.24
CA GLN B 446 15.25 -7.90 -28.42
C GLN B 446 15.20 -6.42 -28.03
N LYS B 447 14.56 -6.11 -26.89
CA LYS B 447 14.47 -4.73 -26.39
C LYS B 447 15.84 -4.16 -26.06
N LEU B 448 16.68 -4.95 -25.38
CA LEU B 448 18.06 -4.57 -25.03
C LEU B 448 18.87 -4.35 -26.32
N SER B 449 18.81 -5.33 -27.22
CA SER B 449 19.48 -5.25 -28.52
C SER B 449 19.09 -3.99 -29.30
N LEU B 450 17.82 -3.64 -29.28
CA LEU B 450 17.35 -2.43 -29.96
C LEU B 450 18.08 -1.19 -29.45
N GLN B 451 18.19 -1.06 -28.12
CA GLN B 451 18.83 0.12 -27.53
C GLN B 451 20.34 0.13 -27.77
N LEU B 452 20.98 -1.03 -27.65
CA LEU B 452 22.42 -1.17 -27.94
C LEU B 452 22.73 -0.81 -29.40
N SER B 453 21.87 -1.25 -30.31
CA SER B 453 22.02 -0.95 -31.73
C SER B 453 21.85 0.54 -32.02
N LYS B 454 20.89 1.19 -31.36
CA LYS B 454 20.73 2.64 -31.50
C LYS B 454 21.96 3.41 -31.04
N LEU B 455 22.58 2.95 -29.96
CA LEU B 455 23.81 3.56 -29.45
C LEU B 455 24.97 3.36 -30.42
N TYR B 456 25.07 2.14 -30.97
CA TYR B 456 26.05 1.84 -32.02
C TYR B 456 25.92 2.84 -33.16
N CYS B 457 24.69 3.03 -33.65
CA CYS B 457 24.43 3.99 -34.74
C CYS B 457 24.68 5.44 -34.36
N LYS B 458 24.39 5.80 -33.10
CA LYS B 458 24.62 7.15 -32.60
C LYS B 458 26.12 7.48 -32.59
N ILE B 459 26.94 6.54 -32.10
CA ILE B 459 28.40 6.67 -32.08
C ILE B 459 28.96 6.76 -33.51
N GLY B 460 28.36 6.02 -34.45
CA GLY B 460 28.67 6.16 -35.88
C GLY B 460 29.98 5.57 -36.37
N ALA B 461 30.76 4.94 -35.49
CA ALA B 461 32.09 4.40 -35.82
C ALA B 461 32.07 3.43 -37.01
N ASN B 462 30.96 2.73 -37.21
CA ASN B 462 30.71 1.90 -38.38
C ASN B 462 31.72 0.73 -38.50
N ASP B 463 32.15 0.23 -37.35
CA ASP B 463 33.30 -0.66 -37.24
C ASP B 463 32.97 -2.04 -36.61
N ARG B 464 31.68 -2.35 -36.50
CA ARG B 464 31.19 -3.62 -35.94
C ARG B 464 31.60 -3.94 -34.49
N HIS B 465 31.97 -2.91 -33.73
CA HIS B 465 32.25 -3.08 -32.30
C HIS B 465 31.06 -2.52 -31.54
N CYS B 466 30.24 -3.43 -31.03
CA CYS B 466 29.00 -3.08 -30.33
C CYS B 466 29.33 -2.47 -28.97
N PRO B 467 28.87 -1.24 -28.69
CA PRO B 467 29.38 -0.42 -27.58
C PRO B 467 28.86 -0.84 -26.20
N LEU B 468 29.18 -2.07 -25.84
CA LEU B 468 28.87 -2.64 -24.54
C LEU B 468 29.76 -3.87 -24.38
N ASN B 469 30.70 -3.78 -23.44
CA ASN B 469 31.69 -4.84 -23.21
C ASN B 469 31.04 -5.90 -22.32
N ASP B 470 30.61 -6.99 -22.96
CA ASP B 470 29.99 -8.15 -22.29
C ASP B 470 30.00 -9.30 -23.30
N LYS B 471 30.35 -10.49 -22.84
CA LYS B 471 30.50 -11.66 -23.73
C LYS B 471 29.22 -12.11 -24.47
N ASN B 472 28.04 -11.73 -23.97
CA ASN B 472 26.78 -12.04 -24.65
C ASN B 472 26.42 -11.08 -25.81
N VAL B 473 27.18 -10.00 -25.95
CA VAL B 473 27.00 -9.04 -27.03
C VAL B 473 27.76 -9.54 -28.25
N TYR B 474 27.14 -9.42 -29.42
CA TYR B 474 27.80 -9.76 -30.68
C TYR B 474 27.24 -8.91 -31.82
N PHE B 475 28.06 -8.65 -32.84
CA PHE B 475 27.60 -8.00 -34.05
C PHE B 475 26.81 -9.02 -34.89
N ASN B 476 25.64 -8.61 -35.36
CA ASN B 476 24.73 -9.46 -36.09
C ASN B 476 25.02 -9.29 -37.56
N LEU B 477 25.69 -10.27 -38.16
CA LEU B 477 26.12 -10.16 -39.56
C LEU B 477 24.93 -10.05 -40.53
N GLU B 478 23.82 -10.75 -40.24
CA GLU B 478 22.58 -10.62 -41.04
C GLU B 478 22.10 -9.17 -41.23
N SER B 479 22.41 -8.28 -40.28
CA SER B 479 22.06 -6.87 -40.39
C SER B 479 22.65 -6.19 -41.62
N LEU B 480 23.76 -6.72 -42.15
CA LEU B 480 24.40 -6.19 -43.35
C LEU B 480 23.70 -6.53 -44.67
N GLN B 481 22.83 -7.55 -44.69
CA GLN B 481 22.21 -8.03 -45.94
C GLN B 481 21.03 -7.13 -46.29
N PRO B 482 21.14 -6.33 -47.38
CA PRO B 482 20.03 -5.41 -47.70
C PRO B 482 18.77 -6.15 -48.13
N CYS B 489 10.34 -6.30 -43.78
CA CYS B 489 10.57 -6.18 -42.35
C CYS B 489 10.66 -4.72 -41.89
N LYS B 490 9.61 -4.26 -41.20
CA LYS B 490 9.57 -2.93 -40.54
C LYS B 490 9.97 -3.11 -39.05
N ASN B 491 10.93 -2.36 -38.49
CA ASN B 491 11.68 -1.21 -39.04
C ASN B 491 10.83 0.05 -39.18
N VAL B 492 11.35 1.14 -38.60
CA VAL B 492 10.76 2.47 -38.70
C VAL B 492 11.27 3.17 -39.98
N PHE B 493 10.93 2.61 -41.14
CA PHE B 493 11.28 3.16 -42.46
C PHE B 493 10.34 2.59 -43.55
N SER C 29 24.11 10.67 42.12
CA SER C 29 24.37 10.99 40.69
C SER C 29 24.77 9.74 39.89
N PHE C 30 24.77 9.90 38.57
CA PHE C 30 24.98 8.82 37.60
C PHE C 30 26.22 9.09 36.75
N GLU C 31 27.27 9.63 37.39
CA GLU C 31 28.46 10.09 36.68
CA GLU C 31 28.47 10.10 36.70
C GLU C 31 29.23 8.94 36.04
N LYS C 32 29.26 7.78 36.70
CA LYS C 32 29.92 6.59 36.15
C LYS C 32 29.17 5.90 34.99
N THR C 33 27.92 6.29 34.73
CA THR C 33 27.15 5.77 33.57
C THR C 33 26.55 6.93 32.75
N PRO C 34 27.36 7.52 31.86
CA PRO C 34 26.80 8.51 30.96
C PRO C 34 25.87 7.80 29.97
N ALA C 35 24.82 8.50 29.53
CA ALA C 35 23.87 7.97 28.56
C ALA C 35 24.60 7.44 27.33
N ILE C 36 24.21 6.26 26.87
CA ILE C 36 24.71 5.72 25.62
C ILE C 36 23.80 6.23 24.52
N LYS C 37 24.39 6.63 23.41
CA LYS C 37 23.61 6.96 22.21
C LYS C 37 24.04 6.09 21.07
N ILE C 38 23.23 6.10 20.02
CA ILE C 38 23.47 5.35 18.81
C ILE C 38 23.87 6.32 17.71
N VAL C 39 24.93 5.97 16.98
CA VAL C 39 25.25 6.64 15.72
C VAL C 39 25.44 5.53 14.72
N GLY C 40 24.70 5.61 13.61
CA GLY C 40 24.74 4.58 12.59
C GLY C 40 24.37 3.24 13.18
N ASN C 41 25.30 2.29 13.12
CA ASN C 41 25.09 0.94 13.64
C ASN C 41 25.98 0.61 14.85
N LYS C 42 26.29 1.61 15.66
CA LYS C 42 27.15 1.43 16.83
C LYS C 42 26.64 2.23 18.01
N PHE C 43 26.98 1.78 19.21
CA PHE C 43 26.66 2.48 20.45
C PHE C 43 27.87 3.33 20.86
N PHE C 44 27.63 4.51 21.41
CA PHE C 44 28.70 5.40 21.88
C PHE C 44 28.39 6.02 23.23
N ASP C 45 29.38 6.05 24.11
CA ASP C 45 29.34 6.86 25.33
C ASP C 45 29.18 8.33 24.92
N SER C 46 28.12 8.98 25.38
CA SER C 46 27.79 10.35 24.99
C SER C 46 28.71 11.45 25.57
N GLU C 47 29.65 11.07 26.44
CA GLU C 47 30.62 12.04 27.00
C GLU C 47 32.07 11.68 26.66
N SER C 48 32.48 10.45 26.89
CA SER C 48 33.82 9.99 26.44
C SER C 48 33.94 9.84 24.91
N GLY C 49 32.84 9.50 24.23
CA GLY C 49 32.87 9.23 22.79
C GLY C 49 33.51 7.91 22.37
N GLU C 50 33.81 7.03 23.33
CA GLU C 50 34.32 5.69 23.06
C GLU C 50 33.15 4.80 22.61
N GLN C 51 33.41 3.84 21.73
CA GLN C 51 32.38 2.86 21.36
C GLN C 51 32.03 2.00 22.57
N PHE C 52 30.73 1.83 22.81
CA PHE C 52 30.23 1.01 23.91
C PHE C 52 29.96 -0.39 23.40
N PHE C 53 30.65 -1.37 23.98
CA PHE C 53 30.37 -2.78 23.73
C PHE C 53 29.67 -3.35 24.96
N ILE C 54 28.58 -4.08 24.71
CA ILE C 54 27.79 -4.72 25.76
C ILE C 54 28.55 -5.96 26.23
N LYS C 55 28.78 -6.04 27.53
CA LYS C 55 29.26 -7.23 28.20
C LYS C 55 28.25 -7.48 29.30
N GLY C 56 27.28 -8.35 29.01
CA GLY C 56 26.06 -8.40 29.78
C GLY C 56 25.70 -9.75 30.35
N ILE C 57 24.67 -9.73 31.19
CA ILE C 57 24.04 -10.95 31.66
C ILE C 57 22.58 -10.65 31.89
N ALA C 58 21.70 -11.61 31.59
CA ALA C 58 20.28 -11.49 31.94
C ALA C 58 20.11 -11.62 33.47
N TYR C 59 19.21 -10.80 34.03
CA TYR C 59 18.96 -10.71 35.47
C TYR C 59 17.45 -10.62 35.68
N GLN C 60 16.81 -11.74 36.03
CA GLN C 60 15.36 -11.83 36.19
C GLN C 60 15.00 -13.02 37.06
N LEU C 61 14.14 -12.78 38.06
CA LEU C 61 13.72 -13.77 39.05
C LEU C 61 12.31 -14.23 38.63
N GLN C 62 12.03 -15.54 38.63
CA GLN C 62 10.74 -16.04 38.10
C GLN C 62 9.56 -15.92 39.10
N SER C 78 2.85 -12.57 38.52
CA SER C 78 3.57 -13.57 37.72
C SER C 78 5.08 -13.35 37.77
N TYR C 79 5.48 -12.11 37.53
CA TYR C 79 6.89 -11.71 37.51
C TYR C 79 7.30 -11.10 38.85
N ILE C 80 8.57 -11.27 39.20
CA ILE C 80 9.19 -10.59 40.36
C ILE C 80 10.10 -9.50 39.83
N ASP C 81 10.02 -8.32 40.45
CA ASP C 81 10.83 -7.15 40.06
C ASP C 81 11.98 -6.99 41.06
N ALA C 82 13.12 -7.60 40.74
CA ALA C 82 14.30 -7.53 41.63
C ALA C 82 14.88 -6.11 41.78
N LEU C 83 14.72 -5.28 40.74
CA LEU C 83 15.17 -3.88 40.76
C LEU C 83 14.26 -2.94 41.56
N ALA C 84 13.11 -3.43 42.03
CA ALA C 84 12.28 -2.71 42.99
C ALA C 84 12.49 -3.17 44.45
N ASP C 85 13.39 -4.12 44.68
CA ASP C 85 13.62 -4.72 46.02
C ASP C 85 15.12 -4.61 46.39
N PRO C 86 15.52 -3.50 47.04
CA PRO C 86 16.93 -3.24 47.41
C PRO C 86 17.69 -4.41 48.04
N LYS C 87 17.06 -5.17 48.93
CA LYS C 87 17.76 -6.31 49.55
C LYS C 87 18.20 -7.34 48.51
N ILE C 88 17.40 -7.53 47.46
CA ILE C 88 17.76 -8.45 46.38
C ILE C 88 18.84 -7.84 45.50
N CYS C 89 18.60 -6.68 44.92
CA CYS C 89 19.57 -6.09 44.00
C CYS C 89 20.93 -5.79 44.67
N LEU C 90 20.91 -5.29 45.90
CA LEU C 90 22.17 -5.01 46.63
C LEU C 90 22.94 -6.28 47.04
N ARG C 91 22.25 -7.41 47.21
CA ARG C 91 22.93 -8.71 47.35
C ARG C 91 23.70 -9.07 46.09
N ASP C 92 23.08 -8.87 44.92
CA ASP C 92 23.59 -9.42 43.67
C ASP C 92 24.63 -8.56 42.98
N ILE C 93 24.54 -7.24 43.14
CA ILE C 93 25.44 -6.32 42.42
C ILE C 93 26.94 -6.60 42.66
N PRO C 94 27.35 -6.86 43.92
CA PRO C 94 28.74 -7.27 44.17
C PRO C 94 29.22 -8.44 43.31
N PHE C 95 28.36 -9.46 43.18
CA PHE C 95 28.66 -10.63 42.33
C PHE C 95 28.64 -10.28 40.84
N LEU C 96 27.72 -9.41 40.43
CA LEU C 96 27.70 -8.90 39.05
C LEU C 96 28.97 -8.11 38.73
N LYS C 97 29.47 -7.36 39.71
CA LYS C 97 30.75 -6.66 39.63
C LYS C 97 31.92 -7.63 39.43
N MET C 98 31.96 -8.69 40.23
CA MET C 98 32.97 -9.76 40.08
C MET C 98 32.94 -10.40 38.68
N LEU C 99 31.74 -10.58 38.12
CA LEU C 99 31.60 -11.13 36.75
C LEU C 99 32.28 -10.27 35.69
N GLY C 100 32.23 -8.95 35.87
CA GLY C 100 32.78 -7.99 34.91
C GLY C 100 31.76 -7.46 33.89
N VAL C 101 30.47 -7.49 34.25
CA VAL C 101 29.41 -7.02 33.35
C VAL C 101 29.20 -5.51 33.44
N ASN C 102 28.89 -4.89 32.32
CA ASN C 102 28.46 -3.49 32.29
C ASN C 102 26.99 -3.34 31.93
N THR C 103 26.26 -4.45 31.76
CA THR C 103 24.85 -4.40 31.33
C THR C 103 24.05 -5.58 31.88
N LEU C 104 22.81 -5.31 32.29
CA LEU C 104 21.83 -6.34 32.62
C LEU C 104 20.75 -6.31 31.55
N ARG C 105 20.22 -7.48 31.18
CA ARG C 105 18.92 -7.52 30.53
C ARG C 105 17.87 -7.91 31.56
N VAL C 106 16.85 -7.07 31.69
CA VAL C 106 15.73 -7.27 32.58
C VAL C 106 14.52 -7.46 31.70
N TYR C 107 13.75 -8.50 31.96
CA TYR C 107 12.58 -8.86 31.15
C TYR C 107 11.27 -8.27 31.68
N ALA C 108 11.23 -7.89 32.96
CA ALA C 108 10.00 -7.34 33.54
C ALA C 108 10.26 -6.54 34.81
N ILE C 109 9.72 -5.32 34.83
CA ILE C 109 9.66 -4.50 36.03
C ILE C 109 8.19 -4.15 36.30
N ASP C 110 7.89 -3.85 37.55
CA ASP C 110 6.58 -3.38 37.96
C ASP C 110 6.66 -1.86 37.94
N PRO C 111 5.97 -1.21 36.97
CA PRO C 111 6.05 0.25 36.88
C PRO C 111 5.43 1.04 38.05
N THR C 112 4.65 0.39 38.92
CA THR C 112 4.06 1.07 40.08
C THR C 112 5.03 1.26 41.26
N LYS C 113 6.21 0.63 41.19
CA LYS C 113 7.21 0.71 42.27
C LYS C 113 8.37 1.62 41.88
N SER C 114 9.11 2.06 42.90
CA SER C 114 10.34 2.83 42.71
C SER C 114 11.50 1.93 42.32
N HIS C 115 12.42 2.48 41.53
CA HIS C 115 13.63 1.78 41.09
C HIS C 115 14.93 2.55 41.33
N ASP C 116 14.84 3.75 41.91
CA ASP C 116 16.03 4.62 41.95
C ASP C 116 17.17 4.02 42.75
N ILE C 117 16.87 3.33 43.86
CA ILE C 117 17.92 2.74 44.72
C ILE C 117 18.75 1.70 43.96
N CYS C 118 18.07 0.76 43.30
CA CYS C 118 18.78 -0.27 42.53
C CYS C 118 19.47 0.29 41.29
N MET C 119 18.81 1.20 40.59
CA MET C 119 19.39 1.82 39.38
C MET C 119 20.60 2.69 39.74
N GLU C 120 20.52 3.39 40.87
CA GLU C 120 21.69 4.11 41.42
C GLU C 120 22.78 3.15 41.82
N ALA C 121 22.41 2.05 42.50
CA ALA C 121 23.39 1.04 42.88
C ALA C 121 24.11 0.45 41.66
N LEU C 122 23.34 0.19 40.59
CA LEU C 122 23.91 -0.27 39.32
C LEU C 122 24.80 0.77 38.65
N SER C 123 24.33 2.02 38.63
CA SER C 123 25.11 3.12 38.06
C SER C 123 26.47 3.31 38.75
N ALA C 124 26.51 3.17 40.08
CA ALA C 124 27.75 3.34 40.83
C ALA C 124 28.80 2.27 40.46
N GLU C 125 28.35 1.10 40.00
CA GLU C 125 29.26 0.06 39.50
C GLU C 125 29.47 0.06 37.98
N GLY C 126 29.09 1.14 37.30
CA GLY C 126 29.22 1.23 35.84
C GLY C 126 28.25 0.36 35.03
N MET C 127 27.09 0.04 35.58
CA MET C 127 26.17 -0.91 34.94
C MET C 127 24.91 -0.28 34.36
N TYR C 128 24.57 -0.74 33.16
CA TYR C 128 23.39 -0.31 32.40
C TYR C 128 22.31 -1.41 32.40
N VAL C 129 21.12 -1.05 31.91
CA VAL C 129 19.97 -1.95 31.81
C VAL C 129 19.31 -1.87 30.43
N LEU C 130 19.17 -3.02 29.78
CA LEU C 130 18.27 -3.21 28.64
C LEU C 130 16.97 -3.79 29.19
N LEU C 131 15.85 -3.15 28.89
CA LEU C 131 14.58 -3.46 29.53
C LEU C 131 13.48 -3.80 28.53
N ASP C 132 12.91 -4.99 28.67
CA ASP C 132 11.71 -5.35 27.92
C ASP C 132 10.54 -4.52 28.47
N LEU C 133 9.70 -4.03 27.56
CA LEU C 133 8.51 -3.25 27.92
C LEU C 133 7.30 -4.12 28.28
N SER C 134 7.31 -5.35 27.83
CA SER C 134 6.19 -6.27 28.00
C SER C 134 6.40 -7.12 29.26
N GLU C 135 5.46 -8.02 29.51
CA GLU C 135 5.56 -9.00 30.59
C GLU C 135 4.66 -10.18 30.20
N PRO C 136 4.86 -11.38 30.81
CA PRO C 136 4.15 -12.61 30.43
C PRO C 136 2.64 -12.47 30.17
N ASP C 137 1.96 -11.73 31.05
CA ASP C 137 0.51 -11.47 30.92
C ASP C 137 0.11 -10.28 30.05
N ILE C 138 1.04 -9.37 29.73
CA ILE C 138 0.75 -8.25 28.83
C ILE C 138 1.84 -8.15 27.74
N SER C 139 1.63 -8.92 26.68
CA SER C 139 2.53 -8.99 25.53
CA SER C 139 2.51 -8.90 25.52
C SER C 139 1.71 -9.22 24.27
N ILE C 140 2.31 -8.94 23.12
CA ILE C 140 1.66 -9.24 21.86
C ILE C 140 1.61 -10.77 21.77
N ASN C 141 0.40 -11.30 21.69
CA ASN C 141 0.17 -12.74 21.65
C ASN C 141 0.52 -13.26 20.26
N ARG C 142 1.50 -14.15 20.17
CA ARG C 142 2.00 -14.57 18.85
C ARG C 142 1.01 -15.42 18.03
N GLU C 143 0.06 -16.08 18.70
CA GLU C 143 -0.93 -16.93 18.06
C GLU C 143 -2.26 -16.20 17.79
N ASN C 144 -2.45 -15.02 18.38
CA ASN C 144 -3.64 -14.21 18.17
C ASN C 144 -3.26 -12.75 18.43
N PRO C 145 -2.45 -12.17 17.52
CA PRO C 145 -1.84 -10.88 17.84
C PRO C 145 -2.77 -9.69 17.80
N SER C 146 -2.50 -8.74 18.67
CA SER C 146 -3.23 -7.47 18.71
CA SER C 146 -3.22 -7.48 18.72
C SER C 146 -2.27 -6.40 19.17
N TRP C 147 -2.53 -5.17 18.71
CA TRP C 147 -1.81 -4.02 19.22
C TRP C 147 -2.89 -3.06 19.68
N ASP C 148 -3.10 -3.05 20.99
CA ASP C 148 -4.28 -2.44 21.58
C ASP C 148 -3.93 -1.54 22.77
N VAL C 149 -4.94 -0.83 23.27
CA VAL C 149 -4.73 0.15 24.33
C VAL C 149 -4.16 -0.48 25.61
N HIS C 150 -4.57 -1.72 25.91
CA HIS C 150 -4.07 -2.45 27.08
C HIS C 150 -2.54 -2.66 27.03
N ILE C 151 -2.03 -3.15 25.90
CA ILE C 151 -0.57 -3.41 25.78
C ILE C 151 0.18 -2.09 25.70
N PHE C 152 -0.34 -1.15 24.94
CA PHE C 152 0.29 0.16 24.76
C PHE C 152 0.38 0.91 26.10
N GLU C 153 -0.68 0.85 26.93
CA GLU C 153 -0.64 1.43 28.28
C GLU C 153 0.41 0.78 29.20
N ARG C 154 0.60 -0.53 29.08
CA ARG C 154 1.71 -1.21 29.75
C ARG C 154 3.10 -0.65 29.36
N TYR C 155 3.32 -0.49 28.05
CA TYR C 155 4.57 0.01 27.50
C TYR C 155 4.86 1.43 27.98
N LYS C 156 3.84 2.29 27.93
CA LYS C 156 3.94 3.69 28.40
C LYS C 156 4.30 3.76 29.88
N SER C 157 3.65 2.94 30.70
CA SER C 157 3.92 2.93 32.14
CA SER C 157 3.92 2.94 32.14
C SER C 157 5.35 2.52 32.43
N VAL C 158 5.88 1.56 31.65
CA VAL C 158 7.27 1.15 31.82
C VAL C 158 8.20 2.27 31.38
N ILE C 159 7.91 2.87 30.23
CA ILE C 159 8.66 4.04 29.73
C ILE C 159 8.61 5.19 30.77
N ASP C 160 7.44 5.48 31.33
CA ASP C 160 7.31 6.57 32.33
C ASP C 160 8.06 6.26 33.64
N ALA C 161 8.03 5.01 34.08
CA ALA C 161 8.74 4.59 35.30
C ALA C 161 10.27 4.61 35.19
N MET C 162 10.80 4.40 33.98
CA MET C 162 12.23 4.09 33.83
C MET C 162 13.05 5.09 33.02
N SER C 163 12.41 6.06 32.37
CA SER C 163 13.15 6.87 31.39
C SER C 163 14.06 7.94 32.00
N SER C 164 13.90 8.26 33.29
CA SER C 164 14.74 9.28 33.94
C SER C 164 16.15 8.78 34.32
N PHE C 165 16.39 7.47 34.20
CA PHE C 165 17.71 6.90 34.51
C PHE C 165 18.61 6.95 33.28
N PRO C 166 19.79 7.63 33.37
CA PRO C 166 20.77 7.65 32.26
C PRO C 166 21.34 6.29 31.91
N ASN C 167 21.39 5.37 32.87
CA ASN C 167 21.87 4.01 32.61
C ASN C 167 20.79 3.03 32.09
N LEU C 168 19.63 3.56 31.68
CA LEU C 168 18.69 2.79 30.85
C LEU C 168 19.22 2.83 29.40
N LEU C 169 19.88 1.75 28.98
CA LEU C 169 20.49 1.65 27.65
C LEU C 169 19.44 1.65 26.52
N GLY C 170 18.39 0.85 26.68
CA GLY C 170 17.39 0.71 25.64
C GLY C 170 16.20 -0.14 26.07
N TYR C 171 15.12 -0.02 25.31
CA TYR C 171 13.90 -0.77 25.50
C TYR C 171 13.73 -1.77 24.37
N PHE C 172 13.28 -2.99 24.70
CA PHE C 172 12.75 -3.93 23.71
C PHE C 172 11.23 -3.80 23.63
N ALA C 173 10.72 -3.60 22.42
CA ALA C 173 9.28 -3.53 22.17
C ALA C 173 8.67 -4.91 21.94
N GLY C 174 9.49 -5.94 21.93
CA GLY C 174 9.00 -7.31 21.80
C GLY C 174 10.13 -8.29 21.96
N ASN C 175 9.80 -9.53 22.32
CA ASN C 175 10.78 -10.60 22.42
C ASN C 175 10.27 -11.87 21.75
N GLU C 176 10.85 -12.23 20.60
CA GLU C 176 10.56 -13.47 19.90
C GLU C 176 9.05 -13.65 19.68
N VAL C 177 8.41 -12.61 19.18
CA VAL C 177 6.97 -12.63 18.96
C VAL C 177 6.72 -13.58 17.79
N THR C 178 7.14 -13.20 16.60
CA THR C 178 7.31 -14.19 15.52
C THR C 178 8.49 -15.08 15.94
N ASN C 179 8.27 -16.39 16.09
CA ASN C 179 9.37 -17.32 16.39
C ASN C 179 9.55 -18.49 15.39
N ASP C 180 8.63 -18.64 14.43
CA ASP C 180 8.81 -19.61 13.34
C ASP C 180 8.08 -19.17 12.08
N HIS C 181 8.19 -19.99 11.04
CA HIS C 181 7.59 -19.67 9.75
C HIS C 181 6.05 -19.66 9.73
N THR C 182 5.39 -20.09 10.81
CA THR C 182 3.93 -20.10 10.87
C THR C 182 3.30 -18.88 11.58
N ASN C 183 4.10 -18.01 12.19
CA ASN C 183 3.56 -16.83 12.89
C ASN C 183 4.25 -15.50 12.54
N THR C 184 4.67 -15.38 11.27
CA THR C 184 5.27 -14.16 10.75
C THR C 184 4.26 -12.99 10.71
N PHE C 185 2.98 -13.32 10.61
CA PHE C 185 1.88 -12.33 10.69
C PHE C 185 1.77 -11.53 11.99
N ALA C 186 2.43 -11.99 13.06
CA ALA C 186 2.51 -11.23 14.30
C ALA C 186 3.45 -10.01 14.20
N SER C 187 4.40 -10.02 13.26
CA SER C 187 5.45 -8.98 13.22
C SER C 187 5.00 -7.52 12.94
N PRO C 188 3.95 -7.31 12.11
CA PRO C 188 3.39 -5.95 11.92
C PRO C 188 2.87 -5.30 13.21
N PHE C 189 2.45 -6.11 14.17
CA PHE C 189 1.98 -5.62 15.45
C PHE C 189 3.16 -5.16 16.29
N VAL C 190 4.29 -5.84 16.15
CA VAL C 190 5.53 -5.47 16.84
C VAL C 190 6.11 -4.18 16.26
N LYS C 191 6.11 -4.04 14.95
CA LYS C 191 6.56 -2.80 14.31
C LYS C 191 5.71 -1.60 14.72
N ALA C 192 4.40 -1.79 14.77
CA ALA C 192 3.49 -0.76 15.26
C ALA C 192 3.87 -0.34 16.67
N ALA C 193 4.19 -1.33 17.51
CA ALA C 193 4.62 -1.09 18.89
C ALA C 193 5.94 -0.32 18.96
N ILE C 194 6.90 -0.67 18.10
CA ILE C 194 8.15 0.06 17.99
C ILE C 194 7.87 1.51 17.57
N ARG C 195 7.01 1.70 16.57
CA ARG C 195 6.64 3.04 16.11
C ARG C 195 6.02 3.84 17.26
N ASP C 196 5.02 3.28 17.92
CA ASP C 196 4.25 4.01 18.92
C ASP C 196 5.03 4.28 20.20
N ALA C 197 5.89 3.35 20.61
CA ALA C 197 6.79 3.56 21.75
C ALA C 197 7.79 4.70 21.47
N LYS C 198 8.38 4.68 20.27
CA LYS C 198 9.34 5.73 19.88
C LYS C 198 8.66 7.09 19.79
N GLU C 199 7.43 7.10 19.27
CA GLU C 199 6.61 8.31 19.22
C GLU C 199 6.29 8.86 20.62
N TYR C 200 5.90 7.96 21.52
CA TYR C 200 5.58 8.34 22.90
C TYR C 200 6.80 8.95 23.61
N ILE C 201 7.96 8.31 23.45
CA ILE C 201 9.22 8.84 23.98
C ILE C 201 9.54 10.21 23.36
N SER C 202 9.25 10.37 22.07
CA SER C 202 9.44 11.64 21.38
C SER C 202 8.58 12.76 22.00
N HIS C 203 7.33 12.46 22.31
CA HIS C 203 6.39 13.45 22.88
C HIS C 203 6.59 13.70 24.39
N SER C 204 7.50 12.98 25.03
CA SER C 204 7.65 13.05 26.47
C SER C 204 8.71 14.07 26.88
N ASN C 205 8.76 14.33 28.19
CA ASN C 205 9.87 15.09 28.81
C ASN C 205 11.17 14.31 29.03
N HIS C 206 11.24 13.06 28.54
CA HIS C 206 12.40 12.21 28.77
C HIS C 206 13.46 12.33 27.68
N ARG C 207 14.66 11.88 28.03
CA ARG C 207 15.73 11.54 27.08
C ARG C 207 15.21 10.52 26.06
N LYS C 208 15.74 10.58 24.84
CA LYS C 208 15.25 9.77 23.72
C LYS C 208 15.89 8.39 23.72
N ILE C 209 15.42 7.54 24.63
CA ILE C 209 15.98 6.19 24.82
C ILE C 209 15.58 5.35 23.61
N PRO C 210 16.54 4.67 22.97
CA PRO C 210 16.19 3.91 21.76
C PRO C 210 15.31 2.69 22.07
N VAL C 211 14.48 2.34 21.09
CA VAL C 211 13.56 1.22 21.19
C VAL C 211 13.91 0.23 20.10
N GLY C 212 14.19 -1.01 20.48
CA GLY C 212 14.51 -2.08 19.54
C GLY C 212 13.69 -3.37 19.72
N TYR C 213 14.23 -4.47 19.21
CA TYR C 213 13.55 -5.78 19.24
C TYR C 213 14.57 -6.90 19.51
N SER C 214 14.09 -7.95 20.18
CA SER C 214 14.88 -9.15 20.43
C SER C 214 14.25 -10.31 19.66
N THR C 215 15.05 -11.00 18.86
CA THR C 215 14.59 -12.10 18.03
C THR C 215 15.25 -13.41 18.43
N ASN C 216 14.61 -14.52 18.06
CA ASN C 216 15.19 -15.87 18.22
C ASN C 216 16.07 -16.17 17.01
N ASP C 217 16.44 -17.43 16.79
CA ASP C 217 17.41 -17.75 15.75
C ASP C 217 16.96 -18.90 14.85
N ASP C 218 15.71 -18.83 14.39
CA ASP C 218 15.15 -19.86 13.51
C ASP C 218 15.67 -19.63 12.09
N ALA C 219 16.31 -20.65 11.51
CA ALA C 219 16.94 -20.52 10.20
C ALA C 219 15.99 -20.16 9.06
N MET C 220 14.74 -20.64 9.12
CA MET C 220 13.70 -20.29 8.15
C MET C 220 13.20 -18.84 8.19
N THR C 221 13.39 -18.12 9.30
CA THR C 221 12.88 -16.74 9.45
C THR C 221 13.90 -15.62 9.71
N ARG C 222 15.13 -15.96 10.10
CA ARG C 222 16.05 -14.93 10.61
C ARG C 222 16.39 -13.81 9.61
N ASP C 223 16.76 -14.16 8.38
CA ASP C 223 16.97 -13.14 7.33
C ASP C 223 15.77 -12.20 7.07
N ASN C 224 14.58 -12.77 6.88
CA ASN C 224 13.37 -11.98 6.63
C ASN C 224 12.98 -11.09 7.82
N LEU C 225 13.11 -11.62 9.04
CA LEU C 225 12.90 -10.83 10.25
C LEU C 225 13.89 -9.67 10.32
N ALA C 226 15.16 -9.95 10.07
CA ALA C 226 16.21 -8.93 10.11
C ALA C 226 15.91 -7.81 9.11
N ARG C 227 15.55 -8.20 7.89
CA ARG C 227 15.14 -7.27 6.87
C ARG C 227 13.88 -6.50 7.28
N TYR C 228 12.85 -7.21 7.74
CA TYR C 228 11.58 -6.58 8.08
C TYR C 228 11.70 -5.43 9.09
N PHE C 229 12.49 -5.64 10.13
CA PHE C 229 12.65 -4.64 11.19
C PHE C 229 13.54 -3.43 10.85
N VAL C 230 14.08 -3.36 9.64
CA VAL C 230 14.72 -2.14 9.14
C VAL C 230 14.20 -1.71 7.77
N CYS C 231 13.05 -2.23 7.34
CA CYS C 231 12.49 -1.90 6.03
C CYS C 231 11.38 -0.89 6.20
N GLY C 232 11.12 -0.11 5.16
CA GLY C 232 10.00 0.81 5.18
C GLY C 232 10.23 2.02 6.06
N ASP C 233 9.14 2.64 6.48
CA ASP C 233 9.15 3.84 7.33
C ASP C 233 9.47 3.63 8.81
N VAL C 234 9.29 2.41 9.31
CA VAL C 234 9.46 2.12 10.73
C VAL C 234 10.60 1.14 10.87
N LYS C 235 11.51 1.46 11.77
CA LYS C 235 12.70 0.65 12.03
C LYS C 235 12.90 0.52 13.53
N ALA C 236 13.35 -0.66 13.95
CA ALA C 236 13.98 -0.86 15.24
C ALA C 236 15.19 0.07 15.34
N ASP C 237 15.47 0.56 16.54
CA ASP C 237 16.69 1.34 16.76
C ASP C 237 17.89 0.44 16.93
N PHE C 238 17.66 -0.75 17.46
CA PHE C 238 18.70 -1.77 17.59
C PHE C 238 18.08 -3.17 17.56
N TYR C 239 18.91 -4.18 17.31
CA TYR C 239 18.45 -5.54 17.03
C TYR C 239 19.25 -6.55 17.86
N GLY C 240 18.57 -7.23 18.77
CA GLY C 240 19.21 -8.25 19.61
C GLY C 240 18.85 -9.63 19.11
N ILE C 241 19.83 -10.54 19.07
CA ILE C 241 19.55 -11.92 18.68
C ILE C 241 19.82 -12.85 19.85
N ASN C 242 18.84 -13.69 20.17
CA ASN C 242 19.01 -14.71 21.19
C ASN C 242 19.73 -15.87 20.52
N MET C 243 21.03 -15.94 20.77
CA MET C 243 21.99 -16.69 19.97
C MET C 243 22.58 -17.86 20.78
N TYR C 244 22.29 -19.09 20.36
CA TYR C 244 22.72 -20.30 21.08
C TYR C 244 23.45 -21.32 20.18
N GLU C 245 23.97 -20.86 19.05
CA GLU C 245 24.63 -21.75 18.09
C GLU C 245 25.94 -22.37 18.60
N TRP C 246 26.68 -21.63 19.42
CA TRP C 246 27.96 -22.07 19.96
C TRP C 246 27.74 -22.85 21.25
N CYS C 247 27.92 -24.17 21.19
CA CYS C 247 27.74 -25.06 22.35
C CYS C 247 29.07 -25.74 22.65
N GLY C 248 29.52 -25.66 23.91
CA GLY C 248 30.81 -26.21 24.31
C GLY C 248 32.00 -25.57 23.61
N TYR C 249 33.02 -26.39 23.31
CA TYR C 249 34.25 -25.92 22.69
C TYR C 249 34.11 -25.93 21.17
N SER C 250 33.31 -25.00 20.65
CA SER C 250 33.10 -24.84 19.21
C SER C 250 34.14 -23.87 18.67
N THR C 251 33.95 -23.41 17.43
CA THR C 251 34.79 -22.36 16.85
C THR C 251 33.97 -21.33 16.06
N TYR C 252 34.64 -20.24 15.70
CA TYR C 252 34.07 -19.17 14.88
C TYR C 252 33.44 -19.71 13.59
N GLY C 253 34.18 -20.55 12.87
CA GLY C 253 33.71 -21.16 11.63
C GLY C 253 32.64 -22.22 11.82
N THR C 254 32.88 -23.19 12.70
CA THR C 254 31.96 -24.34 12.90
C THR C 254 30.67 -24.03 13.66
N SER C 255 30.66 -22.99 14.50
CA SER C 255 29.46 -22.61 15.26
C SER C 255 28.35 -22.03 14.38
N GLY C 256 28.73 -21.29 13.34
CA GLY C 256 27.80 -20.51 12.52
C GLY C 256 27.98 -19.01 12.74
N TYR C 257 28.72 -18.65 13.79
CA TYR C 257 29.06 -17.25 14.11
C TYR C 257 29.64 -16.51 12.91
N ARG C 258 30.57 -17.18 12.23
CA ARG C 258 31.21 -16.62 11.02
C ARG C 258 30.17 -16.27 9.96
N GLU C 259 29.28 -17.20 9.69
CA GLU C 259 28.20 -16.99 8.73
C GLU C 259 27.18 -15.92 9.20
N ARG C 260 26.86 -15.88 10.49
CA ARG C 260 26.00 -14.83 11.07
C ARG C 260 26.65 -13.45 10.94
N THR C 261 27.96 -13.39 11.20
CA THR C 261 28.69 -12.12 11.11
C THR C 261 28.68 -11.56 9.69
N LYS C 262 28.91 -12.42 8.69
CA LYS C 262 28.96 -11.98 7.29
C LYS C 262 27.61 -11.46 6.78
N GLU C 263 26.51 -12.12 7.17
CA GLU C 263 25.18 -11.65 6.76
C GLU C 263 24.73 -10.36 7.47
N PHE C 264 25.21 -10.13 8.70
CA PHE C 264 24.93 -8.88 9.43
C PHE C 264 25.96 -7.76 9.20
N GLU C 265 27.01 -8.03 8.43
CA GLU C 265 28.00 -7.02 8.05
C GLU C 265 27.31 -5.96 7.22
N GLY C 266 27.43 -4.70 7.64
CA GLY C 266 26.74 -3.58 6.97
C GLY C 266 25.30 -3.32 7.41
N TYR C 267 24.76 -4.15 8.30
CA TYR C 267 23.37 -3.99 8.78
C TYR C 267 23.22 -2.60 9.41
N PRO C 268 22.14 -1.85 9.07
CA PRO C 268 22.16 -0.42 9.36
C PRO C 268 21.93 0.00 10.81
N ILE C 269 21.71 -0.93 11.74
CA ILE C 269 21.51 -0.57 13.14
C ILE C 269 22.36 -1.41 14.06
N PRO C 270 22.60 -0.95 15.30
CA PRO C 270 23.40 -1.78 16.20
C PRO C 270 22.79 -3.17 16.33
N VAL C 271 23.66 -4.18 16.35
CA VAL C 271 23.24 -5.57 16.46
C VAL C 271 24.11 -6.28 17.50
N PHE C 272 23.50 -7.16 18.28
CA PHE C 272 24.22 -7.87 19.35
C PHE C 272 23.46 -9.11 19.78
N PHE C 273 24.11 -9.91 20.62
CA PHE C 273 23.46 -11.11 21.17
C PHE C 273 22.70 -10.71 22.42
N SER C 274 21.38 -10.63 22.33
CA SER C 274 20.56 -10.25 23.48
C SER C 274 20.51 -11.38 24.52
N GLU C 275 20.85 -12.59 24.06
CA GLU C 275 21.11 -13.75 24.92
C GLU C 275 22.22 -14.61 24.28
N PHE C 276 23.04 -15.25 25.10
CA PHE C 276 23.84 -16.41 24.66
C PHE C 276 24.23 -17.31 25.81
N GLY C 277 24.74 -18.51 25.49
CA GLY C 277 25.21 -19.45 26.51
C GLY C 277 24.48 -20.77 26.46
N CYS C 278 24.65 -21.48 25.35
CA CYS C 278 24.10 -22.81 25.15
C CYS C 278 24.54 -23.76 26.27
N ASN C 279 23.57 -24.48 26.84
CA ASN C 279 23.81 -25.37 27.99
C ASN C 279 23.82 -26.88 27.65
N LEU C 280 23.96 -27.23 26.38
CA LEU C 280 24.07 -28.64 25.97
C LEU C 280 25.33 -29.30 26.56
N VAL C 281 26.45 -28.56 26.54
CA VAL C 281 27.67 -28.97 27.24
C VAL C 281 27.70 -28.24 28.58
N ARG C 282 27.85 -29.00 29.66
CA ARG C 282 27.93 -28.47 31.04
C ARG C 282 29.17 -29.05 31.73
N PRO C 283 29.98 -28.25 32.43
CA PRO C 283 29.83 -26.79 32.57
C PRO C 283 30.10 -26.02 31.28
N ARG C 284 29.45 -24.87 31.12
CA ARG C 284 29.63 -24.03 29.94
C ARG C 284 31.00 -23.36 30.00
N PRO C 285 31.87 -23.64 29.00
CA PRO C 285 33.17 -22.97 28.99
C PRO C 285 33.10 -21.48 28.61
N PHE C 286 32.07 -21.08 27.86
CA PHE C 286 31.90 -19.70 27.37
C PHE C 286 33.01 -19.24 26.43
N THR C 287 33.62 -20.15 25.66
CA THR C 287 34.63 -19.76 24.65
C THR C 287 34.08 -18.88 23.53
N GLU C 288 32.77 -18.90 23.29
CA GLU C 288 32.10 -17.93 22.40
C GLU C 288 32.46 -16.46 22.68
N VAL C 289 32.74 -16.14 23.95
CA VAL C 289 33.11 -14.78 24.38
C VAL C 289 34.38 -14.28 23.66
N SER C 290 35.41 -15.13 23.57
CA SER C 290 36.66 -14.82 22.82
C SER C 290 36.40 -14.44 21.36
N ALA C 291 35.48 -15.17 20.71
CA ALA C 291 35.09 -14.88 19.33
C ALA C 291 34.32 -13.56 19.23
N LEU C 292 33.28 -13.41 20.04
CA LEU C 292 32.40 -12.22 20.01
C LEU C 292 33.16 -10.89 20.14
N TYR C 293 34.14 -10.84 21.05
CA TYR C 293 34.94 -9.64 21.30
C TYR C 293 36.26 -9.61 20.51
N GLY C 294 36.59 -10.70 19.82
CA GLY C 294 37.68 -10.72 18.85
C GLY C 294 37.51 -9.72 17.72
N ASN C 295 38.52 -9.61 16.87
CA ASN C 295 38.60 -8.51 15.90
C ASN C 295 37.60 -8.60 14.75
N LYS C 296 37.28 -9.82 14.31
CA LYS C 296 36.35 -10.03 13.19
C LYS C 296 34.92 -9.68 13.62
N MET C 297 34.50 -10.21 14.77
CA MET C 297 33.14 -10.01 15.28
C MET C 297 32.90 -8.64 15.90
N SER C 298 33.91 -8.03 16.52
CA SER C 298 33.74 -6.72 17.15
C SER C 298 33.48 -5.57 16.16
N SER C 299 33.87 -5.74 14.89
CA SER C 299 33.52 -4.73 13.85
C SER C 299 32.01 -4.68 13.54
N VAL C 300 31.31 -5.81 13.71
CA VAL C 300 29.90 -5.95 13.33
C VAL C 300 28.96 -5.98 14.56
N TRP C 301 29.31 -6.78 15.57
CA TRP C 301 28.45 -6.97 16.75
C TRP C 301 28.84 -6.04 17.90
N SER C 302 27.83 -5.47 18.56
CA SER C 302 28.04 -4.61 19.74
C SER C 302 28.10 -5.39 21.06
N GLY C 303 28.61 -6.62 21.01
CA GLY C 303 28.74 -7.44 22.21
C GLY C 303 27.55 -8.35 22.43
N GLY C 304 27.29 -8.67 23.69
CA GLY C 304 26.20 -9.57 24.02
C GLY C 304 25.94 -9.76 25.50
N LEU C 305 24.82 -10.40 25.80
CA LEU C 305 24.41 -10.69 27.17
C LEU C 305 24.25 -12.20 27.38
N ALA C 306 24.95 -12.74 28.38
CA ALA C 306 24.83 -14.14 28.75
C ALA C 306 23.45 -14.40 29.37
N TYR C 307 22.91 -15.59 29.11
CA TYR C 307 21.69 -16.03 29.75
C TYR C 307 22.04 -17.22 30.68
N MET C 308 21.97 -17.10 32.01
CA MET C 308 21.63 -15.90 32.77
C MET C 308 22.26 -15.92 34.19
N TYR C 309 21.92 -14.94 35.02
CA TYR C 309 22.38 -14.88 36.41
C TYR C 309 21.82 -16.02 37.29
N PHE C 310 20.52 -15.96 37.60
CA PHE C 310 19.85 -16.97 38.46
C PHE C 310 19.73 -18.35 37.81
N GLU C 311 20.06 -19.38 38.59
CA GLU C 311 19.78 -20.76 38.24
C GLU C 311 18.35 -21.03 38.68
N GLU C 312 17.47 -21.38 37.74
CA GLU C 312 16.05 -21.58 38.02
C GLU C 312 15.57 -22.93 37.49
N GLU C 313 16.37 -23.97 37.75
CA GLU C 313 16.05 -25.36 37.40
C GLU C 313 15.77 -25.60 35.89
N ASN C 314 16.28 -24.72 35.04
CA ASN C 314 16.39 -24.94 33.58
C ASN C 314 17.85 -25.01 33.11
N GLU C 315 18.79 -24.91 34.06
CA GLU C 315 20.22 -25.13 33.85
C GLU C 315 20.96 -24.02 33.09
N TYR C 316 20.58 -22.77 33.32
CA TYR C 316 21.19 -21.60 32.65
C TYR C 316 21.88 -20.58 33.58
N GLY C 317 21.85 -20.82 34.90
CA GLY C 317 22.40 -19.86 35.86
C GLY C 317 23.92 -19.84 35.94
N VAL C 318 24.46 -18.73 36.43
CA VAL C 318 25.85 -18.69 36.93
C VAL C 318 25.92 -18.67 38.46
N VAL C 319 24.81 -18.36 39.13
CA VAL C 319 24.68 -18.57 40.58
C VAL C 319 23.40 -19.31 40.89
N LYS C 320 23.38 -20.01 42.02
CA LYS C 320 22.15 -20.50 42.62
C LYS C 320 21.93 -19.80 43.94
N ILE C 321 20.68 -19.42 44.19
CA ILE C 321 20.29 -18.84 45.47
C ILE C 321 19.84 -20.01 46.35
N ASN C 322 20.47 -20.15 47.52
CA ASN C 322 20.12 -21.23 48.46
C ASN C 322 18.87 -20.88 49.29
N ASP C 323 18.40 -21.83 50.10
CA ASP C 323 17.29 -21.61 51.03
C ASP C 323 17.61 -20.61 52.18
N ASN C 324 18.90 -20.29 52.34
CA ASN C 324 19.35 -19.19 53.21
C ASN C 324 19.42 -17.82 52.49
N ASP C 325 18.93 -17.75 51.25
CA ASP C 325 18.97 -16.56 50.37
C ASP C 325 20.37 -16.03 50.04
N GLY C 326 21.39 -16.88 50.20
CA GLY C 326 22.77 -16.53 49.88
C GLY C 326 23.08 -16.92 48.45
N VAL C 327 24.16 -16.37 47.93
CA VAL C 327 24.58 -16.58 46.55
C VAL C 327 25.72 -17.60 46.49
N ASP C 328 25.48 -18.73 45.82
CA ASP C 328 26.50 -19.75 45.59
C ASP C 328 27.03 -19.64 44.16
N ILE C 329 28.31 -19.34 44.03
CA ILE C 329 28.99 -19.29 42.75
C ILE C 329 29.01 -20.69 42.13
N LEU C 330 28.39 -20.84 40.97
CA LEU C 330 28.44 -22.10 40.21
C LEU C 330 29.68 -22.09 39.31
N PRO C 331 30.11 -23.27 38.80
CA PRO C 331 31.30 -23.34 37.94
C PRO C 331 31.28 -22.41 36.72
N ASP C 332 30.12 -22.32 36.07
CA ASP C 332 29.88 -21.39 34.94
C ASP C 332 30.28 -19.93 35.22
N PHE C 333 30.08 -19.48 36.46
CA PHE C 333 30.47 -18.12 36.90
C PHE C 333 31.94 -17.83 36.59
N LYS C 334 32.83 -18.70 37.08
CA LYS C 334 34.27 -18.53 36.93
C LYS C 334 34.73 -18.59 35.46
N ASN C 335 34.03 -19.40 34.66
CA ASN C 335 34.29 -19.48 33.22
C ASN C 335 33.92 -18.19 32.50
N LEU C 336 32.73 -17.67 32.80
CA LEU C 336 32.27 -16.41 32.20
C LEU C 336 33.15 -15.22 32.66
N LYS C 337 33.42 -15.18 33.96
CA LYS C 337 34.30 -14.16 34.57
C LYS C 337 35.68 -14.05 33.90
N LYS C 338 36.37 -15.18 33.79
CA LYS C 338 37.68 -15.24 33.13
C LYS C 338 37.61 -14.86 31.65
N GLU C 339 36.51 -15.24 30.99
CA GLU C 339 36.28 -14.93 29.58
C GLU C 339 36.01 -13.44 29.33
N PHE C 340 35.14 -12.83 30.16
CA PHE C 340 34.88 -11.37 30.07
C PHE C 340 36.12 -10.53 30.42
N ALA C 341 36.94 -11.00 31.36
CA ALA C 341 38.18 -10.30 31.73
C ALA C 341 39.18 -10.27 30.57
N LYS C 342 39.34 -11.40 29.91
CA LYS C 342 40.18 -11.53 28.72
C LYS C 342 39.64 -10.74 27.52
N ALA C 343 38.33 -10.59 27.45
CA ALA C 343 37.66 -9.87 26.36
C ALA C 343 37.97 -8.37 26.37
N ASP C 344 38.63 -7.92 25.30
CA ASP C 344 39.00 -6.51 25.12
C ASP C 344 38.63 -6.07 23.69
N PRO C 345 37.38 -5.64 23.48
CA PRO C 345 36.97 -5.28 22.11
C PRO C 345 37.62 -3.99 21.62
N LYS C 346 38.28 -4.07 20.47
CA LYS C 346 38.84 -2.89 19.80
C LYS C 346 37.72 -2.24 19.01
N GLY C 347 37.37 -1.01 19.38
CA GLY C 347 36.28 -0.28 18.75
C GLY C 347 36.80 0.87 17.91
N ILE C 348 35.96 1.89 17.76
CA ILE C 348 36.33 3.17 17.16
C ILE C 348 35.65 4.28 17.96
N THR C 349 36.27 5.45 18.00
CA THR C 349 35.69 6.59 18.67
C THR C 349 34.57 7.18 17.81
N GLU C 350 33.68 7.94 18.43
CA GLU C 350 32.55 8.55 17.72
C GLU C 350 33.04 9.50 16.63
N GLU C 351 34.10 10.27 16.95
CA GLU C 351 34.66 11.25 16.03
C GLU C 351 35.26 10.60 14.79
N GLU C 352 35.97 9.48 15.00
CA GLU C 352 36.48 8.67 13.90
C GLU C 352 35.35 8.10 13.03
N TYR C 353 34.28 7.63 13.67
CA TYR C 353 33.14 7.04 12.96
C TYR C 353 32.37 8.06 12.13
N LEU C 354 32.19 9.27 12.67
CA LEU C 354 31.45 10.34 11.97
C LEU C 354 32.06 10.79 10.62
N THR C 355 33.36 10.56 10.39
CA THR C 355 34.03 11.00 9.16
C THR C 355 34.01 9.93 8.07
N GLU C 363 19.63 4.60 2.74
CA GLU C 363 19.49 3.33 2.01
C GLU C 363 18.08 3.17 1.46
N SER C 364 17.08 3.19 2.37
CA SER C 364 15.66 2.93 2.04
C SER C 364 15.49 1.46 1.61
N VAL C 365 15.06 0.62 2.55
CA VAL C 365 15.13 -0.84 2.37
C VAL C 365 13.76 -1.46 2.06
N GLU C 366 13.74 -2.35 1.07
CA GLU C 366 12.51 -3.02 0.65
C GLU C 366 12.19 -4.13 1.63
N CYS C 367 10.92 -4.27 1.98
CA CYS C 367 10.49 -5.32 2.90
C CYS C 367 10.50 -6.69 2.22
N PRO C 368 10.55 -7.78 3.02
CA PRO C 368 10.62 -9.12 2.41
C PRO C 368 9.36 -9.46 1.60
N HIS C 369 9.53 -10.26 0.55
CA HIS C 369 8.40 -10.66 -0.28
C HIS C 369 7.55 -11.68 0.45
N ILE C 370 6.23 -11.55 0.28
CA ILE C 370 5.27 -12.41 0.94
C ILE C 370 5.20 -13.76 0.22
N ALA C 371 5.16 -14.84 1.00
CA ALA C 371 4.94 -16.17 0.44
C ALA C 371 4.41 -17.09 1.54
N VAL C 372 3.47 -17.95 1.17
CA VAL C 372 2.69 -18.74 2.13
C VAL C 372 3.60 -19.71 2.86
N GLY C 373 3.49 -19.75 4.18
CA GLY C 373 4.36 -20.55 5.02
C GLY C 373 5.82 -20.16 5.08
N VAL C 374 6.16 -18.95 4.65
CA VAL C 374 7.54 -18.47 4.72
C VAL C 374 7.59 -17.07 5.29
N TRP C 375 6.95 -16.10 4.62
CA TRP C 375 6.83 -14.75 5.14
C TRP C 375 5.45 -14.22 4.81
N GLU C 376 4.69 -13.83 5.84
CA GLU C 376 3.29 -13.43 5.69
CA GLU C 376 3.28 -13.45 5.71
C GLU C 376 2.97 -12.14 6.46
N ALA C 377 3.97 -11.28 6.64
CA ALA C 377 3.79 -10.05 7.38
C ALA C 377 3.46 -8.95 6.38
N ASN C 378 2.24 -8.42 6.44
CA ASN C 378 1.87 -7.26 5.63
C ASN C 378 2.69 -6.03 6.00
N GLU C 379 3.00 -5.20 5.01
CA GLU C 379 3.68 -3.92 5.24
C GLU C 379 2.74 -2.88 5.86
N LYS C 380 1.44 -3.06 5.70
CA LYS C 380 0.48 -2.19 6.38
C LYS C 380 0.40 -2.54 7.87
N LEU C 381 0.69 -1.54 8.72
CA LEU C 381 0.69 -1.74 10.17
C LEU C 381 -0.63 -1.29 10.79
N PRO C 382 -1.04 -1.92 11.91
CA PRO C 382 -2.19 -1.38 12.64
C PRO C 382 -1.92 0.02 13.18
N GLU C 383 -2.98 0.78 13.42
CA GLU C 383 -2.80 2.16 13.84
C GLU C 383 -2.50 2.25 15.33
N THR C 384 -2.08 3.44 15.73
CA THR C 384 -1.76 3.75 17.09
C THR C 384 -3.01 3.58 17.94
N PRO C 385 -2.95 2.70 18.96
CA PRO C 385 -4.14 2.53 19.80
C PRO C 385 -4.62 3.85 20.42
N ASP C 386 -5.94 4.03 20.45
CA ASP C 386 -6.58 5.30 20.78
C ASP C 386 -7.33 5.09 22.10
N ARG C 387 -6.69 5.46 23.20
CA ARG C 387 -7.29 5.28 24.54
C ARG C 387 -8.59 6.05 24.72
N SER C 388 -8.62 7.29 24.21
CA SER C 388 -9.80 8.16 24.33
C SER C 388 -11.01 7.60 23.59
N LYS C 389 -10.80 7.20 22.34
CA LYS C 389 -11.84 6.53 21.55
C LYS C 389 -12.35 5.28 22.26
N CYS C 390 -11.45 4.42 22.69
CA CYS C 390 -11.84 3.18 23.38
C CYS C 390 -12.46 3.45 24.76
N ALA C 391 -12.02 4.50 25.46
CA ALA C 391 -12.64 4.88 26.74
C ALA C 391 -14.10 5.29 26.58
N CYS C 392 -14.46 5.86 25.43
CA CYS C 392 -15.86 6.19 25.12
C CYS C 392 -16.80 5.00 25.10
N LEU C 393 -16.30 3.84 24.70
CA LEU C 393 -17.08 2.60 24.75
C LEU C 393 -17.51 2.28 26.18
N ASP C 394 -16.63 2.54 27.15
CA ASP C 394 -16.97 2.34 28.57
C ASP C 394 -18.17 3.21 28.98
N GLU C 395 -18.25 4.42 28.43
CA GLU C 395 -19.33 5.37 28.73
C GLU C 395 -20.64 5.11 27.98
N ILE C 396 -20.57 4.78 26.69
CA ILE C 396 -21.80 4.75 25.84
C ILE C 396 -22.44 3.37 25.64
N LEU C 397 -21.68 2.29 25.80
CA LEU C 397 -22.22 0.95 25.50
C LEU C 397 -23.25 0.51 26.54
N PRO C 398 -24.44 0.05 26.11
CA PRO C 398 -25.45 -0.40 27.06
C PRO C 398 -25.11 -1.71 27.80
N CYS C 399 -24.32 -2.58 27.17
CA CYS C 399 -23.97 -3.89 27.74
C CYS C 399 -22.46 -4.03 27.89
N GLU C 400 -22.01 -4.15 29.13
CA GLU C 400 -20.60 -4.21 29.47
C GLU C 400 -20.29 -5.55 30.13
N ILE C 401 -19.02 -5.90 30.11
CA ILE C 401 -18.57 -7.11 30.76
C ILE C 401 -17.21 -6.87 31.43
N VAL C 402 -17.10 -7.29 32.69
CA VAL C 402 -15.88 -7.09 33.47
C VAL C 402 -14.89 -8.19 33.01
N PRO C 403 -13.58 -7.89 33.03
CA PRO C 403 -12.60 -8.81 32.42
C PRO C 403 -12.56 -10.24 33.01
N PHE C 404 -12.10 -11.18 32.18
CA PHE C 404 -11.55 -12.46 32.66
C PHE C 404 -12.59 -13.29 33.40
N GLU C 407 -12.54 -18.56 32.76
CA GLU C 407 -11.30 -18.87 32.07
C GLU C 407 -10.86 -17.74 31.14
N SER C 408 -9.65 -17.86 30.61
CA SER C 408 -9.22 -17.10 29.43
C SER C 408 -9.98 -17.58 28.18
N GLY C 409 -10.41 -18.84 28.19
CA GLY C 409 -11.29 -19.42 27.18
C GLY C 409 -12.76 -18.97 27.15
N LYS C 410 -13.19 -18.12 28.09
CA LYS C 410 -14.51 -17.48 27.99
C LYS C 410 -14.57 -16.50 26.80
N TYR C 411 -13.45 -15.82 26.52
CA TYR C 411 -13.36 -14.85 25.42
C TYR C 411 -13.58 -15.52 24.07
N GLU C 412 -12.81 -16.58 23.82
CA GLU C 412 -12.95 -17.38 22.58
C GLU C 412 -14.36 -17.94 22.42
N GLU C 413 -14.92 -18.51 23.49
CA GLU C 413 -16.31 -19.01 23.46
C GLU C 413 -17.34 -17.91 23.18
N TYR C 414 -17.15 -16.74 23.78
CA TYR C 414 -18.11 -15.63 23.70
C TYR C 414 -18.00 -14.85 22.39
N PHE C 415 -16.76 -14.63 21.92
CA PHE C 415 -16.56 -14.09 20.58
C PHE C 415 -17.15 -15.02 19.53
N SER C 416 -16.88 -16.32 19.64
CA SER C 416 -17.48 -17.30 18.72
C SER C 416 -19.00 -17.19 18.70
N TYR C 417 -19.61 -17.12 19.89
CA TYR C 417 -21.05 -17.02 19.99
C TYR C 417 -21.56 -15.67 19.46
N LEU C 418 -20.98 -14.56 19.93
CA LEU C 418 -21.48 -13.24 19.56
C LEU C 418 -21.22 -12.88 18.08
N CYS C 419 -20.06 -13.28 17.57
CA CYS C 419 -19.73 -13.05 16.15
C CYS C 419 -20.50 -13.93 15.17
N SER C 420 -21.19 -14.97 15.66
CA SER C 420 -22.15 -15.71 14.84
C SER C 420 -23.47 -14.95 14.69
N LYS C 421 -23.73 -13.98 15.57
CA LYS C 421 -24.99 -13.20 15.57
C LYS C 421 -24.87 -11.81 14.99
N VAL C 422 -23.71 -11.18 15.13
CA VAL C 422 -23.46 -9.84 14.58
C VAL C 422 -22.14 -9.82 13.82
N ASP C 423 -21.86 -8.69 13.18
CA ASP C 423 -20.68 -8.51 12.33
C ASP C 423 -19.53 -8.03 13.18
N CYS C 424 -18.50 -8.88 13.31
CA CYS C 424 -17.30 -8.60 14.12
C CYS C 424 -16.10 -8.01 13.35
N SER C 425 -16.32 -7.62 12.08
CA SER C 425 -15.29 -6.99 11.27
C SER C 425 -14.62 -5.81 11.97
N ASP C 426 -15.42 -5.03 12.71
CA ASP C 426 -14.92 -3.85 13.40
C ASP C 426 -13.92 -4.11 14.53
N ILE C 427 -13.78 -5.36 14.96
CA ILE C 427 -12.77 -5.73 15.98
C ILE C 427 -11.67 -6.68 15.50
N LEU C 428 -11.76 -7.17 14.27
CA LEU C 428 -10.77 -8.12 13.76
C LEU C 428 -9.49 -7.39 13.37
N ALA C 429 -8.38 -8.09 13.55
CA ALA C 429 -7.07 -7.61 13.19
C ALA C 429 -6.39 -8.76 12.48
N ASN C 430 -5.92 -8.51 11.25
CA ASN C 430 -5.26 -9.56 10.48
C ASN C 430 -3.94 -9.02 9.91
N GLY C 431 -2.83 -9.52 10.45
CA GLY C 431 -1.50 -9.08 10.08
C GLY C 431 -0.99 -9.54 8.73
N LYS C 432 -1.66 -10.53 8.14
CA LYS C 432 -1.33 -11.02 6.80
C LYS C 432 -1.97 -10.17 5.71
N THR C 433 -3.26 -9.89 5.87
CA THR C 433 -4.03 -9.17 4.87
C THR C 433 -3.95 -7.66 5.06
N GLY C 434 -3.56 -7.23 6.26
CA GLY C 434 -3.52 -5.82 6.62
C GLY C 434 -4.88 -5.19 6.87
N GLU C 435 -5.88 -6.00 7.22
CA GLU C 435 -7.21 -5.47 7.62
CA GLU C 435 -7.21 -5.50 7.63
C GLU C 435 -7.25 -5.33 9.14
N TYR C 436 -7.50 -4.12 9.60
CA TYR C 436 -7.59 -3.81 11.02
C TYR C 436 -8.87 -3.04 11.23
N GLY C 437 -9.83 -3.66 11.91
CA GLY C 437 -11.12 -3.03 12.20
C GLY C 437 -11.01 -1.74 12.98
N GLU C 438 -12.07 -0.93 12.94
CA GLU C 438 -12.04 0.40 13.54
C GLU C 438 -11.88 0.37 15.06
N PHE C 439 -12.38 -0.68 15.72
CA PHE C 439 -12.18 -0.84 17.17
C PHE C 439 -11.23 -1.99 17.53
N SER C 440 -10.37 -2.37 16.58
CA SER C 440 -9.44 -3.49 16.76
C SER C 440 -8.30 -3.15 17.71
N ASP C 441 -8.09 -1.86 17.95
CA ASP C 441 -7.14 -1.36 18.94
C ASP C 441 -7.69 -1.27 20.38
N CYS C 442 -8.96 -1.62 20.59
CA CYS C 442 -9.52 -1.56 21.94
C CYS C 442 -9.21 -2.83 22.73
N SER C 443 -9.43 -2.79 24.03
CA SER C 443 -9.10 -3.91 24.91
C SER C 443 -10.06 -5.06 24.61
N VAL C 444 -9.67 -6.26 25.00
CA VAL C 444 -10.50 -7.45 24.73
CA VAL C 444 -10.49 -7.44 24.72
C VAL C 444 -11.90 -7.30 25.33
N GLU C 445 -11.99 -6.76 26.55
CA GLU C 445 -13.32 -6.56 27.22
C GLU C 445 -14.20 -5.54 26.49
N GLN C 446 -13.59 -4.43 26.10
CA GLN C 446 -14.27 -3.41 25.29
C GLN C 446 -14.79 -3.99 23.97
N LYS C 447 -13.96 -4.80 23.30
CA LYS C 447 -14.36 -5.43 22.03
C LYS C 447 -15.53 -6.40 22.23
N LEU C 448 -15.49 -7.18 23.30
CA LEU C 448 -16.57 -8.14 23.61
C LEU C 448 -17.85 -7.38 23.97
N SER C 449 -17.70 -6.36 24.82
CA SER C 449 -18.80 -5.47 25.20
C SER C 449 -19.47 -4.82 24.00
N LEU C 450 -18.67 -4.40 23.03
CA LEU C 450 -19.19 -3.78 21.80
C LEU C 450 -20.07 -4.73 21.02
N GLN C 451 -19.65 -5.99 20.91
CA GLN C 451 -20.42 -7.00 20.16
C GLN C 451 -21.69 -7.42 20.91
N LEU C 452 -21.58 -7.58 22.23
CA LEU C 452 -22.75 -7.86 23.07
C LEU C 452 -23.79 -6.73 22.98
N SER C 453 -23.30 -5.48 23.00
CA SER C 453 -24.18 -4.32 22.87
C SER C 453 -24.90 -4.29 21.53
N LYS C 454 -24.18 -4.63 20.46
CA LYS C 454 -24.79 -4.73 19.14
C LYS C 454 -25.91 -5.75 19.10
N LEU C 455 -25.69 -6.92 19.70
CA LEU C 455 -26.72 -7.95 19.75
C LEU C 455 -27.96 -7.40 20.46
N TYR C 456 -27.75 -6.84 21.65
CA TYR C 456 -28.81 -6.20 22.45
C TYR C 456 -29.64 -5.23 21.63
N CYS C 457 -28.96 -4.32 20.93
CA CYS C 457 -29.65 -3.35 20.05
C CYS C 457 -30.29 -3.98 18.83
N LYS C 458 -29.63 -4.98 18.24
CA LYS C 458 -30.19 -5.74 17.11
C LYS C 458 -31.47 -6.48 17.51
N ILE C 459 -31.49 -7.05 18.72
CA ILE C 459 -32.72 -7.62 19.29
C ILE C 459 -33.72 -6.49 19.55
N GLY C 460 -33.36 -5.59 20.46
CA GLY C 460 -34.16 -4.40 20.75
C GLY C 460 -35.40 -4.68 21.58
N ALA C 461 -35.23 -5.41 22.68
CA ALA C 461 -36.30 -5.62 23.65
C ALA C 461 -36.19 -4.61 24.80
N ASN C 462 -35.60 -3.44 24.53
CA ASN C 462 -35.04 -2.53 25.55
C ASN C 462 -35.53 -2.74 26.98
N ASP C 463 -34.99 -3.78 27.60
CA ASP C 463 -35.36 -4.23 28.94
C ASP C 463 -34.15 -4.32 29.90
N ARG C 464 -33.00 -3.80 29.46
CA ARG C 464 -31.74 -3.86 30.23
C ARG C 464 -31.25 -5.29 30.55
N HIS C 465 -31.67 -6.26 29.72
CA HIS C 465 -31.21 -7.64 29.85
C HIS C 465 -30.25 -7.90 28.70
N CYS C 466 -28.98 -8.11 29.06
CA CYS C 466 -27.91 -8.21 28.07
C CYS C 466 -27.79 -9.67 27.60
N PRO C 467 -27.88 -9.91 26.28
CA PRO C 467 -28.11 -11.27 25.76
C PRO C 467 -26.91 -12.25 25.85
N LEU C 468 -26.37 -12.43 27.05
CA LEU C 468 -25.33 -13.41 27.35
C LEU C 468 -25.42 -13.70 28.85
N ASN C 469 -25.85 -14.93 29.20
CA ASN C 469 -26.00 -15.33 30.61
C ASN C 469 -24.63 -15.65 31.24
N ASP C 470 -24.05 -14.65 31.90
CA ASP C 470 -22.76 -14.79 32.59
C ASP C 470 -22.68 -13.71 33.67
N LYS C 471 -22.31 -14.12 34.88
CA LYS C 471 -22.03 -13.22 36.03
C LYS C 471 -21.25 -11.92 35.72
N ASN C 472 -20.29 -11.96 34.80
CA ASN C 472 -19.51 -10.77 34.44
C ASN C 472 -20.23 -9.75 33.56
N VAL C 473 -21.36 -10.13 32.97
CA VAL C 473 -22.16 -9.26 32.12
C VAL C 473 -23.03 -8.37 33.00
N TYR C 474 -23.12 -7.08 32.64
CA TYR C 474 -24.02 -6.15 33.32
C TYR C 474 -24.49 -5.01 32.41
N PHE C 475 -25.69 -4.51 32.66
CA PHE C 475 -26.18 -3.32 31.97
C PHE C 475 -25.47 -2.07 32.49
N ASN C 476 -25.02 -1.23 31.57
CA ASN C 476 -24.25 -0.03 31.88
C ASN C 476 -25.16 1.18 32.04
N LEU C 477 -25.39 1.59 33.28
CA LEU C 477 -26.28 2.70 33.59
C LEU C 477 -25.77 4.05 33.06
N GLU C 478 -24.44 4.20 32.96
CA GLU C 478 -23.85 5.40 32.33
C GLU C 478 -24.28 5.60 30.87
N SER C 479 -24.60 4.52 30.17
CA SER C 479 -25.10 4.58 28.79
C SER C 479 -26.42 5.36 28.65
N LEU C 480 -27.22 5.37 29.71
CA LEU C 480 -28.50 6.09 29.71
C LEU C 480 -28.34 7.60 29.81
N GLN C 481 -27.19 8.08 30.30
CA GLN C 481 -26.97 9.51 30.52
C GLN C 481 -26.59 10.20 29.19
N PRO C 482 -26.74 11.54 29.12
CA PRO C 482 -26.46 12.23 27.85
C PRO C 482 -24.96 12.46 27.62
N CYS C 489 -18.75 11.21 25.11
CA CYS C 489 -17.57 11.77 24.44
C CYS C 489 -17.74 12.00 22.93
N LYS C 490 -18.57 11.15 22.30
CA LYS C 490 -18.88 11.09 20.85
C LYS C 490 -18.97 9.57 20.51
N ASN C 491 -18.13 9.04 19.60
CA ASN C 491 -18.17 7.63 19.13
C ASN C 491 -19.48 7.02 18.59
N VAL C 492 -20.65 7.58 18.89
CA VAL C 492 -21.93 6.88 18.68
C VAL C 492 -22.22 6.71 17.19
N PHE C 493 -22.30 5.45 16.76
CA PHE C 493 -22.86 5.07 15.46
C PHE C 493 -22.91 3.54 15.37
#